data_5Z16
#
_entry.id   5Z16
#
_cell.length_a   137.161
_cell.length_b   137.161
_cell.length_c   238.132
_cell.angle_alpha   90.00
_cell.angle_beta   90.00
_cell.angle_gamma   90.00
#
_symmetry.space_group_name_H-M   'P 42 2 2'
#
loop_
_entity.id
_entity.type
_entity.pdbx_description
1 polymer 'Isocitrate dehydrogenase'
2 non-polymer 'PHOSPHATE ION'
3 non-polymer 'MAGNESIUM ION'
4 water water
#
_entity_poly.entity_id   1
_entity_poly.type   'polypeptide(L)'
_entity_poly.pdbx_seq_one_letter_code
;HHHHHHMAGEKSTIIYTLTDEAPLLATYSLLPIIETFTKPAGIEIVKSDISVAARVLAEFADYLSEEQKVSDNLAELGRL
TQDPDTNIIKLPNISASVAQLTACIKELQSKGYAIPDYPENPATEEEKTIKARYGKCLGSAVNPVLREGNSDRRAPAAVK
NYAKKHPHSMSEWKQWSQTHVSHMEEGDFYHGEKSMTLDRPRNVKMELITNSGKSIVLKPKVALQEGEIIDSMFMSKKAL
CDFYEKQLDDCREAGILFSLHVKATMMKVSHPIVFGHCVKIYYKEAFEKHGKLFDELGINVNNGMAGLYEKIETLPTSLR
EEIIEDLHACQEHRPALAMVDSAKGITNFHSPNDIIVDASMPAMIRAGGKMWGADGKQYDAKAVMPESTFARIYQEMINF
CKWHGNFDPKTMGTVPNVGLMAQKAEEYGSHDKTFEIPEAGIANITDLDTGEVLLTQNVEEGDIWRMCQVKDAPIRDWVK
LAVTRARNSGMPAIFWLDPYRPHENELIKKVQKYLKDHDTTGLDIQIMSQVRAMRYTLERVVRGLDTISVTGNILRDYLT
DLFPIMELGTSAKMLSIVPLMAGGGMYETGAGGSAPKHVQQLVEENHLRWDSLGEFLALAVSLEEMGIKENNARTKLLAK
TLDEATGKLLDNDKSPSRRTGELDNRGSHFYLSLYWAEALAAQNEDAELKAKFAPLAKALAENEQKIVAELAQVQGKPAD
IGGYYAVDPAKVSAVMRPSATFNAALSTVQA
;
_entity_poly.pdbx_strand_id   A,B
#
loop_
_chem_comp.id
_chem_comp.type
_chem_comp.name
_chem_comp.formula
MG non-polymer 'MAGNESIUM ION' 'Mg 2'
PO4 non-polymer 'PHOSPHATE ION' 'O4 P -3'
#
# COMPACT_ATOMS: atom_id res chain seq x y z
N LYS A 11 -8.97 49.37 -21.22
CA LYS A 11 -8.02 48.25 -21.28
C LYS A 11 -8.31 47.20 -20.20
N SER A 12 -7.88 45.97 -20.45
CA SER A 12 -7.85 44.94 -19.43
C SER A 12 -6.41 44.91 -18.91
N THR A 13 -6.25 45.03 -17.60
CA THR A 13 -5.01 45.47 -16.97
C THR A 13 -4.34 44.39 -16.08
N ILE A 14 -3.05 44.55 -15.80
CA ILE A 14 -2.29 43.67 -14.91
C ILE A 14 -1.46 44.46 -13.88
N ILE A 15 -1.82 44.37 -12.60
CA ILE A 15 -1.08 45.09 -11.54
C ILE A 15 0.21 44.36 -11.19
N TYR A 16 1.24 45.13 -10.83
CA TYR A 16 2.55 44.58 -10.52
C TYR A 16 3.10 45.20 -9.23
N THR A 17 3.67 44.36 -8.36
CA THR A 17 4.06 44.81 -7.03
C THR A 17 5.53 45.14 -6.90
N LEU A 18 5.82 46.35 -6.46
CA LEU A 18 7.19 46.71 -6.13
C LEU A 18 7.40 46.54 -4.63
N THR A 19 8.28 45.61 -4.29
CA THR A 19 8.43 45.15 -2.92
C THR A 19 9.65 45.73 -2.21
N ASP A 20 10.46 44.83 -1.67
CA ASP A 20 11.63 45.19 -0.88
C ASP A 20 12.89 44.54 -1.43
N GLU A 21 14.03 45.11 -1.07
CA GLU A 21 15.35 44.50 -1.31
C GLU A 21 15.53 43.93 -2.72
N ALA A 22 16.21 42.80 -2.80
CA ALA A 22 16.63 42.25 -4.09
C ALA A 22 15.47 41.98 -5.04
N PRO A 23 14.32 41.45 -4.53
CA PRO A 23 13.16 41.43 -5.42
C PRO A 23 12.79 42.80 -5.99
N LEU A 24 12.76 43.84 -5.15
CA LEU A 24 12.43 45.18 -5.61
C LEU A 24 13.38 45.61 -6.71
N LEU A 25 14.67 45.35 -6.51
CA LEU A 25 15.69 45.73 -7.47
C LEU A 25 15.47 45.10 -8.84
N ALA A 26 15.44 43.77 -8.87
CA ALA A 26 15.35 43.00 -10.09
C ALA A 26 14.15 43.37 -10.97
N THR A 27 13.20 44.09 -10.35
CA THR A 27 11.95 44.43 -11.02
C THR A 27 11.92 45.84 -11.59
N TYR A 28 12.83 46.71 -11.16
CA TYR A 28 13.02 48.01 -11.83
C TYR A 28 13.74 47.75 -13.14
N SER A 29 14.31 46.55 -13.26
CA SER A 29 15.07 46.15 -14.44
C SER A 29 14.20 45.51 -15.54
N LEU A 30 13.35 44.57 -15.15
CA LEU A 30 12.60 43.79 -16.14
C LEU A 30 11.17 44.30 -16.30
N LEU A 31 10.77 45.31 -15.55
CA LEU A 31 9.44 45.82 -15.80
C LEU A 31 9.35 46.55 -17.16
N PRO A 32 10.28 47.46 -17.48
CA PRO A 32 10.08 48.17 -18.75
C PRO A 32 10.27 47.27 -19.98
N ILE A 33 10.78 46.06 -19.76
CA ILE A 33 10.97 45.10 -20.83
C ILE A 33 9.72 44.22 -20.92
N ILE A 34 8.86 44.35 -19.92
CA ILE A 34 7.45 44.10 -20.16
C ILE A 34 6.97 45.43 -20.76
N GLU A 35 5.71 45.80 -20.59
CA GLU A 35 5.17 46.94 -21.35
C GLU A 35 5.37 46.75 -22.86
N THR A 36 6.65 46.56 -23.26
CA THR A 36 7.04 46.30 -24.64
C THR A 36 6.24 45.18 -25.31
N PHE A 37 6.41 43.93 -24.83
CA PHE A 37 5.73 42.81 -25.47
C PHE A 37 4.23 42.76 -25.13
N THR A 38 3.75 43.65 -24.27
CA THR A 38 2.34 43.61 -23.86
C THR A 38 1.48 44.78 -24.38
N LYS A 39 2.12 45.87 -24.80
CA LYS A 39 1.41 46.96 -25.47
C LYS A 39 0.65 46.54 -26.74
N PRO A 40 1.23 45.64 -27.58
CA PRO A 40 0.47 45.15 -28.75
C PRO A 40 -0.67 44.20 -28.41
N ALA A 41 -0.75 43.79 -27.15
CA ALA A 41 -1.74 42.84 -26.66
C ALA A 41 -2.91 43.55 -26.00
N GLY A 42 -2.84 44.88 -25.95
CA GLY A 42 -3.84 45.68 -25.28
C GLY A 42 -3.75 45.49 -23.78
N ILE A 43 -2.53 45.63 -23.25
CA ILE A 43 -2.27 45.40 -21.84
C ILE A 43 -1.49 46.54 -21.18
N GLU A 44 -2.10 47.10 -20.15
CA GLU A 44 -1.54 48.18 -19.36
C GLU A 44 -0.74 47.55 -18.21
N ILE A 45 0.18 48.30 -17.58
CA ILE A 45 0.86 47.78 -16.37
C ILE A 45 1.01 48.84 -15.27
N VAL A 46 -0.02 48.96 -14.42
CA VAL A 46 0.03 49.86 -13.27
C VAL A 46 1.02 49.26 -12.27
N LYS A 47 1.68 50.11 -11.50
CA LYS A 47 2.61 49.70 -10.44
C LYS A 47 1.89 49.68 -9.10
N SER A 48 2.44 48.97 -8.13
CA SER A 48 1.94 49.08 -6.77
C SER A 48 3.06 48.84 -5.76
N ASP A 49 3.41 49.92 -5.06
CA ASP A 49 4.49 49.89 -4.08
C ASP A 49 3.93 49.49 -2.73
N ILE A 50 4.16 48.24 -2.34
CA ILE A 50 3.76 47.82 -1.01
C ILE A 50 4.96 47.35 -0.20
N SER A 51 6.09 48.01 -0.42
CA SER A 51 7.32 47.77 0.33
C SER A 51 7.11 47.99 1.83
N VAL A 52 8.03 47.48 2.64
CA VAL A 52 8.01 47.77 4.07
C VAL A 52 8.01 49.28 4.25
N ALA A 53 8.81 49.93 3.42
CA ALA A 53 9.01 51.37 3.48
C ALA A 53 7.77 52.16 3.08
N ALA A 54 7.06 51.69 2.06
CA ALA A 54 5.90 52.42 1.56
C ALA A 54 4.65 52.22 2.44
N ARG A 55 4.63 51.12 3.21
CA ARG A 55 3.46 50.76 4.00
C ARG A 55 3.38 51.53 5.32
N VAL A 56 4.54 51.95 5.85
CA VAL A 56 4.58 52.77 7.05
C VAL A 56 4.15 54.20 6.72
N LEU A 57 4.40 54.59 5.48
CA LEU A 57 4.08 55.94 5.00
C LEU A 57 2.58 56.20 4.90
N ALA A 58 1.82 55.17 4.56
CA ALA A 58 0.37 55.26 4.56
C ALA A 58 -0.15 55.08 5.98
N GLU A 59 0.54 54.24 6.74
CA GLU A 59 0.15 53.96 8.12
C GLU A 59 0.16 55.23 8.97
N PHE A 60 1.28 55.94 8.87
CA PHE A 60 1.61 57.05 9.76
C PHE A 60 1.49 58.43 9.16
N ALA A 61 0.66 58.57 8.12
CA ALA A 61 0.68 59.78 7.27
C ALA A 61 0.30 61.10 7.97
N ASP A 62 -0.14 61.04 9.22
CA ASP A 62 -0.53 62.26 9.93
C ASP A 62 0.68 63.16 10.20
N TYR A 63 1.88 62.62 10.01
CA TYR A 63 3.10 63.32 10.41
C TYR A 63 3.92 63.80 9.21
N LEU A 64 3.29 63.93 8.05
CA LEU A 64 3.97 64.41 6.83
C LEU A 64 3.21 65.52 6.09
N SER A 65 3.93 66.28 5.27
CA SER A 65 3.32 67.27 4.38
C SER A 65 2.72 66.57 3.15
N GLU A 66 2.17 67.35 2.20
CA GLU A 66 1.25 66.77 1.19
C GLU A 66 1.77 66.59 -0.25
N GLU A 67 3.08 66.69 -0.46
CA GLU A 67 3.72 66.10 -1.64
C GLU A 67 4.57 64.97 -1.09
N GLN A 68 4.61 64.94 0.23
CA GLN A 68 5.27 63.91 1.01
C GLN A 68 4.28 62.77 1.30
N LYS A 69 3.07 62.87 0.75
CA LYS A 69 1.96 61.97 1.09
C LYS A 69 1.70 60.91 -0.01
N VAL A 70 1.35 59.69 0.40
CA VAL A 70 1.22 58.54 -0.51
C VAL A 70 -0.13 57.84 -0.48
N SER A 71 -0.46 57.18 -1.59
CA SER A 71 -1.63 56.32 -1.65
C SER A 71 -1.36 55.08 -0.80
N ASP A 72 -2.32 54.66 0.00
CA ASP A 72 -2.19 53.41 0.75
C ASP A 72 -2.33 52.25 -0.21
N ASN A 73 -1.21 51.78 -0.73
CA ASN A 73 -1.19 50.81 -1.81
C ASN A 73 -1.59 49.40 -1.39
N LEU A 74 -1.45 49.08 -0.11
CA LEU A 74 -1.86 47.77 0.37
C LEU A 74 -3.37 47.71 0.43
N ALA A 75 -3.97 48.73 1.05
CA ALA A 75 -5.41 48.80 1.23
C ALA A 75 -6.17 48.88 -0.09
N GLU A 76 -5.54 49.45 -1.10
CA GLU A 76 -6.17 49.55 -2.42
C GLU A 76 -6.32 48.16 -2.99
N LEU A 77 -5.29 47.33 -2.81
CA LEU A 77 -5.34 45.94 -3.29
C LEU A 77 -6.34 45.14 -2.47
N GLY A 78 -6.55 45.56 -1.21
CA GLY A 78 -7.58 44.98 -0.38
C GLY A 78 -8.92 45.06 -1.06
N ARG A 79 -9.25 46.23 -1.61
CA ARG A 79 -10.51 46.47 -2.30
C ARG A 79 -10.58 45.72 -3.63
N LEU A 80 -9.42 45.56 -4.25
CA LEU A 80 -9.32 45.02 -5.62
C LEU A 80 -9.64 43.53 -5.70
N THR A 81 -9.54 42.84 -4.57
CA THR A 81 -9.83 41.42 -4.52
C THR A 81 -11.27 41.10 -4.97
N GLN A 82 -12.15 42.11 -4.95
CA GLN A 82 -13.55 41.91 -5.35
C GLN A 82 -13.88 42.50 -6.72
N ASP A 83 -12.87 42.79 -7.52
CA ASP A 83 -13.11 43.14 -8.92
C ASP A 83 -12.81 41.91 -9.78
N PRO A 84 -13.86 41.40 -10.47
CA PRO A 84 -13.90 40.10 -11.13
C PRO A 84 -12.80 39.89 -12.17
N ASP A 85 -12.14 40.97 -12.58
CA ASP A 85 -11.16 40.84 -13.64
C ASP A 85 -9.72 41.11 -13.19
N THR A 86 -9.52 41.56 -11.95
CA THR A 86 -8.18 41.96 -11.49
C THR A 86 -7.15 40.85 -11.70
N ASN A 87 -5.90 41.28 -11.81
CA ASN A 87 -4.79 40.43 -12.24
C ASN A 87 -3.55 40.94 -11.54
N ILE A 88 -2.97 40.13 -10.67
CA ILE A 88 -1.88 40.58 -9.81
C ILE A 88 -0.69 39.62 -9.78
N ILE A 89 0.50 40.18 -9.90
CA ILE A 89 1.72 39.40 -9.79
C ILE A 89 2.45 39.83 -8.53
N LYS A 90 2.36 39.01 -7.49
CA LYS A 90 3.03 39.31 -6.21
C LYS A 90 4.40 38.65 -6.08
N LEU A 91 5.37 39.48 -5.68
CA LEU A 91 6.75 39.06 -5.50
C LEU A 91 7.15 39.10 -4.03
N PRO A 92 8.19 38.35 -3.65
CA PRO A 92 8.62 38.33 -2.25
C PRO A 92 8.81 39.73 -1.64
N ASN A 93 8.48 39.84 -0.37
CA ASN A 93 8.61 41.08 0.36
C ASN A 93 8.96 40.76 1.80
N ILE A 94 9.61 41.68 2.50
CA ILE A 94 10.00 41.38 3.87
C ILE A 94 8.81 41.42 4.81
N SER A 95 8.66 40.33 5.56
CA SER A 95 7.83 40.34 6.75
C SER A 95 8.62 41.13 7.76
N ALA A 96 8.26 42.40 7.93
CA ALA A 96 9.09 43.31 8.72
C ALA A 96 9.20 42.85 10.15
N SER A 97 10.25 43.32 10.82
CA SER A 97 10.66 42.69 12.06
C SER A 97 11.11 43.63 13.17
N VAL A 98 11.69 43.01 14.19
CA VAL A 98 12.30 43.68 15.32
C VAL A 98 13.05 44.93 14.89
N ALA A 99 14.22 44.73 14.28
CA ALA A 99 15.20 45.79 14.09
C ALA A 99 15.21 46.24 12.65
N GLN A 100 14.38 45.60 11.84
CA GLN A 100 14.40 45.81 10.41
C GLN A 100 13.29 46.77 10.05
N LEU A 101 12.41 47.02 11.02
CA LEU A 101 11.55 48.18 10.97
C LEU A 101 12.27 49.39 11.58
N THR A 102 13.21 49.17 12.50
CA THR A 102 13.93 50.30 13.12
C THR A 102 15.07 50.81 12.21
N ALA A 103 15.78 49.90 11.57
CA ALA A 103 16.72 50.27 10.51
C ALA A 103 15.96 50.95 9.38
N CYS A 104 14.65 50.67 9.34
CA CYS A 104 13.75 51.27 8.39
C CYS A 104 12.56 51.99 9.08
N ILE A 105 12.93 52.56 10.20
CA ILE A 105 12.19 53.56 10.93
C ILE A 105 13.33 54.64 10.99
N LYS A 106 13.98 54.94 9.87
CA LYS A 106 15.05 55.93 9.92
C LYS A 106 15.52 56.39 8.55
N GLU A 107 15.20 55.62 7.52
CA GLU A 107 15.61 55.95 6.18
C GLU A 107 14.72 57.03 5.55
N LEU A 108 14.30 58.01 6.34
CA LEU A 108 13.46 59.06 5.80
C LEU A 108 13.73 60.20 6.68
N GLN A 109 13.99 59.93 7.95
CA GLN A 109 14.50 60.97 8.86
C GLN A 109 15.82 61.51 8.27
N SER A 110 16.60 60.61 7.70
CA SER A 110 17.76 60.96 6.89
C SER A 110 17.35 61.59 5.56
N LYS A 111 16.15 61.26 5.07
CA LYS A 111 15.67 61.82 3.79
C LYS A 111 14.63 62.94 3.95
N GLY A 112 14.19 63.19 5.18
CA GLY A 112 13.29 64.30 5.49
C GLY A 112 11.80 64.02 5.62
N TYR A 113 11.40 63.28 6.66
CA TYR A 113 10.00 62.87 6.87
C TYR A 113 9.70 62.74 8.39
N ALA A 114 8.81 63.58 8.91
CA ALA A 114 8.65 63.79 10.36
C ALA A 114 7.95 62.67 11.15
N ILE A 115 8.61 61.52 11.28
CA ILE A 115 7.98 60.29 11.79
C ILE A 115 8.46 59.89 13.19
N PRO A 116 7.54 59.41 14.05
CA PRO A 116 7.84 58.86 15.39
C PRO A 116 9.03 57.89 15.50
N ASP A 117 9.76 57.98 16.61
CA ASP A 117 10.62 56.89 17.07
C ASP A 117 9.73 55.82 17.75
N TYR A 118 10.26 54.59 17.87
CA TYR A 118 9.54 53.47 18.50
C TYR A 118 10.39 52.64 19.46
N PRO A 119 10.69 53.20 20.63
CA PRO A 119 11.36 52.29 21.55
C PRO A 119 10.50 51.96 22.78
N GLU A 120 10.09 50.70 22.84
CA GLU A 120 9.27 50.11 23.90
C GLU A 120 9.53 50.62 25.32
N ASN A 121 8.99 49.90 26.31
CA ASN A 121 9.05 50.26 27.74
C ASN A 121 8.55 51.69 27.75
N PRO A 122 7.34 51.85 27.24
CA PRO A 122 6.79 53.19 26.99
C PRO A 122 6.11 53.95 28.16
N ALA A 123 6.18 55.28 28.18
CA ALA A 123 5.80 56.11 29.33
C ALA A 123 4.28 56.21 29.71
N THR A 124 3.60 57.32 29.38
CA THR A 124 2.13 57.50 29.56
C THR A 124 1.29 57.66 28.23
N GLU A 125 1.22 56.57 27.43
CA GLU A 125 0.19 56.24 26.37
C GLU A 125 0.08 56.78 24.88
N GLU A 126 0.86 57.74 24.36
CA GLU A 126 1.03 57.70 22.87
C GLU A 126 2.41 57.22 22.57
N GLU A 127 2.65 56.03 23.09
CA GLU A 127 3.95 55.46 23.32
C GLU A 127 3.58 54.02 23.48
N LYS A 128 2.31 53.79 23.76
CA LYS A 128 1.82 52.43 23.69
C LYS A 128 0.97 52.43 22.46
N THR A 129 0.48 53.61 22.11
CA THR A 129 -0.40 53.72 20.96
C THR A 129 0.33 53.89 19.63
N ILE A 130 1.59 54.31 19.64
CA ILE A 130 2.40 54.36 18.40
C ILE A 130 3.12 53.03 18.23
N LYS A 131 3.18 52.32 19.35
CA LYS A 131 3.67 50.98 19.48
C LYS A 131 2.76 50.01 18.83
N ALA A 132 1.59 49.87 19.45
CA ALA A 132 0.47 49.31 18.72
C ALA A 132 0.34 49.90 17.28
N ARG A 133 0.56 51.22 17.06
CA ARG A 133 0.27 51.80 15.74
C ARG A 133 1.33 51.65 14.67
N TYR A 134 2.42 50.93 14.90
CA TYR A 134 3.27 50.48 13.78
C TYR A 134 3.60 49.01 13.91
N GLY A 135 2.76 48.33 14.67
CA GLY A 135 2.78 46.90 14.67
C GLY A 135 2.09 46.48 13.40
N LYS A 136 1.43 47.46 12.79
CA LYS A 136 0.75 47.34 11.50
C LYS A 136 1.58 46.55 10.55
N CYS A 137 2.79 47.06 10.41
CA CYS A 137 3.73 46.67 9.37
C CYS A 137 4.74 45.70 9.91
N LEU A 138 4.38 44.98 10.97
CA LEU A 138 5.24 43.92 11.46
C LEU A 138 4.77 42.56 10.93
N GLY A 139 5.73 41.63 10.82
CA GLY A 139 5.45 40.28 10.35
C GLY A 139 4.84 40.20 8.97
N SER A 140 4.40 39.00 8.61
CA SER A 140 3.65 38.81 7.38
C SER A 140 2.32 39.54 7.46
N ALA A 141 2.35 40.84 7.18
CA ALA A 141 1.19 41.70 7.30
C ALA A 141 0.63 42.07 5.92
N VAL A 142 1.26 41.51 4.89
CA VAL A 142 0.87 41.84 3.52
C VAL A 142 0.24 40.63 2.81
N ASN A 143 0.61 39.42 3.21
CA ASN A 143 0.06 38.20 2.58
C ASN A 143 -1.40 37.87 2.98
N PRO A 144 -1.77 38.03 4.26
CA PRO A 144 -3.19 37.81 4.57
C PRO A 144 -4.15 38.85 3.98
N VAL A 145 -3.63 39.88 3.31
CA VAL A 145 -4.51 40.86 2.69
C VAL A 145 -4.88 40.35 1.31
N LEU A 146 -3.95 39.59 0.74
CA LEU A 146 -3.97 39.26 -0.68
C LEU A 146 -4.43 37.85 -1.01
N ARG A 147 -4.14 36.87 -0.14
CA ARG A 147 -4.55 35.49 -0.37
C ARG A 147 -6.03 35.26 -0.08
N GLU A 148 -6.86 35.72 -1.00
CA GLU A 148 -8.29 35.65 -0.85
C GLU A 148 -8.91 34.50 -1.67
N GLY A 149 -8.47 33.26 -1.40
CA GLY A 149 -9.28 32.11 -1.81
C GLY A 149 -8.68 30.84 -2.38
N ASN A 150 -7.91 30.11 -1.57
CA ASN A 150 -7.46 28.75 -1.92
C ASN A 150 -6.35 28.69 -2.98
N SER A 151 -5.72 27.52 -3.15
CA SER A 151 -4.49 27.46 -3.93
C SER A 151 -4.54 26.55 -5.17
N ASP A 152 -4.08 27.10 -6.30
CA ASP A 152 -3.82 26.37 -7.55
C ASP A 152 -2.30 26.24 -7.76
N ARG A 153 -1.72 25.10 -7.40
CA ARG A 153 -0.27 24.98 -7.41
C ARG A 153 0.21 23.80 -8.24
N ARG A 154 0.89 24.09 -9.35
CA ARG A 154 1.31 23.08 -10.32
C ARG A 154 2.67 23.41 -10.90
N ALA A 155 3.34 22.40 -11.45
CA ALA A 155 4.57 22.66 -12.19
C ALA A 155 4.25 23.24 -13.56
N PRO A 156 4.81 24.43 -13.87
CA PRO A 156 4.60 25.07 -15.18
C PRO A 156 5.35 24.31 -16.25
N ALA A 157 4.82 24.31 -17.47
CA ALA A 157 5.32 23.44 -18.54
C ALA A 157 6.84 23.58 -18.78
N ALA A 158 7.33 24.81 -18.75
CA ALA A 158 8.75 25.11 -18.94
C ALA A 158 9.67 24.35 -18.00
N VAL A 159 9.35 24.40 -16.70
CA VAL A 159 10.19 23.79 -15.68
C VAL A 159 10.14 22.27 -15.70
N LYS A 160 8.94 21.72 -15.93
CA LYS A 160 8.77 20.28 -15.93
C LYS A 160 9.58 19.63 -17.04
N ASN A 161 9.56 20.26 -18.22
CA ASN A 161 10.26 19.73 -19.38
C ASN A 161 11.77 19.77 -19.19
N TYR A 162 12.29 20.90 -18.71
CA TYR A 162 13.72 20.98 -18.39
C TYR A 162 14.15 19.88 -17.41
N ALA A 163 13.22 19.44 -16.56
CA ALA A 163 13.51 18.41 -15.57
C ALA A 163 13.74 17.06 -16.23
N LYS A 164 12.83 16.68 -17.13
CA LYS A 164 12.91 15.37 -17.78
C LYS A 164 14.14 15.32 -18.68
N LYS A 165 14.61 16.48 -19.13
CA LYS A 165 15.84 16.59 -19.93
C LYS A 165 17.10 16.65 -19.05
N HIS A 166 16.97 17.30 -17.90
CA HIS A 166 18.09 17.45 -16.97
C HIS A 166 17.72 16.98 -15.58
N PRO A 167 17.55 15.66 -15.43
CA PRO A 167 17.15 15.09 -14.14
C PRO A 167 18.17 15.38 -13.07
N HIS A 168 17.72 15.81 -11.89
CA HIS A 168 18.58 15.92 -10.72
C HIS A 168 18.82 14.56 -10.11
N SER A 169 19.49 14.53 -8.96
CA SER A 169 19.89 13.26 -8.36
C SER A 169 18.77 12.70 -7.49
N MET A 170 18.52 11.42 -7.66
CA MET A 170 17.65 10.66 -6.79
C MET A 170 18.47 9.52 -6.23
N SER A 171 18.64 9.49 -4.92
CA SER A 171 19.46 8.46 -4.32
C SER A 171 18.76 7.13 -4.40
N GLU A 172 19.52 6.05 -4.41
CA GLU A 172 18.94 4.71 -4.45
C GLU A 172 18.15 4.42 -3.19
N TRP A 173 17.06 3.67 -3.37
CA TRP A 173 16.27 3.08 -2.28
C TRP A 173 16.51 1.61 -2.24
N LYS A 174 17.22 1.10 -1.25
CA LYS A 174 17.36 -0.35 -1.17
C LYS A 174 16.02 -1.01 -0.83
N GLN A 175 15.81 -2.22 -1.35
CA GLN A 175 14.54 -2.90 -1.12
C GLN A 175 14.56 -3.45 0.31
N TRP A 176 15.66 -3.23 1.02
CA TRP A 176 15.77 -3.59 2.44
C TRP A 176 15.99 -2.40 3.36
N SER A 177 15.60 -1.20 2.94
CA SER A 177 15.74 -0.03 3.79
C SER A 177 15.00 -0.24 5.10
N GLN A 178 15.57 0.26 6.19
CA GLN A 178 14.93 0.12 7.48
C GLN A 178 14.18 1.41 7.81
N THR A 179 14.37 2.41 6.98
CA THR A 179 13.71 3.69 7.17
C THR A 179 12.18 3.57 7.21
N HIS A 180 11.53 4.30 8.13
CA HIS A 180 10.07 4.32 8.22
C HIS A 180 9.53 5.52 8.98
N VAL A 181 8.24 5.81 8.75
CA VAL A 181 7.45 6.71 9.59
C VAL A 181 6.90 6.00 10.79
N SER A 182 7.04 6.61 11.96
CA SER A 182 6.45 6.11 13.20
C SER A 182 5.45 7.11 13.78
N HIS A 183 4.16 6.78 13.74
CA HIS A 183 3.15 7.64 14.34
C HIS A 183 2.32 6.88 15.36
N MET A 184 1.63 7.65 16.20
CA MET A 184 0.69 7.13 17.19
C MET A 184 -0.50 6.37 16.58
N GLU A 185 -0.83 5.23 17.16
CA GLU A 185 -1.97 4.43 16.70
C GLU A 185 -3.23 4.68 17.53
N GLU A 186 -3.08 5.34 18.68
CA GLU A 186 -4.20 5.66 19.58
C GLU A 186 -3.82 6.86 20.42
N GLY A 187 -4.79 7.59 20.94
CA GLY A 187 -4.45 8.69 21.84
C GLY A 187 -4.14 10.00 21.17
N ASP A 188 -3.99 9.96 19.86
CA ASP A 188 -3.55 11.14 19.09
C ASP A 188 -4.76 11.86 18.49
N PHE A 189 -4.61 13.14 18.14
CA PHE A 189 -5.71 13.93 17.59
C PHE A 189 -6.65 13.12 16.69
N TYR A 190 -6.09 12.50 15.65
CA TYR A 190 -6.87 11.70 14.70
C TYR A 190 -7.72 10.67 15.39
N HIS A 191 -7.07 9.75 16.09
CA HIS A 191 -7.78 8.57 16.60
C HIS A 191 -8.83 8.87 17.68
N GLY A 192 -9.08 10.13 17.97
CA GLY A 192 -10.07 10.49 18.96
C GLY A 192 -10.84 11.72 18.55
N GLU A 193 -10.88 11.97 17.25
CA GLU A 193 -11.47 13.19 16.70
C GLU A 193 -12.98 13.20 16.78
N LYS A 194 -13.58 14.37 16.93
CA LYS A 194 -15.02 14.54 16.76
C LYS A 194 -15.35 15.81 15.96
N SER A 195 -16.38 15.72 15.11
CA SER A 195 -16.82 16.89 14.35
C SER A 195 -18.26 16.85 13.82
N MET A 196 -18.71 17.99 13.35
CA MET A 196 -20.07 18.12 12.92
C MET A 196 -20.15 19.23 11.88
N THR A 197 -21.26 19.31 11.16
CA THR A 197 -21.55 20.47 10.34
C THR A 197 -22.78 21.19 10.89
N LEU A 198 -22.66 22.48 11.11
CA LEU A 198 -23.76 23.26 11.63
C LEU A 198 -24.85 23.48 10.59
N ASP A 199 -26.10 23.49 11.04
CA ASP A 199 -27.22 23.92 10.20
C ASP A 199 -27.72 25.26 10.73
N ARG A 200 -27.12 25.68 11.82
CA ARG A 200 -27.56 26.88 12.47
C ARG A 200 -26.32 27.71 12.79
N PRO A 201 -26.40 29.02 12.60
CA PRO A 201 -25.28 29.78 13.17
C PRO A 201 -25.35 29.75 14.70
N ARG A 202 -24.20 29.59 15.37
CA ARG A 202 -24.16 29.54 16.83
C ARG A 202 -23.04 30.39 17.38
N ASN A 203 -23.11 30.67 18.68
CA ASN A 203 -21.97 31.22 19.40
C ASN A 203 -21.57 30.17 20.42
N VAL A 204 -20.28 29.85 20.49
CA VAL A 204 -19.87 28.83 21.46
C VAL A 204 -18.73 29.31 22.37
N LYS A 205 -18.53 28.55 23.45
CA LYS A 205 -17.38 28.73 24.31
C LYS A 205 -16.63 27.42 24.38
N MET A 206 -15.39 27.48 24.82
CA MET A 206 -14.63 26.28 25.09
C MET A 206 -14.44 26.27 26.57
N GLU A 207 -15.08 25.31 27.22
CA GLU A 207 -15.21 25.31 28.67
C GLU A 207 -14.74 23.99 29.19
N LEU A 208 -13.89 24.02 30.20
CA LEU A 208 -13.47 22.82 30.90
C LEU A 208 -14.40 22.58 32.09
N ILE A 209 -14.77 21.33 32.34
CA ILE A 209 -15.52 21.02 33.55
C ILE A 209 -14.70 20.07 34.43
N THR A 210 -14.02 20.66 35.40
CA THR A 210 -13.19 19.95 36.37
C THR A 210 -13.93 18.81 37.01
N ASN A 211 -13.29 17.65 37.12
CA ASN A 211 -13.92 16.47 37.74
C ASN A 211 -14.75 16.80 38.99
N SER A 212 -14.34 17.83 39.71
CA SER A 212 -15.06 18.32 40.88
C SER A 212 -16.30 19.13 40.52
N GLY A 213 -16.38 19.60 39.28
CA GLY A 213 -17.45 20.49 38.89
C GLY A 213 -16.99 21.89 38.51
N LYS A 214 -15.76 22.28 38.87
CA LYS A 214 -15.35 23.67 38.66
C LYS A 214 -15.47 24.03 37.19
N SER A 215 -15.78 25.30 36.91
CA SER A 215 -15.95 25.71 35.53
C SER A 215 -14.82 26.61 35.06
N ILE A 216 -14.03 26.10 34.13
CA ILE A 216 -12.96 26.87 33.52
C ILE A 216 -13.25 27.20 32.06
N VAL A 217 -13.43 28.50 31.79
CA VAL A 217 -13.60 28.99 30.42
C VAL A 217 -12.25 29.23 29.74
N LEU A 218 -11.86 28.35 28.82
CA LEU A 218 -10.62 28.53 28.06
C LEU A 218 -10.75 29.54 26.92
N LYS A 219 -11.90 29.56 26.27
CA LYS A 219 -12.17 30.45 25.13
C LYS A 219 -13.63 30.88 25.25
N PRO A 220 -13.86 32.11 25.72
CA PRO A 220 -15.18 32.65 26.03
C PRO A 220 -16.20 32.66 24.89
N LYS A 221 -15.80 33.11 23.70
CA LYS A 221 -16.77 33.24 22.60
C LYS A 221 -16.15 32.90 21.25
N VAL A 222 -16.89 32.14 20.45
CA VAL A 222 -16.48 31.79 19.08
C VAL A 222 -17.70 31.79 18.17
N ALA A 223 -17.78 32.75 17.25
CA ALA A 223 -18.90 32.82 16.30
C ALA A 223 -18.76 31.75 15.25
N LEU A 224 -19.82 30.97 15.05
CA LEU A 224 -19.83 29.92 14.03
C LEU A 224 -21.01 30.16 13.12
N GLN A 225 -20.75 30.13 11.82
CA GLN A 225 -21.80 30.42 10.87
C GLN A 225 -22.45 29.12 10.40
N GLU A 226 -23.57 29.24 9.68
CA GLU A 226 -24.23 28.07 9.14
C GLU A 226 -23.30 27.33 8.18
N GLY A 227 -23.40 26.02 8.18
CA GLY A 227 -22.67 25.21 7.22
C GLY A 227 -21.24 24.95 7.63
N GLU A 228 -20.75 25.72 8.60
CA GLU A 228 -19.38 25.56 9.09
C GLU A 228 -19.10 24.13 9.60
N ILE A 229 -17.88 23.66 9.38
CA ILE A 229 -17.47 22.35 9.90
C ILE A 229 -16.47 22.57 11.01
N ILE A 230 -16.81 22.16 12.23
CA ILE A 230 -15.90 22.31 13.35
C ILE A 230 -15.50 20.96 13.89
N ASP A 231 -14.31 20.92 14.49
CA ASP A 231 -13.76 19.70 15.07
C ASP A 231 -13.42 19.93 16.54
N SER A 232 -13.42 18.86 17.32
CA SER A 232 -12.87 18.89 18.67
C SER A 232 -11.96 17.67 18.72
N MET A 233 -10.67 17.90 18.96
CA MET A 233 -9.67 16.81 18.92
C MET A 233 -8.72 16.97 20.09
N PHE A 234 -8.11 15.87 20.51
CA PHE A 234 -7.17 16.02 21.61
C PHE A 234 -6.05 14.99 21.53
N MET A 235 -4.85 15.46 21.80
CA MET A 235 -3.70 14.60 21.93
C MET A 235 -3.55 14.26 23.41
N SER A 236 -3.63 12.98 23.77
CA SER A 236 -3.54 12.62 25.19
C SER A 236 -2.11 12.44 25.67
N LYS A 237 -1.66 13.36 26.51
CA LYS A 237 -0.29 13.36 27.02
C LYS A 237 0.21 12.01 27.49
N LYS A 238 -0.61 11.21 28.14
CA LYS A 238 -0.15 9.88 28.54
C LYS A 238 0.25 9.03 27.32
N ALA A 239 -0.63 9.02 26.31
CA ALA A 239 -0.45 8.27 25.07
C ALA A 239 0.76 8.73 24.29
N LEU A 240 0.95 10.06 24.24
CA LEU A 240 2.07 10.63 23.51
C LEU A 240 3.39 10.22 24.12
N CYS A 241 3.49 10.24 25.44
CA CYS A 241 4.74 9.90 26.11
C CYS A 241 4.98 8.38 26.12
N ASP A 242 3.92 7.58 26.14
CA ASP A 242 4.10 6.13 26.07
C ASP A 242 4.61 5.83 24.69
N PHE A 243 4.16 6.65 23.75
CA PHE A 243 4.56 6.48 22.37
C PHE A 243 6.06 6.74 22.26
N TYR A 244 6.45 7.92 22.71
CA TYR A 244 7.86 8.31 22.69
C TYR A 244 8.73 7.25 23.36
N GLU A 245 8.31 6.77 24.51
CA GLU A 245 9.08 5.74 25.22
C GLU A 245 9.18 4.45 24.43
N LYS A 246 8.04 3.94 23.99
CA LYS A 246 8.02 2.74 23.18
C LYS A 246 8.83 2.99 21.92
N GLN A 247 8.77 4.17 21.32
CA GLN A 247 9.45 4.25 20.04
C GLN A 247 10.92 4.53 20.16
N LEU A 248 11.35 5.10 21.28
CA LEU A 248 12.77 5.30 21.52
C LEU A 248 13.46 3.98 21.72
N ASP A 249 12.85 3.09 22.50
CA ASP A 249 13.33 1.72 22.61
C ASP A 249 13.40 1.10 21.23
N ASP A 250 12.35 1.27 20.43
CA ASP A 250 12.31 0.56 19.16
C ASP A 250 13.47 0.98 18.28
N CYS A 251 13.63 2.29 18.12
CA CYS A 251 14.70 2.84 17.31
C CYS A 251 16.09 2.46 17.81
N ARG A 252 16.26 2.27 19.11
CA ARG A 252 17.55 1.81 19.59
C ARG A 252 17.77 0.31 19.31
N GLU A 253 16.75 -0.55 19.51
CA GLU A 253 16.93 -1.97 19.25
C GLU A 253 17.18 -2.18 17.76
N ALA A 254 16.84 -1.14 16.98
CA ALA A 254 16.94 -1.17 15.53
C ALA A 254 18.32 -0.76 15.02
N GLY A 255 18.90 0.27 15.63
CA GLY A 255 20.21 0.75 15.24
C GLY A 255 20.09 1.73 14.10
N ILE A 256 19.09 2.58 14.22
CA ILE A 256 18.66 3.48 13.16
C ILE A 256 18.67 4.88 13.79
N LEU A 257 18.66 5.94 13.01
CA LEU A 257 18.64 7.24 13.63
C LEU A 257 17.24 7.60 14.07
N PHE A 258 17.13 8.37 15.15
CA PHE A 258 15.83 8.80 15.65
C PHE A 258 15.63 10.25 15.22
N SER A 259 14.46 10.59 14.66
CA SER A 259 14.21 11.98 14.21
C SER A 259 12.81 12.47 14.54
N LEU A 260 12.62 13.80 14.56
CA LEU A 260 11.31 14.35 14.92
C LEU A 260 10.83 15.45 13.96
N HIS A 261 9.92 15.05 13.07
CA HIS A 261 9.43 15.94 12.05
C HIS A 261 8.09 16.54 12.43
N VAL A 262 8.08 17.82 12.80
CA VAL A 262 6.85 18.54 13.13
C VAL A 262 6.92 19.90 12.47
N LYS A 263 5.95 20.77 12.68
CA LYS A 263 6.07 22.13 12.12
C LYS A 263 5.77 23.23 13.15
N ALA A 264 6.73 23.47 14.03
CA ALA A 264 6.53 24.39 15.14
C ALA A 264 6.35 25.82 14.66
N THR A 265 6.76 26.09 13.41
CA THR A 265 6.68 27.44 12.87
C THR A 265 5.26 27.88 12.56
N MET A 266 4.31 26.94 12.47
CA MET A 266 2.91 27.30 12.23
C MET A 266 1.96 26.70 13.25
N MET A 267 2.16 25.45 13.62
CA MET A 267 1.47 24.97 14.80
C MET A 267 2.19 25.52 16.01
N LYS A 268 2.13 26.84 16.17
CA LYS A 268 2.99 27.57 17.10
C LYS A 268 2.75 27.16 18.55
N VAL A 269 1.53 26.72 18.84
CA VAL A 269 1.13 26.33 20.18
C VAL A 269 1.25 24.85 20.39
N SER A 270 0.62 24.10 19.48
CA SER A 270 0.54 22.64 19.54
C SER A 270 1.88 21.88 19.48
N HIS A 271 2.61 21.98 18.37
CA HIS A 271 3.80 21.16 18.16
C HIS A 271 4.99 21.41 19.09
N PRO A 272 5.23 22.66 19.54
CA PRO A 272 6.31 22.78 20.54
C PRO A 272 6.12 21.89 21.77
N ILE A 273 4.88 21.78 22.24
CA ILE A 273 4.54 20.93 23.37
C ILE A 273 4.91 19.48 23.07
N VAL A 274 4.46 19.01 21.91
CA VAL A 274 4.73 17.64 21.46
C VAL A 274 6.23 17.40 21.36
N PHE A 275 6.92 18.42 20.88
CA PHE A 275 8.35 18.37 20.65
C PHE A 275 9.04 18.31 22.01
N GLY A 276 8.77 19.30 22.85
CA GLY A 276 9.33 19.35 24.19
C GLY A 276 9.17 18.05 24.98
N HIS A 277 8.06 17.37 24.80
CA HIS A 277 7.88 16.11 25.48
C HIS A 277 8.84 15.04 25.00
N CYS A 278 9.22 15.08 23.73
CA CYS A 278 10.12 14.08 23.17
C CYS A 278 11.51 14.24 23.78
N VAL A 279 11.88 15.49 24.03
CA VAL A 279 13.15 15.78 24.67
C VAL A 279 13.15 15.34 26.14
N LYS A 280 12.15 15.78 26.89
CA LYS A 280 12.09 15.48 28.31
C LYS A 280 12.02 13.98 28.49
N ILE A 281 11.41 13.28 27.53
CA ILE A 281 11.36 11.84 27.66
C ILE A 281 12.71 11.25 27.27
N TYR A 282 13.37 11.84 26.27
CA TYR A 282 14.66 11.32 25.78
C TYR A 282 15.68 11.39 26.89
N TYR A 283 15.71 12.55 27.55
CA TYR A 283 16.68 12.87 28.59
C TYR A 283 16.08 12.67 30.00
N LYS A 284 15.19 11.69 30.14
CA LYS A 284 14.36 11.58 31.36
C LYS A 284 15.25 11.38 32.59
N GLU A 285 16.35 10.66 32.43
CA GLU A 285 17.27 10.42 33.52
C GLU A 285 17.83 11.75 34.06
N ALA A 286 18.41 12.54 33.16
CA ALA A 286 18.95 13.82 33.55
C ALA A 286 17.87 14.75 34.11
N PHE A 287 16.72 14.80 33.44
CA PHE A 287 15.65 15.71 33.81
C PHE A 287 15.03 15.38 35.18
N GLU A 288 14.87 14.08 35.47
CA GLU A 288 14.36 13.61 36.76
C GLU A 288 15.40 13.71 37.86
N LYS A 289 16.15 14.80 37.90
CA LYS A 289 17.23 14.95 38.86
C LYS A 289 17.64 16.41 38.91
N HIS A 290 17.55 17.07 37.77
CA HIS A 290 17.86 18.49 37.68
C HIS A 290 16.60 19.28 37.45
N GLY A 291 15.45 18.60 37.53
CA GLY A 291 14.17 19.20 37.21
C GLY A 291 13.90 20.43 38.04
N LYS A 292 14.13 20.29 39.34
CA LYS A 292 14.01 21.41 40.26
C LYS A 292 14.87 22.58 39.79
N LEU A 293 16.12 22.29 39.43
CA LEU A 293 17.04 23.32 38.98
C LEU A 293 16.67 23.93 37.63
N PHE A 294 16.41 23.08 36.63
CA PHE A 294 15.95 23.54 35.33
C PHE A 294 14.73 24.44 35.50
N ASP A 295 13.86 24.06 36.42
CA ASP A 295 12.68 24.85 36.74
C ASP A 295 13.01 26.25 37.30
N GLU A 296 13.88 26.34 38.30
CA GLU A 296 14.29 27.64 38.88
C GLU A 296 14.87 28.59 37.81
N LEU A 297 15.45 28.00 36.75
CA LEU A 297 16.17 28.76 35.74
C LEU A 297 15.26 29.22 34.58
N GLY A 298 14.15 28.53 34.39
CA GLY A 298 13.19 28.89 33.36
C GLY A 298 13.27 27.96 32.16
N ILE A 299 14.03 26.89 32.26
CA ILE A 299 14.24 26.00 31.12
C ILE A 299 12.92 25.44 30.62
N ASN A 300 12.60 25.81 29.39
CA ASN A 300 11.44 25.31 28.72
C ASN A 300 11.85 24.62 27.44
N VAL A 301 12.21 23.36 27.58
CA VAL A 301 12.80 22.61 26.50
C VAL A 301 11.77 22.34 25.39
N ASN A 302 10.54 22.82 25.60
CA ASN A 302 9.59 22.94 24.51
C ASN A 302 10.16 23.70 23.30
N ASN A 303 11.06 24.65 23.57
CA ASN A 303 11.66 25.41 22.49
C ASN A 303 13.03 24.87 22.14
N GLY A 304 13.35 23.70 22.68
CA GLY A 304 14.57 23.00 22.30
C GLY A 304 15.70 23.07 23.30
N MET A 305 16.57 22.06 23.25
CA MET A 305 17.78 22.01 24.06
C MET A 305 18.63 23.27 23.93
N ALA A 306 18.47 24.00 22.83
CA ALA A 306 19.24 25.23 22.60
C ALA A 306 19.25 26.13 23.81
N GLY A 307 18.05 26.48 24.27
CA GLY A 307 17.88 27.35 25.42
C GLY A 307 18.30 26.75 26.75
N LEU A 308 18.39 25.43 26.83
CA LEU A 308 18.86 24.83 28.06
C LEU A 308 20.34 25.15 28.24
N TYR A 309 21.13 24.90 27.20
CA TYR A 309 22.56 25.13 27.29
C TYR A 309 22.89 26.61 27.50
N GLU A 310 22.06 27.52 26.97
CA GLU A 310 22.34 28.94 27.15
C GLU A 310 22.07 29.36 28.59
N LYS A 311 21.17 28.64 29.26
CA LYS A 311 20.76 29.08 30.59
C LYS A 311 21.61 28.40 31.68
N ILE A 312 22.15 27.22 31.40
CA ILE A 312 23.06 26.62 32.39
C ILE A 312 24.45 27.26 32.34
N GLU A 313 24.61 28.27 31.49
CA GLU A 313 25.90 28.96 31.43
C GLU A 313 26.10 29.82 32.68
N THR A 314 24.99 30.24 33.29
CA THR A 314 25.02 30.97 34.56
C THR A 314 25.56 30.14 35.73
N LEU A 315 25.12 28.88 35.82
CA LEU A 315 25.64 27.97 36.84
C LEU A 315 27.17 27.88 36.80
N PRO A 316 27.79 27.61 37.94
CA PRO A 316 29.26 27.53 37.95
C PRO A 316 29.75 26.37 37.11
N THR A 317 31.04 26.34 36.79
CA THR A 317 31.55 25.30 35.90
C THR A 317 31.49 23.88 36.48
N SER A 318 31.46 23.72 37.79
CA SER A 318 31.52 22.37 38.35
C SER A 318 30.19 21.71 38.11
N LEU A 319 29.12 22.50 38.22
CA LEU A 319 27.77 21.96 38.12
C LEU A 319 27.34 21.84 36.67
N ARG A 320 27.52 22.93 35.93
CA ARG A 320 27.27 22.97 34.50
C ARG A 320 27.79 21.71 33.81
N GLU A 321 29.02 21.34 34.12
CA GLU A 321 29.64 20.21 33.45
C GLU A 321 29.15 18.89 34.01
N GLU A 322 28.54 18.97 35.18
CA GLU A 322 27.92 17.79 35.77
C GLU A 322 26.56 17.57 35.14
N ILE A 323 25.92 18.66 34.73
CA ILE A 323 24.66 18.65 34.00
C ILE A 323 24.89 18.16 32.60
N ILE A 324 25.87 18.77 31.93
CA ILE A 324 26.23 18.35 30.58
C ILE A 324 26.63 16.87 30.56
N GLU A 325 27.26 16.38 31.61
CA GLU A 325 27.62 14.96 31.63
C GLU A 325 26.41 14.05 31.80
N ASP A 326 25.47 14.44 32.64
CA ASP A 326 24.30 13.62 32.92
C ASP A 326 23.40 13.51 31.70
N LEU A 327 23.27 14.61 30.96
CA LEU A 327 22.60 14.61 29.67
C LEU A 327 23.24 13.60 28.74
N HIS A 328 24.56 13.74 28.58
CA HIS A 328 25.29 12.92 27.66
C HIS A 328 25.20 11.45 28.04
N ALA A 329 24.99 11.16 29.32
CA ALA A 329 25.05 9.78 29.77
C ALA A 329 23.77 9.03 29.40
N CYS A 330 22.81 9.77 28.87
CA CYS A 330 21.52 9.20 28.51
C CYS A 330 21.64 8.41 27.21
N GLN A 331 22.44 8.93 26.30
CA GLN A 331 22.65 8.29 25.01
C GLN A 331 23.18 6.87 25.13
N GLU A 332 23.59 6.43 26.33
CA GLU A 332 24.08 5.07 26.48
C GLU A 332 22.89 4.12 26.41
N HIS A 333 21.73 4.58 26.84
CA HIS A 333 20.54 3.74 26.79
C HIS A 333 19.48 4.30 25.83
N ARG A 334 19.85 5.26 24.99
CA ARG A 334 18.95 5.84 24.00
C ARG A 334 19.40 5.50 22.57
N PRO A 335 18.62 5.88 21.54
CA PRO A 335 19.14 5.71 20.18
C PRO A 335 19.87 6.95 19.70
N ALA A 336 20.54 6.85 18.56
CA ALA A 336 21.25 7.99 17.99
C ALA A 336 20.31 9.00 17.37
N LEU A 337 20.59 10.29 17.51
CA LEU A 337 19.76 11.33 16.90
C LEU A 337 20.10 11.63 15.43
N ALA A 338 19.11 12.04 14.65
CA ALA A 338 19.38 12.69 13.36
C ALA A 338 20.04 14.00 13.70
N MET A 339 20.92 14.50 12.83
CA MET A 339 21.63 15.75 13.10
C MET A 339 21.24 16.91 12.19
N VAL A 340 21.17 18.11 12.74
CA VAL A 340 20.82 19.27 11.92
C VAL A 340 22.10 19.79 11.28
N ASP A 341 23.21 19.64 12.00
CA ASP A 341 24.53 20.08 11.55
C ASP A 341 25.59 19.19 12.23
N SER A 342 25.96 18.08 11.58
CA SER A 342 26.96 17.16 12.12
C SER A 342 28.14 17.86 12.75
N ALA A 343 28.74 18.77 12.01
CA ALA A 343 30.01 19.39 12.41
C ALA A 343 29.90 20.15 13.72
N LYS A 344 28.97 21.10 13.77
CA LYS A 344 28.76 21.96 14.91
C LYS A 344 27.93 21.29 16.03
N GLY A 345 27.75 19.98 15.94
CA GLY A 345 27.05 19.19 16.95
C GLY A 345 25.58 19.52 17.22
N ILE A 346 24.88 20.08 16.24
CA ILE A 346 23.46 20.42 16.37
C ILE A 346 22.50 19.26 15.99
N THR A 347 21.93 18.59 17.00
CA THR A 347 21.03 17.42 16.85
C THR A 347 19.59 17.84 16.52
N ASN A 348 18.69 16.86 16.34
CA ASN A 348 17.25 17.13 16.07
C ASN A 348 16.71 18.20 16.98
N PHE A 349 17.15 18.06 18.24
CA PHE A 349 16.53 18.66 19.42
C PHE A 349 16.99 20.06 19.77
N HIS A 350 17.94 20.62 19.03
CA HIS A 350 18.39 22.00 19.27
C HIS A 350 17.21 22.98 19.27
N SER A 351 16.50 23.05 18.16
CA SER A 351 15.27 23.83 18.10
C SER A 351 14.16 23.01 17.43
N PRO A 352 12.89 23.32 17.71
CA PRO A 352 11.81 22.69 16.93
C PRO A 352 11.58 23.35 15.56
N ASN A 353 12.38 24.35 15.23
CA ASN A 353 12.21 25.01 13.95
C ASN A 353 13.23 24.56 12.90
N ASP A 354 14.02 23.55 13.20
CA ASP A 354 15.07 23.19 12.27
C ASP A 354 14.65 22.07 11.32
N ILE A 355 14.15 20.97 11.87
CA ILE A 355 13.67 19.88 11.04
C ILE A 355 12.17 20.03 10.82
N ILE A 356 11.84 20.94 9.90
CA ILE A 356 10.45 21.27 9.59
C ILE A 356 9.84 20.24 8.62
N VAL A 357 8.75 19.61 9.03
CA VAL A 357 8.31 18.35 8.43
C VAL A 357 8.16 18.34 6.90
N ASP A 358 7.45 19.32 6.34
CA ASP A 358 7.09 19.24 4.92
C ASP A 358 8.27 19.52 3.99
N ALA A 359 9.38 19.97 4.57
CA ALA A 359 10.63 20.07 3.83
C ALA A 359 11.58 18.90 4.17
N SER A 360 11.67 18.59 5.45
CA SER A 360 12.56 17.55 5.93
C SER A 360 12.22 16.16 5.41
N MET A 361 10.92 15.90 5.25
CA MET A 361 10.46 14.56 4.85
C MET A 361 10.67 14.25 3.35
N PRO A 362 10.37 15.22 2.43
CA PRO A 362 10.72 14.97 1.02
C PRO A 362 12.23 14.90 0.83
N ALA A 363 12.92 15.82 1.50
CA ALA A 363 14.38 15.85 1.52
C ALA A 363 14.95 14.49 1.84
N MET A 364 14.35 13.86 2.83
CA MET A 364 14.81 12.57 3.34
C MET A 364 14.55 11.48 2.32
N ILE A 365 13.41 11.59 1.64
CA ILE A 365 12.97 10.50 0.79
C ILE A 365 13.79 10.55 -0.48
N ARG A 366 14.04 11.76 -0.95
CA ARG A 366 14.89 12.00 -2.11
C ARG A 366 16.26 11.35 -1.91
N ALA A 367 16.77 11.47 -0.69
CA ALA A 367 18.07 10.92 -0.32
C ALA A 367 18.11 9.41 -0.15
N GLY A 368 17.06 8.69 -0.53
CA GLY A 368 17.05 7.24 -0.35
C GLY A 368 16.58 6.77 1.03
N GLY A 369 15.91 7.68 1.74
CA GLY A 369 15.47 7.39 3.09
C GLY A 369 16.65 7.51 4.03
N LYS A 370 17.16 8.73 4.17
CA LYS A 370 18.35 8.99 4.96
C LYS A 370 18.25 10.27 5.78
N MET A 371 18.79 10.20 6.98
CA MET A 371 19.03 11.37 7.78
C MET A 371 20.51 11.29 8.13
N TRP A 372 21.07 12.36 8.69
CA TRP A 372 22.50 12.37 9.00
C TRP A 372 22.83 11.98 10.44
N GLY A 373 23.76 11.04 10.58
CA GLY A 373 24.35 10.73 11.88
C GLY A 373 25.26 11.84 12.39
N ALA A 374 25.84 11.64 13.57
CA ALA A 374 26.67 12.68 14.16
C ALA A 374 28.06 12.66 13.55
N ASP A 375 28.35 11.63 12.76
CA ASP A 375 29.67 11.42 12.17
C ASP A 375 29.71 11.96 10.77
N GLY A 376 28.76 12.83 10.42
CA GLY A 376 28.71 13.40 9.09
C GLY A 376 28.34 12.42 7.99
N LYS A 377 28.17 11.15 8.35
CA LYS A 377 27.73 10.11 7.42
C LYS A 377 26.20 9.96 7.37
N GLN A 378 25.69 9.26 6.36
CA GLN A 378 24.26 9.16 6.21
C GLN A 378 23.71 7.80 6.57
N TYR A 379 22.65 7.78 7.36
CA TYR A 379 22.08 6.51 7.79
C TYR A 379 20.56 6.46 7.66
N ASP A 380 20.01 5.25 7.78
CA ASP A 380 18.57 5.00 7.86
C ASP A 380 17.98 5.80 9.02
N ALA A 381 16.65 5.90 9.09
CA ALA A 381 16.02 6.71 10.13
C ALA A 381 14.58 6.32 10.42
N LYS A 382 14.21 6.41 11.70
CA LYS A 382 12.80 6.42 12.07
C LYS A 382 12.36 7.88 12.02
N ALA A 383 11.40 8.20 11.16
CA ALA A 383 10.87 9.55 11.12
C ALA A 383 9.63 9.60 11.99
N VAL A 384 9.77 10.12 13.20
CA VAL A 384 8.64 10.16 14.12
C VAL A 384 7.77 11.39 13.85
N MET A 385 6.57 11.14 13.38
CA MET A 385 5.52 12.16 13.41
C MET A 385 4.43 11.63 14.33
N PRO A 386 4.36 12.14 15.56
CA PRO A 386 3.45 11.53 16.54
C PRO A 386 2.01 11.62 16.06
N GLU A 387 1.60 12.78 15.59
CA GLU A 387 0.23 12.98 15.17
C GLU A 387 -0.10 12.24 13.86
N SER A 388 -0.77 11.11 14.01
CA SER A 388 -1.17 10.20 12.92
C SER A 388 -1.85 10.82 11.67
N THR A 389 -2.58 11.91 11.84
CA THR A 389 -3.46 12.42 10.77
C THR A 389 -2.73 12.67 9.45
N PHE A 390 -1.59 13.37 9.49
CA PHE A 390 -0.95 13.71 8.22
C PHE A 390 0.40 13.10 8.03
N ALA A 391 0.58 11.88 8.55
CA ALA A 391 1.87 11.23 8.53
C ALA A 391 1.85 9.97 7.70
N ARG A 392 0.67 9.42 7.50
CA ARG A 392 0.56 8.09 6.92
C ARG A 392 0.90 8.11 5.43
N ILE A 393 0.61 9.22 4.79
CA ILE A 393 0.94 9.36 3.40
C ILE A 393 2.43 9.17 3.14
N TYR A 394 3.27 9.78 3.98
CA TYR A 394 4.74 9.62 3.83
C TYR A 394 5.11 8.15 3.92
N GLN A 395 4.56 7.44 4.90
CA GLN A 395 4.87 6.03 5.02
C GLN A 395 4.46 5.28 3.76
N GLU A 396 3.34 5.70 3.17
CA GLU A 396 2.84 5.04 1.97
C GLU A 396 3.84 5.18 0.82
N MET A 397 4.36 6.40 0.63
CA MET A 397 5.45 6.65 -0.34
C MET A 397 6.68 5.80 -0.09
N ILE A 398 7.20 5.88 1.13
CA ILE A 398 8.37 5.10 1.53
C ILE A 398 8.22 3.60 1.17
N ASN A 399 7.07 3.00 1.42
CA ASN A 399 6.87 1.59 1.07
C ASN A 399 6.91 1.38 -0.45
N PHE A 400 6.39 2.36 -1.15
CA PHE A 400 6.34 2.32 -2.61
C PHE A 400 7.77 2.31 -3.14
N CYS A 401 8.59 3.24 -2.65
CA CYS A 401 9.99 3.35 -3.06
C CYS A 401 10.84 2.16 -2.63
N LYS A 402 10.55 1.57 -1.48
CA LYS A 402 11.34 0.40 -1.07
C LYS A 402 11.17 -0.68 -2.13
N TRP A 403 9.92 -0.83 -2.58
CA TRP A 403 9.50 -1.81 -3.56
C TRP A 403 10.07 -1.58 -4.95
N HIS A 404 9.96 -0.34 -5.45
CA HIS A 404 10.21 -0.03 -6.87
C HIS A 404 11.42 0.85 -7.17
N GLY A 405 12.20 1.16 -6.14
CA GLY A 405 13.28 2.11 -6.29
C GLY A 405 12.71 3.51 -6.22
N ASN A 406 13.61 4.47 -6.09
CA ASN A 406 13.26 5.88 -6.12
C ASN A 406 12.67 6.31 -7.47
N PHE A 407 12.07 7.49 -7.51
CA PHE A 407 11.44 8.01 -8.75
C PHE A 407 12.46 8.34 -9.85
N ASP A 408 11.98 8.30 -11.10
CA ASP A 408 12.78 8.69 -12.26
C ASP A 408 12.20 9.97 -12.85
N PRO A 409 12.88 11.09 -12.62
CA PRO A 409 12.43 12.41 -13.08
C PRO A 409 12.20 12.45 -14.57
N LYS A 410 13.06 11.77 -15.34
CA LYS A 410 12.95 11.68 -16.80
C LYS A 410 11.56 11.27 -17.26
N THR A 411 11.04 10.18 -16.69
CA THR A 411 9.78 9.58 -17.14
C THR A 411 8.52 9.93 -16.33
N MET A 412 8.67 10.23 -15.03
CA MET A 412 7.52 10.41 -14.13
C MET A 412 6.58 11.61 -14.44
N GLY A 413 5.31 11.45 -14.05
CA GLY A 413 4.26 12.44 -14.23
C GLY A 413 4.20 13.54 -13.18
N THR A 414 3.19 14.42 -13.26
CA THR A 414 3.00 15.50 -12.29
C THR A 414 1.84 15.28 -11.31
N VAL A 415 1.94 15.96 -10.17
CA VAL A 415 0.88 15.96 -9.18
C VAL A 415 0.57 17.38 -8.74
N PRO A 416 -0.16 18.11 -9.58
CA PRO A 416 -0.60 19.45 -9.16
C PRO A 416 -1.43 19.36 -7.90
N ASN A 417 -1.85 20.50 -7.34
CA ASN A 417 -2.62 20.48 -6.10
C ASN A 417 -3.64 21.59 -5.97
N VAL A 418 -4.91 21.20 -5.96
CA VAL A 418 -5.99 22.12 -5.59
C VAL A 418 -6.17 22.04 -4.07
N GLY A 419 -5.94 23.16 -3.38
CA GLY A 419 -5.81 23.15 -1.94
C GLY A 419 -6.76 24.06 -1.18
N LEU A 420 -7.47 23.45 -0.21
CA LEU A 420 -8.41 24.19 0.62
C LEU A 420 -7.64 24.97 1.67
N MET A 421 -7.81 26.29 1.69
CA MET A 421 -7.11 27.08 2.69
C MET A 421 -7.75 28.43 2.99
N ALA A 422 -8.75 28.81 2.22
CA ALA A 422 -9.35 30.14 2.35
C ALA A 422 -9.83 30.46 3.80
N GLN A 423 -9.44 31.64 4.28
CA GLN A 423 -9.79 32.14 5.62
C GLN A 423 -9.23 31.26 6.71
N LYS A 424 -8.00 30.82 6.54
CA LYS A 424 -7.31 30.07 7.57
C LYS A 424 -8.06 28.78 7.90
N ALA A 425 -8.54 28.13 6.83
CA ALA A 425 -9.22 26.85 6.91
C ALA A 425 -8.44 25.82 7.70
N GLU A 426 -9.19 24.86 8.25
CA GLU A 426 -8.67 23.73 9.01
C GLU A 426 -7.66 24.12 10.10
N GLU A 427 -6.75 23.19 10.37
CA GLU A 427 -5.72 23.32 11.40
C GLU A 427 -4.99 24.67 11.51
N TYR A 428 -4.93 25.41 10.41
CA TYR A 428 -4.10 26.60 10.35
C TYR A 428 -4.78 27.86 10.89
N GLY A 429 -5.99 27.70 11.41
CA GLY A 429 -6.67 28.83 12.03
C GLY A 429 -6.91 28.61 13.52
N SER A 430 -6.39 27.50 14.04
CA SER A 430 -6.68 27.12 15.41
C SER A 430 -5.58 27.57 16.35
N HIS A 431 -4.90 28.64 15.94
CA HIS A 431 -3.93 29.29 16.80
C HIS A 431 -4.61 29.66 18.12
N ASP A 432 -5.65 30.49 18.02
CA ASP A 432 -6.33 31.04 19.18
C ASP A 432 -7.34 30.06 19.83
N LYS A 433 -7.32 28.80 19.43
CA LYS A 433 -8.28 27.84 19.96
C LYS A 433 -7.60 26.50 20.37
N THR A 434 -6.41 26.58 20.96
CA THR A 434 -5.67 25.40 21.35
C THR A 434 -5.12 25.57 22.76
N PHE A 435 -5.32 24.58 23.63
CA PHE A 435 -4.94 24.73 25.03
C PHE A 435 -4.30 23.49 25.60
N GLU A 436 -3.30 23.73 26.45
CA GLU A 436 -2.76 22.67 27.26
C GLU A 436 -3.63 22.55 28.50
N ILE A 437 -4.25 21.39 28.66
CA ILE A 437 -5.29 21.22 29.65
C ILE A 437 -4.77 21.18 31.09
N PRO A 438 -5.24 22.12 31.94
CA PRO A 438 -4.81 22.37 33.32
C PRO A 438 -5.06 21.22 34.28
N GLU A 439 -6.30 20.72 34.32
CA GLU A 439 -6.67 19.58 35.19
C GLU A 439 -7.67 18.66 34.49
N ALA A 440 -7.70 17.38 34.88
CA ALA A 440 -8.61 16.42 34.24
C ALA A 440 -10.05 16.86 34.39
N GLY A 441 -10.89 16.39 33.49
CA GLY A 441 -12.23 16.90 33.39
C GLY A 441 -12.87 16.65 32.04
N ILE A 442 -13.67 17.62 31.62
CA ILE A 442 -14.58 17.48 30.49
C ILE A 442 -14.41 18.69 29.58
N ALA A 443 -14.15 18.46 28.30
CA ALA A 443 -13.87 19.56 27.38
C ALA A 443 -15.04 19.81 26.46
N ASN A 444 -15.69 20.96 26.64
CA ASN A 444 -16.93 21.20 25.94
C ASN A 444 -16.90 22.35 24.96
N ILE A 445 -17.45 22.10 23.78
CA ILE A 445 -17.85 23.18 22.91
C ILE A 445 -19.32 23.38 23.21
N THR A 446 -19.68 24.54 23.77
CA THR A 446 -21.02 24.73 24.31
C THR A 446 -21.66 26.05 23.88
N ASP A 447 -22.91 25.95 23.43
CA ASP A 447 -23.67 27.10 22.93
C ASP A 447 -23.91 28.12 24.02
N LEU A 448 -23.34 29.30 23.85
CA LEU A 448 -23.55 30.41 24.78
C LEU A 448 -25.02 30.83 24.95
N ASP A 449 -25.89 30.47 24.01
CA ASP A 449 -27.28 30.89 24.10
C ASP A 449 -28.21 29.81 24.65
N THR A 450 -27.95 28.56 24.33
CA THR A 450 -28.88 27.51 24.68
C THR A 450 -28.28 26.49 25.62
N GLY A 451 -27.03 26.71 26.01
CA GLY A 451 -26.35 25.78 26.91
C GLY A 451 -26.16 24.34 26.41
N GLU A 452 -26.55 24.06 25.17
CA GLU A 452 -26.32 22.74 24.59
C GLU A 452 -24.82 22.42 24.49
N VAL A 453 -24.47 21.18 24.79
CA VAL A 453 -23.11 20.72 24.56
C VAL A 453 -23.07 19.99 23.21
N LEU A 454 -22.49 20.69 22.23
CA LEU A 454 -22.38 20.25 20.83
C LEU A 454 -21.40 19.11 20.64
N LEU A 455 -20.22 19.24 21.23
CA LEU A 455 -19.19 18.24 21.12
C LEU A 455 -18.36 18.20 22.39
N THR A 456 -18.07 16.99 22.87
CA THR A 456 -17.36 16.86 24.12
C THR A 456 -16.28 15.80 24.06
N GLN A 457 -15.22 16.01 24.85
CA GLN A 457 -14.11 15.07 25.01
C GLN A 457 -13.73 14.90 26.49
N ASN A 458 -13.24 13.71 26.83
CA ASN A 458 -12.61 13.46 28.13
C ASN A 458 -11.13 13.79 28.07
N VAL A 459 -10.69 14.76 28.86
CA VAL A 459 -9.30 15.15 28.86
C VAL A 459 -8.64 14.91 30.23
N GLU A 460 -7.31 14.75 30.28
CA GLU A 460 -6.57 14.63 31.55
C GLU A 460 -5.59 15.79 31.70
N GLU A 461 -4.70 15.76 32.69
CA GLU A 461 -3.78 16.88 32.84
C GLU A 461 -2.69 16.86 31.75
N GLY A 462 -2.60 17.98 31.03
CA GLY A 462 -1.52 18.16 30.07
C GLY A 462 -1.76 17.64 28.66
N ASP A 463 -3.01 17.28 28.37
CA ASP A 463 -3.38 16.96 27.00
C ASP A 463 -3.56 18.25 26.23
N ILE A 464 -3.45 18.13 24.91
CA ILE A 464 -3.59 19.29 24.06
C ILE A 464 -4.97 19.16 23.45
N TRP A 465 -5.72 20.27 23.49
CA TRP A 465 -7.08 20.29 22.96
C TRP A 465 -7.23 21.49 22.01
N ARG A 466 -7.71 21.25 20.80
CA ARG A 466 -7.98 22.37 19.90
C ARG A 466 -9.30 22.20 19.15
N MET A 467 -9.88 23.31 18.72
CA MET A 467 -11.09 23.27 17.94
C MET A 467 -10.81 23.86 16.57
N CYS A 468 -10.98 23.05 15.53
CA CYS A 468 -10.76 23.51 14.16
C CYS A 468 -12.05 23.83 13.49
N GLN A 469 -12.04 24.84 12.63
CA GLN A 469 -13.23 25.21 11.85
C GLN A 469 -12.87 25.47 10.40
N VAL A 470 -13.81 25.16 9.50
CA VAL A 470 -13.68 25.49 8.10
C VAL A 470 -15.02 25.96 7.65
N LYS A 471 -15.05 27.05 6.90
CA LYS A 471 -16.32 27.61 6.50
C LYS A 471 -16.74 27.06 5.13
N ASP A 472 -18.02 27.24 4.82
CA ASP A 472 -18.63 26.62 3.67
C ASP A 472 -18.26 27.34 2.36
N ALA A 473 -18.12 28.66 2.42
CA ALA A 473 -17.76 29.43 1.24
C ALA A 473 -16.39 28.99 0.65
N PRO A 474 -15.34 28.86 1.49
CA PRO A 474 -14.15 28.19 0.97
C PRO A 474 -14.38 26.79 0.36
N ILE A 475 -15.22 25.98 0.97
CA ILE A 475 -15.38 24.60 0.51
C ILE A 475 -16.04 24.56 -0.86
N ARG A 476 -16.95 25.50 -1.11
CA ARG A 476 -17.62 25.56 -2.40
C ARG A 476 -16.68 25.97 -3.53
N ASP A 477 -15.91 27.02 -3.30
CA ASP A 477 -14.90 27.48 -4.25
C ASP A 477 -13.91 26.34 -4.50
N TRP A 478 -13.41 25.78 -3.41
CA TRP A 478 -12.46 24.69 -3.45
C TRP A 478 -12.94 23.53 -4.31
N VAL A 479 -14.25 23.39 -4.43
CA VAL A 479 -14.80 22.34 -5.29
C VAL A 479 -14.83 22.82 -6.72
N LYS A 480 -15.47 23.98 -6.95
CA LYS A 480 -15.51 24.60 -8.27
C LYS A 480 -14.10 24.66 -8.87
N LEU A 481 -13.12 25.02 -8.04
CA LEU A 481 -11.73 25.08 -8.50
C LEU A 481 -11.18 23.71 -8.88
N ALA A 482 -11.49 22.68 -8.11
CA ALA A 482 -11.06 21.34 -8.46
C ALA A 482 -11.69 20.92 -9.77
N VAL A 483 -12.91 21.39 -10.02
CA VAL A 483 -13.61 21.02 -11.23
C VAL A 483 -13.01 21.77 -12.41
N THR A 484 -12.88 23.09 -12.32
CA THR A 484 -12.41 23.84 -13.48
C THR A 484 -11.00 23.38 -13.84
N ARG A 485 -10.14 23.11 -12.86
CA ARG A 485 -8.81 22.55 -13.14
C ARG A 485 -8.90 21.21 -13.84
N ALA A 486 -9.92 20.44 -13.52
CA ALA A 486 -10.05 19.12 -14.14
C ALA A 486 -10.52 19.31 -15.56
N ARG A 487 -11.38 20.31 -15.75
CA ARG A 487 -11.90 20.63 -17.05
C ARG A 487 -10.79 21.19 -17.94
N ASN A 488 -10.00 22.11 -17.42
CA ASN A 488 -9.00 22.83 -18.22
C ASN A 488 -7.64 22.13 -18.32
N SER A 489 -7.60 20.82 -18.15
CA SER A 489 -6.31 20.14 -18.14
C SER A 489 -6.43 18.69 -18.54
N GLY A 490 -7.66 18.19 -18.57
CA GLY A 490 -7.88 16.81 -18.93
C GLY A 490 -7.32 15.80 -17.95
N MET A 491 -6.77 16.31 -16.84
CA MET A 491 -6.25 15.47 -15.76
C MET A 491 -7.32 14.94 -14.82
N PRO A 492 -7.11 13.72 -14.30
CA PRO A 492 -8.02 13.18 -13.30
C PRO A 492 -7.76 13.92 -11.99
N ALA A 493 -8.78 14.09 -11.18
CA ALA A 493 -8.58 14.80 -9.92
C ALA A 493 -9.18 14.00 -8.77
N ILE A 494 -8.33 13.66 -7.82
CA ILE A 494 -8.77 12.95 -6.64
C ILE A 494 -8.78 13.80 -5.37
N PHE A 495 -9.97 13.95 -4.80
CA PHE A 495 -10.09 14.47 -3.46
C PHE A 495 -9.43 13.46 -2.51
N TRP A 496 -8.57 13.98 -1.63
CA TRP A 496 -7.92 13.16 -0.61
C TRP A 496 -8.68 13.21 0.73
N LEU A 497 -9.53 12.22 0.99
CA LEU A 497 -10.39 12.31 2.16
C LEU A 497 -10.64 10.96 2.87
N ASP A 498 -10.17 10.86 4.12
CA ASP A 498 -10.41 9.69 4.97
C ASP A 498 -11.89 9.58 5.33
N PRO A 499 -12.53 8.47 4.99
CA PRO A 499 -13.94 8.41 5.39
C PRO A 499 -14.01 8.08 6.89
N TYR A 500 -12.94 7.49 7.41
CA TYR A 500 -12.84 7.13 8.83
C TYR A 500 -12.34 8.27 9.69
N ARG A 501 -12.15 9.45 9.11
CA ARG A 501 -11.75 10.60 9.92
C ARG A 501 -12.84 11.66 9.90
N PRO A 502 -13.65 11.71 10.97
CA PRO A 502 -14.76 12.61 11.22
C PRO A 502 -14.73 13.88 10.39
N HIS A 503 -13.65 14.64 10.47
CA HIS A 503 -13.59 15.91 9.79
C HIS A 503 -13.62 15.77 8.27
N GLU A 504 -12.91 14.78 7.76
CA GLU A 504 -12.74 14.66 6.33
C GLU A 504 -14.01 14.04 5.77
N ASN A 505 -14.60 13.17 6.57
CA ASN A 505 -15.88 12.58 6.23
C ASN A 505 -16.98 13.66 6.20
N GLU A 506 -16.85 14.64 7.08
CA GLU A 506 -17.73 15.80 7.04
C GLU A 506 -17.56 16.55 5.71
N LEU A 507 -16.32 16.58 5.23
CA LEU A 507 -16.01 17.18 3.93
C LEU A 507 -16.54 16.34 2.79
N ILE A 508 -16.34 15.02 2.85
CA ILE A 508 -16.84 14.14 1.79
C ILE A 508 -18.32 14.38 1.52
N LYS A 509 -19.06 14.73 2.57
CA LYS A 509 -20.48 15.01 2.44
C LYS A 509 -20.74 16.30 1.64
N LYS A 510 -19.93 17.33 1.87
CA LYS A 510 -20.05 18.56 1.10
C LYS A 510 -19.62 18.34 -0.36
N VAL A 511 -18.45 17.75 -0.55
CA VAL A 511 -17.93 17.53 -1.90
C VAL A 511 -18.94 16.75 -2.73
N GLN A 512 -19.42 15.63 -2.19
CA GLN A 512 -20.38 14.78 -2.90
C GLN A 512 -21.56 15.63 -3.33
N LYS A 513 -21.97 16.53 -2.46
CA LYS A 513 -23.11 17.39 -2.71
C LYS A 513 -22.75 18.49 -3.70
N TYR A 514 -21.53 19.01 -3.60
CA TYR A 514 -21.14 20.16 -4.38
C TYR A 514 -20.68 19.83 -5.79
N LEU A 515 -20.09 18.64 -5.96
CA LEU A 515 -19.65 18.17 -7.28
C LEU A 515 -20.82 18.22 -8.28
N LYS A 516 -22.00 17.83 -7.83
CA LYS A 516 -23.20 17.84 -8.65
C LYS A 516 -23.52 19.20 -9.27
N ASP A 517 -22.96 20.26 -8.70
CA ASP A 517 -23.26 21.62 -9.14
C ASP A 517 -22.32 22.10 -10.23
N HIS A 518 -21.55 21.19 -10.80
CA HIS A 518 -20.73 21.54 -11.94
C HIS A 518 -20.80 20.47 -12.97
N ASP A 519 -20.74 20.89 -14.22
CA ASP A 519 -20.66 19.94 -15.30
C ASP A 519 -19.33 19.22 -15.20
N THR A 520 -19.45 17.93 -14.88
CA THR A 520 -18.30 17.09 -14.69
C THR A 520 -18.52 15.89 -15.57
N THR A 521 -19.11 16.11 -16.75
CA THR A 521 -19.51 15.01 -17.62
C THR A 521 -18.32 14.39 -18.33
N GLY A 522 -17.41 15.22 -18.80
CA GLY A 522 -16.22 14.66 -19.39
C GLY A 522 -15.30 14.11 -18.31
N LEU A 523 -15.35 14.77 -17.16
CA LEU A 523 -14.32 14.69 -16.14
C LEU A 523 -14.20 13.36 -15.36
N ASP A 524 -12.98 13.10 -14.89
CA ASP A 524 -12.65 11.95 -14.03
C ASP A 524 -12.33 12.42 -12.61
N ILE A 525 -13.34 12.46 -11.74
CA ILE A 525 -13.19 13.08 -10.42
C ILE A 525 -13.62 12.15 -9.29
N GLN A 526 -12.67 11.50 -8.63
CA GLN A 526 -12.97 10.55 -7.56
C GLN A 526 -12.59 11.03 -6.14
N ILE A 527 -13.10 10.30 -5.13
CA ILE A 527 -12.78 10.61 -3.73
C ILE A 527 -12.16 9.39 -3.09
N MET A 528 -11.00 9.58 -2.47
CA MET A 528 -10.29 8.46 -1.88
C MET A 528 -9.67 8.84 -0.55
N SER A 529 -9.46 7.84 0.29
CA SER A 529 -8.71 8.02 1.54
C SER A 529 -7.34 8.53 1.20
N GLN A 530 -6.84 9.46 2.00
CA GLN A 530 -5.47 9.96 1.89
C GLN A 530 -4.48 8.89 1.42
N VAL A 531 -4.47 7.76 2.10
CA VAL A 531 -3.51 6.74 1.77
C VAL A 531 -3.86 6.05 0.46
N ARG A 532 -5.14 5.88 0.12
CA ARG A 532 -5.53 5.32 -1.18
C ARG A 532 -5.17 6.27 -2.32
N ALA A 533 -5.66 7.51 -2.19
CA ALA A 533 -5.30 8.62 -3.05
C ALA A 533 -3.81 8.64 -3.31
N MET A 534 -3.02 8.62 -2.23
CA MET A 534 -1.58 8.67 -2.36
C MET A 534 -1.08 7.54 -3.24
N ARG A 535 -1.47 6.32 -2.92
CA ARG A 535 -0.96 5.21 -3.68
C ARG A 535 -1.38 5.35 -5.14
N TYR A 536 -2.64 5.69 -5.36
CA TYR A 536 -3.17 5.72 -6.70
C TYR A 536 -2.34 6.69 -7.53
N THR A 537 -2.17 7.92 -7.05
CA THR A 537 -1.49 8.90 -7.87
C THR A 537 -0.02 8.49 -8.02
N LEU A 538 0.48 7.67 -7.10
CA LEU A 538 1.84 7.15 -7.17
C LEU A 538 2.03 6.12 -8.27
N GLU A 539 1.02 5.31 -8.53
CA GLU A 539 1.10 4.30 -9.58
C GLU A 539 1.07 4.98 -10.94
N ARG A 540 0.37 6.11 -11.00
CA ARG A 540 0.30 6.89 -12.22
C ARG A 540 1.57 7.72 -12.50
N VAL A 541 2.18 8.36 -11.49
CA VAL A 541 3.39 9.14 -11.80
C VAL A 541 4.45 8.22 -12.35
N VAL A 542 4.55 7.03 -11.79
CA VAL A 542 5.64 6.15 -12.13
C VAL A 542 5.45 5.78 -13.59
N ARG A 543 4.20 5.78 -14.04
CA ARG A 543 3.86 5.54 -15.44
C ARG A 543 3.80 6.82 -16.28
N GLY A 544 4.41 7.88 -15.77
CA GLY A 544 4.38 9.15 -16.48
C GLY A 544 2.97 9.70 -16.63
N LEU A 545 2.06 9.33 -15.73
CA LEU A 545 0.71 9.86 -15.82
C LEU A 545 0.46 10.94 -14.76
N ASP A 546 -0.42 11.89 -15.07
CA ASP A 546 -0.64 13.05 -14.19
C ASP A 546 -1.89 12.91 -13.35
N THR A 547 -1.86 13.44 -12.13
CA THR A 547 -3.05 13.40 -11.27
C THR A 547 -3.18 14.64 -10.39
N ILE A 548 -4.19 15.48 -10.62
CA ILE A 548 -4.44 16.59 -9.69
C ILE A 548 -4.77 16.04 -8.30
N SER A 549 -4.17 16.62 -7.27
CA SER A 549 -4.49 16.22 -5.90
C SER A 549 -5.34 17.30 -5.25
N VAL A 550 -6.50 16.90 -4.75
CA VAL A 550 -7.41 17.88 -4.13
C VAL A 550 -7.50 17.61 -2.62
N THR A 551 -6.92 18.49 -1.81
CA THR A 551 -6.71 18.16 -0.39
C THR A 551 -7.03 19.26 0.62
N GLY A 552 -6.86 18.89 1.89
CA GLY A 552 -7.02 19.81 3.01
C GLY A 552 -5.98 20.90 3.03
N ASN A 553 -5.87 21.61 4.16
CA ASN A 553 -4.96 22.74 4.28
C ASN A 553 -3.53 22.30 4.60
N ILE A 554 -3.37 21.39 5.57
CA ILE A 554 -2.06 20.80 5.86
C ILE A 554 -1.52 20.00 4.66
N LEU A 555 -2.34 19.16 4.04
CA LEU A 555 -1.86 18.40 2.87
C LEU A 555 -1.53 19.31 1.68
N ARG A 556 -2.22 20.45 1.57
CA ARG A 556 -1.84 21.47 0.61
C ARG A 556 -0.44 22.01 0.91
N ASP A 557 -0.09 22.12 2.18
CA ASP A 557 1.24 22.60 2.56
C ASP A 557 2.30 21.51 2.35
N TYR A 558 1.91 20.27 2.60
CA TYR A 558 2.83 19.14 2.55
C TYR A 558 3.12 18.73 1.12
N LEU A 559 2.05 18.47 0.37
CA LEU A 559 2.14 17.86 -0.95
C LEU A 559 2.76 18.79 -1.99
N THR A 560 2.62 20.11 -1.81
CA THR A 560 3.25 21.04 -2.73
C THR A 560 4.75 21.16 -2.47
N ASP A 561 5.27 20.47 -1.45
CA ASP A 561 6.72 20.32 -1.33
C ASP A 561 7.12 18.91 -1.76
N LEU A 562 6.41 17.92 -1.25
CA LEU A 562 6.79 16.52 -1.48
C LEU A 562 6.99 16.20 -2.96
N PHE A 563 5.99 16.51 -3.79
CA PHE A 563 6.05 16.09 -5.19
C PHE A 563 6.96 16.96 -6.04
N PRO A 564 6.94 18.29 -5.86
CA PRO A 564 7.91 19.00 -6.69
C PRO A 564 9.37 18.73 -6.28
N ILE A 565 9.62 18.23 -5.08
CA ILE A 565 11.00 17.85 -4.74
C ILE A 565 11.38 16.64 -5.58
N MET A 566 10.43 15.76 -5.84
CA MET A 566 10.71 14.54 -6.59
C MET A 566 10.79 14.85 -8.07
N GLU A 567 10.02 15.85 -8.49
CA GLU A 567 9.90 16.16 -9.90
C GLU A 567 11.01 17.09 -10.38
N LEU A 568 11.36 18.04 -9.54
CA LEU A 568 12.24 19.12 -9.95
C LEU A 568 13.38 19.37 -8.95
N GLY A 569 13.35 18.69 -7.81
CA GLY A 569 14.39 18.87 -6.80
C GLY A 569 14.40 20.21 -6.08
N THR A 570 13.29 20.93 -6.13
CA THR A 570 13.11 22.22 -5.48
C THR A 570 11.63 22.44 -5.28
N SER A 571 11.23 23.25 -4.31
CA SER A 571 9.82 23.57 -4.15
C SER A 571 9.57 24.91 -4.80
N ALA A 572 10.64 25.55 -5.23
CA ALA A 572 10.66 27.00 -5.46
C ALA A 572 10.58 27.42 -6.93
N LYS A 573 10.17 26.48 -7.77
CA LYS A 573 10.00 26.75 -9.20
C LYS A 573 8.58 26.36 -9.60
N MET A 574 7.60 26.91 -8.89
CA MET A 574 6.22 26.49 -9.06
C MET A 574 5.23 27.63 -9.29
N LEU A 575 4.20 27.34 -10.07
CA LEU A 575 3.06 28.23 -10.14
C LEU A 575 2.37 28.27 -8.79
N SER A 576 2.21 29.46 -8.23
CA SER A 576 1.38 29.62 -7.06
C SER A 576 0.30 30.62 -7.37
N ILE A 577 -0.85 30.09 -7.73
CA ILE A 577 -1.98 30.89 -8.16
C ILE A 577 -3.05 30.87 -7.08
N VAL A 578 -3.49 32.04 -6.64
CA VAL A 578 -4.60 32.12 -5.73
C VAL A 578 -5.79 32.64 -6.53
N PRO A 579 -6.63 31.74 -7.05
CA PRO A 579 -7.80 32.20 -7.81
C PRO A 579 -8.82 32.86 -6.90
N LEU A 580 -9.01 34.17 -7.08
CA LEU A 580 -9.79 34.97 -6.16
C LEU A 580 -11.27 34.66 -6.17
N MET A 581 -11.91 34.88 -5.02
CA MET A 581 -13.31 34.51 -4.82
C MET A 581 -14.25 35.21 -5.81
N ALA A 582 -13.86 36.40 -6.26
CA ALA A 582 -14.73 37.22 -7.10
C ALA A 582 -14.62 36.88 -8.60
N GLY A 583 -13.57 36.16 -8.97
CA GLY A 583 -13.41 35.71 -10.34
C GLY A 583 -12.02 35.93 -10.90
N GLY A 584 -11.33 36.91 -10.34
CA GLY A 584 -10.00 37.30 -10.79
C GLY A 584 -8.90 36.36 -10.34
N GLY A 585 -7.70 36.90 -10.14
CA GLY A 585 -6.60 36.03 -9.78
C GLY A 585 -5.27 36.69 -9.46
N MET A 586 -4.63 36.21 -8.40
CA MET A 586 -3.27 36.61 -8.02
C MET A 586 -2.26 35.48 -8.30
N TYR A 587 -1.05 35.88 -8.68
CA TYR A 587 -0.03 34.95 -9.14
C TYR A 587 1.24 35.23 -8.34
N GLU A 588 1.76 34.22 -7.65
CA GLU A 588 2.89 34.41 -6.73
C GLU A 588 4.18 33.80 -7.28
N THR A 589 5.22 34.64 -7.36
CA THR A 589 6.50 34.22 -7.94
C THR A 589 7.22 33.21 -7.07
N GLY A 590 7.19 33.42 -5.75
CA GLY A 590 7.90 32.53 -4.84
C GLY A 590 7.51 32.65 -3.37
N ALA A 591 7.95 31.69 -2.58
CA ALA A 591 7.68 31.66 -1.15
C ALA A 591 8.95 31.94 -0.34
N GLY A 592 10.09 31.92 -1.02
CA GLY A 592 11.38 32.13 -0.37
C GLY A 592 11.50 33.50 0.22
N GLY A 593 12.55 33.73 1.00
CA GLY A 593 12.79 35.04 1.57
C GLY A 593 13.15 36.03 0.49
N SER A 594 13.42 37.27 0.88
CA SER A 594 13.95 38.23 -0.07
C SER A 594 15.48 38.11 -0.14
N ALA A 595 16.00 37.21 0.70
CA ALA A 595 17.45 37.01 0.94
C ALA A 595 18.26 38.28 0.74
N PRO A 596 18.23 39.17 1.75
CA PRO A 596 18.84 40.51 1.69
C PRO A 596 20.34 40.45 1.53
N LYS A 597 20.90 39.25 1.73
CA LYS A 597 22.33 39.02 1.60
C LYS A 597 22.79 39.32 0.18
N HIS A 598 21.88 39.17 -0.78
CA HIS A 598 22.19 39.38 -2.19
C HIS A 598 21.92 40.82 -2.67
N VAL A 599 21.48 41.67 -1.74
CA VAL A 599 21.32 43.10 -2.03
C VAL A 599 22.67 43.76 -1.98
N GLN A 600 23.48 43.27 -1.04
CA GLN A 600 24.83 43.77 -0.90
C GLN A 600 25.70 43.29 -2.06
N GLN A 601 25.36 42.20 -2.71
CA GLN A 601 26.27 41.71 -3.70
C GLN A 601 25.99 42.61 -4.94
N LEU A 602 24.94 43.42 -4.81
CA LEU A 602 24.47 44.28 -5.88
C LEU A 602 24.62 45.74 -5.46
N VAL A 603 25.58 45.99 -4.58
CA VAL A 603 25.87 47.32 -4.07
C VAL A 603 27.35 47.49 -3.72
N GLU A 604 27.87 46.54 -2.93
CA GLU A 604 29.30 46.44 -2.63
C GLU A 604 30.08 46.08 -3.89
N GLU A 605 29.52 45.13 -4.62
CA GLU A 605 29.98 44.74 -5.95
C GLU A 605 28.72 44.84 -6.81
N ASN A 606 28.65 44.16 -7.95
CA ASN A 606 27.38 44.07 -8.68
C ASN A 606 27.00 42.61 -9.03
N HIS A 607 26.06 41.99 -8.28
CA HIS A 607 25.73 40.60 -8.61
C HIS A 607 24.34 39.94 -8.29
N LEU A 608 23.57 40.37 -7.30
CA LEU A 608 22.21 39.82 -7.02
C LEU A 608 21.99 38.27 -7.07
N ARG A 609 20.72 37.84 -7.24
CA ARG A 609 20.35 36.42 -7.12
C ARG A 609 19.33 35.90 -8.16
N TRP A 610 19.09 34.58 -8.12
CA TRP A 610 18.39 33.82 -9.18
C TRP A 610 16.87 34.00 -9.23
N ASP A 611 16.37 34.77 -8.28
CA ASP A 611 14.93 34.95 -8.02
C ASP A 611 14.10 35.46 -9.20
N SER A 612 14.71 35.61 -10.37
CA SER A 612 14.02 36.14 -11.53
C SER A 612 13.04 35.13 -12.12
N LEU A 613 13.40 33.85 -12.04
CA LEU A 613 12.68 32.80 -12.75
C LEU A 613 11.20 32.75 -12.39
N GLY A 614 10.89 32.92 -11.11
CA GLY A 614 9.50 32.85 -10.66
C GLY A 614 8.59 33.84 -11.35
N GLU A 615 9.14 35.01 -11.64
CA GLU A 615 8.38 36.08 -12.25
C GLU A 615 8.00 35.75 -13.69
N PHE A 616 8.96 35.19 -14.43
CA PHE A 616 8.73 34.81 -15.83
C PHE A 616 7.51 33.93 -15.97
N LEU A 617 7.31 33.11 -14.94
CA LEU A 617 6.27 32.09 -14.92
C LEU A 617 4.97 32.67 -14.39
N ALA A 618 5.09 33.57 -13.42
CA ALA A 618 3.93 34.31 -12.92
C ALA A 618 3.27 35.06 -14.06
N LEU A 619 4.09 35.45 -15.05
CA LEU A 619 3.62 36.17 -16.24
C LEU A 619 2.97 35.26 -17.27
N ALA A 620 3.61 34.11 -17.53
CA ALA A 620 3.14 33.17 -18.52
C ALA A 620 1.71 32.68 -18.24
N VAL A 621 1.33 32.56 -16.97
CA VAL A 621 -0.04 32.18 -16.63
C VAL A 621 -0.92 33.41 -16.54
N SER A 622 -0.37 34.49 -16.02
CA SER A 622 -1.12 35.73 -15.88
C SER A 622 -1.64 36.16 -17.24
N LEU A 623 -0.87 35.82 -18.28
CA LEU A 623 -1.28 36.06 -19.65
C LEU A 623 -2.25 34.97 -20.14
N GLU A 624 -1.90 33.70 -19.90
CA GLU A 624 -2.71 32.59 -20.43
C GLU A 624 -4.12 32.59 -19.92
N GLU A 625 -4.28 32.86 -18.62
CA GLU A 625 -5.61 32.88 -18.02
C GLU A 625 -6.32 34.20 -18.32
N MET A 626 -5.56 35.28 -18.45
CA MET A 626 -6.11 36.51 -18.99
C MET A 626 -6.66 36.23 -20.40
N GLY A 627 -6.03 35.27 -21.06
CA GLY A 627 -6.41 34.83 -22.38
C GLY A 627 -7.89 34.57 -22.54
N ILE A 628 -8.42 33.65 -21.73
CA ILE A 628 -9.79 33.21 -21.91
C ILE A 628 -10.75 34.00 -21.01
N LYS A 629 -10.24 34.63 -19.95
CA LYS A 629 -11.10 35.45 -19.08
C LYS A 629 -11.72 36.65 -19.81
N GLU A 630 -10.90 37.43 -20.52
CA GLU A 630 -11.42 38.48 -21.39
C GLU A 630 -11.04 38.14 -22.84
N ASN A 631 -11.51 36.97 -23.28
CA ASN A 631 -11.20 36.32 -24.57
C ASN A 631 -10.39 37.18 -25.52
N ASN A 632 -9.09 36.99 -25.41
CA ASN A 632 -8.13 37.85 -26.05
C ASN A 632 -7.05 36.96 -26.64
N ALA A 633 -7.20 36.65 -27.93
CA ALA A 633 -6.24 35.88 -28.71
C ALA A 633 -4.86 36.45 -28.50
N ARG A 634 -4.84 37.75 -28.25
CA ARG A 634 -3.64 38.49 -27.92
C ARG A 634 -3.04 38.29 -26.51
N THR A 635 -3.29 37.17 -25.83
CA THR A 635 -2.53 36.90 -24.62
C THR A 635 -2.16 35.41 -24.60
N LYS A 636 -3.10 34.60 -25.05
CA LYS A 636 -2.86 33.19 -25.30
C LYS A 636 -1.53 33.03 -26.06
N LEU A 637 -1.27 33.94 -27.01
CA LEU A 637 0.02 33.96 -27.70
C LEU A 637 1.24 34.17 -26.83
N LEU A 638 1.23 35.26 -26.06
CA LEU A 638 2.36 35.83 -25.39
C LEU A 638 2.73 34.85 -24.29
N ALA A 639 1.69 34.20 -23.73
CA ALA A 639 1.86 33.14 -22.74
C ALA A 639 2.68 31.98 -23.29
N LYS A 640 2.14 31.35 -24.32
CA LYS A 640 2.75 30.16 -24.87
C LYS A 640 4.09 30.48 -25.52
N THR A 641 4.26 31.69 -26.06
CA THR A 641 5.58 32.11 -26.57
C THR A 641 6.54 32.49 -25.44
N LEU A 642 6.02 33.07 -24.36
CA LEU A 642 6.85 33.37 -23.18
C LEU A 642 7.32 32.08 -22.55
N ASP A 643 6.46 31.06 -22.57
CA ASP A 643 6.81 29.78 -21.98
C ASP A 643 7.89 29.09 -22.82
N GLU A 644 7.77 29.19 -24.15
CA GLU A 644 8.83 28.72 -25.04
C GLU A 644 10.15 29.40 -24.69
N ALA A 645 10.08 30.71 -24.52
CA ALA A 645 11.24 31.55 -24.25
C ALA A 645 11.95 31.18 -22.95
N THR A 646 11.18 31.14 -21.85
CA THR A 646 11.74 30.83 -20.54
C THR A 646 12.34 29.42 -20.56
N GLY A 647 11.73 28.56 -21.37
CA GLY A 647 12.16 27.18 -21.50
C GLY A 647 13.59 27.02 -21.97
N LYS A 648 13.96 27.80 -22.98
CA LYS A 648 15.29 27.65 -23.54
C LYS A 648 16.27 28.59 -22.86
N LEU A 649 15.75 29.57 -22.14
CA LEU A 649 16.57 30.33 -21.20
C LEU A 649 17.15 29.39 -20.14
N LEU A 650 16.62 28.17 -20.10
CA LEU A 650 17.08 27.14 -19.18
C LEU A 650 17.91 26.11 -19.91
N ASP A 651 17.50 25.77 -21.14
CA ASP A 651 18.29 24.87 -21.98
C ASP A 651 19.70 25.43 -22.20
N ASN A 652 19.76 26.74 -22.48
CA ASN A 652 21.02 27.47 -22.55
C ASN A 652 21.25 28.04 -21.16
N ASP A 653 22.26 27.57 -20.43
CA ASP A 653 22.46 27.94 -19.02
C ASP A 653 22.42 29.43 -18.64
N LYS A 654 21.59 30.19 -19.35
CA LYS A 654 21.45 31.62 -19.16
C LYS A 654 20.69 32.08 -17.93
N SER A 655 20.84 31.36 -16.84
CA SER A 655 20.15 31.79 -15.63
C SER A 655 21.22 32.25 -14.63
N PRO A 656 20.88 33.27 -13.81
CA PRO A 656 21.71 34.07 -12.90
C PRO A 656 22.93 33.39 -12.27
N SER A 657 23.98 34.17 -12.01
CA SER A 657 25.22 33.57 -11.54
C SER A 657 25.68 34.08 -10.17
N ARG A 658 26.48 33.26 -9.48
CA ARG A 658 27.02 33.55 -8.15
C ARG A 658 28.34 34.32 -8.28
N ARG A 659 28.71 34.57 -9.53
CA ARG A 659 30.07 34.88 -10.00
C ARG A 659 30.49 36.35 -9.88
N THR A 660 30.37 37.03 -11.02
CA THR A 660 30.77 38.42 -11.35
C THR A 660 31.56 38.39 -12.66
N GLY A 661 30.90 37.87 -13.70
CA GLY A 661 31.36 37.98 -15.08
C GLY A 661 30.30 38.58 -16.05
N GLU A 662 29.05 38.10 -16.11
CA GLU A 662 28.35 37.16 -15.22
C GLU A 662 26.99 36.70 -15.81
N LEU A 663 25.89 36.67 -15.02
CA LEU A 663 24.62 36.21 -15.57
C LEU A 663 23.31 36.83 -15.10
N ASP A 664 23.10 36.85 -13.79
CA ASP A 664 21.92 37.40 -13.14
C ASP A 664 20.83 37.89 -14.08
N ASN A 665 19.79 38.46 -13.49
CA ASN A 665 18.65 38.98 -14.24
C ASN A 665 19.08 39.96 -15.32
N ARG A 666 20.16 40.69 -15.08
CA ARG A 666 20.63 41.67 -16.08
C ARG A 666 20.46 41.18 -17.53
N GLY A 667 21.06 40.02 -17.87
CA GLY A 667 20.91 39.41 -19.19
C GLY A 667 19.80 38.37 -19.29
N SER A 668 19.73 37.43 -18.34
CA SER A 668 18.63 36.46 -18.31
C SER A 668 17.34 37.23 -18.51
N HIS A 669 17.25 38.33 -17.78
CA HIS A 669 16.50 39.52 -18.18
C HIS A 669 16.39 39.73 -19.68
N PHE A 670 17.45 40.29 -20.23
CA PHE A 670 17.55 40.59 -21.64
C PHE A 670 17.29 39.36 -22.51
N TYR A 671 17.91 38.23 -22.19
CA TYR A 671 17.91 37.11 -23.13
C TYR A 671 16.52 36.68 -23.51
N LEU A 672 15.58 36.70 -22.57
CA LEU A 672 14.24 36.33 -22.99
C LEU A 672 13.59 37.47 -23.81
N SER A 673 14.13 38.69 -23.76
CA SER A 673 13.67 39.69 -24.73
C SER A 673 14.09 39.25 -26.12
N LEU A 674 15.35 38.84 -26.22
CA LEU A 674 15.88 38.19 -27.41
C LEU A 674 15.03 36.97 -27.81
N TYR A 675 14.50 36.22 -26.83
CA TYR A 675 13.76 34.96 -27.12
C TYR A 675 12.28 35.12 -27.20
N TRP A 676 11.74 35.98 -26.35
CA TRP A 676 10.33 36.29 -26.40
C TRP A 676 10.20 37.41 -27.43
N ALA A 677 10.58 37.02 -28.65
CA ALA A 677 10.65 37.88 -29.84
C ALA A 677 11.18 37.00 -30.96
N GLU A 678 12.28 36.30 -30.66
CA GLU A 678 12.67 35.07 -31.36
C GLU A 678 11.49 34.30 -31.93
N ALA A 679 10.55 33.97 -31.04
CA ALA A 679 9.42 33.09 -31.37
C ALA A 679 8.19 33.88 -31.76
N LEU A 680 8.27 35.20 -31.60
CA LEU A 680 7.17 36.11 -31.93
C LEU A 680 7.23 36.56 -33.39
N ALA A 681 8.44 36.59 -33.96
CA ALA A 681 8.61 36.88 -35.37
C ALA A 681 8.44 35.61 -36.21
N ALA A 682 8.97 34.50 -35.71
CA ALA A 682 8.93 33.21 -36.43
C ALA A 682 7.57 32.53 -36.38
N GLN A 683 6.63 33.12 -35.65
CA GLN A 683 5.27 32.62 -35.47
C GLN A 683 4.39 32.86 -36.72
N ASN A 684 3.37 32.02 -36.94
CA ASN A 684 2.61 32.09 -38.19
C ASN A 684 1.09 31.92 -38.14
N GLU A 685 0.52 31.45 -37.02
CA GLU A 685 -0.94 31.32 -36.86
C GLU A 685 -1.69 32.62 -37.14
N ASP A 686 -0.97 33.73 -36.99
CA ASP A 686 -1.54 35.04 -36.72
C ASP A 686 -0.92 36.09 -37.67
N ALA A 687 -1.70 37.11 -38.02
CA ALA A 687 -1.24 38.19 -38.91
C ALA A 687 -1.30 39.56 -38.21
N GLU A 688 -2.07 39.62 -37.14
CA GLU A 688 -2.20 40.80 -36.29
C GLU A 688 -0.85 41.07 -35.62
N LEU A 689 -0.43 40.09 -34.82
CA LEU A 689 0.83 40.04 -34.10
C LEU A 689 1.89 39.40 -34.97
N LYS A 690 1.69 39.53 -36.28
CA LYS A 690 2.63 39.06 -37.31
C LYS A 690 4.07 39.39 -36.97
N ALA A 691 4.19 40.35 -36.05
CA ALA A 691 5.44 40.94 -35.62
C ALA A 691 5.94 41.85 -36.74
N LYS A 692 5.87 43.20 -36.58
CA LYS A 692 5.25 44.02 -35.50
C LYS A 692 5.93 43.92 -34.12
N PHE A 693 6.68 42.85 -33.93
CA PHE A 693 7.57 42.56 -32.80
C PHE A 693 8.83 42.10 -33.46
N ALA A 694 8.95 42.69 -34.64
CA ALA A 694 10.06 42.55 -35.57
C ALA A 694 10.94 43.81 -35.54
N PRO A 695 10.81 44.64 -34.48
CA PRO A 695 11.70 45.80 -34.28
C PRO A 695 12.91 44.94 -34.10
N LEU A 696 12.46 43.77 -34.51
CA LEU A 696 13.07 42.45 -34.64
C LEU A 696 13.99 42.01 -33.54
N ALA A 697 13.54 40.92 -32.93
CA ALA A 697 14.33 39.99 -32.13
C ALA A 697 15.81 39.87 -32.48
N LYS A 698 16.14 40.07 -33.74
CA LYS A 698 17.51 39.89 -34.19
C LYS A 698 18.30 41.20 -34.02
N ALA A 699 17.66 42.23 -33.45
CA ALA A 699 18.36 43.43 -32.99
C ALA A 699 19.02 43.16 -31.64
N LEU A 700 18.43 42.23 -30.92
CA LEU A 700 19.04 41.72 -29.72
C LEU A 700 19.95 40.57 -30.13
N ALA A 701 20.03 40.35 -31.44
CA ALA A 701 20.93 39.36 -32.04
C ALA A 701 21.89 39.97 -33.06
N GLU A 702 21.60 41.20 -33.52
CA GLU A 702 22.60 42.02 -34.23
C GLU A 702 23.79 42.08 -33.28
N ASN A 703 23.47 42.70 -32.15
CA ASN A 703 24.37 42.91 -31.04
C ASN A 703 23.92 42.03 -29.87
N GLU A 704 24.38 40.78 -29.87
CA GLU A 704 23.90 39.77 -28.93
C GLU A 704 24.99 39.23 -28.02
N GLN A 705 26.16 39.86 -28.06
CA GLN A 705 27.27 39.49 -27.19
C GLN A 705 27.88 40.77 -26.63
N LYS A 706 27.11 41.85 -26.70
CA LYS A 706 27.64 43.20 -26.45
C LYS A 706 26.93 43.88 -25.29
N ILE A 707 25.60 43.86 -25.30
CA ILE A 707 24.83 44.21 -24.12
C ILE A 707 25.51 43.51 -22.94
N VAL A 708 25.76 42.23 -23.17
CA VAL A 708 26.53 41.36 -22.28
C VAL A 708 27.88 41.95 -21.86
N ALA A 709 28.55 42.63 -22.78
CA ALA A 709 29.89 43.15 -22.53
C ALA A 709 29.86 44.63 -22.16
N GLU A 710 28.84 45.33 -22.66
CA GLU A 710 28.64 46.75 -22.37
C GLU A 710 28.40 46.95 -20.89
N LEU A 711 27.75 45.97 -20.29
CA LEU A 711 27.48 46.01 -18.87
C LEU A 711 28.32 44.96 -18.13
N ALA A 712 29.14 44.22 -18.86
CA ALA A 712 30.17 43.41 -18.22
C ALA A 712 31.15 44.37 -17.61
N GLN A 713 31.44 45.42 -18.37
CA GLN A 713 32.30 46.48 -17.92
C GLN A 713 31.60 47.33 -16.85
N VAL A 714 30.30 47.08 -16.66
CA VAL A 714 29.49 47.74 -15.63
C VAL A 714 30.21 47.89 -14.27
N GLN A 715 31.25 47.08 -14.08
CA GLN A 715 32.19 47.07 -12.92
C GLN A 715 32.09 46.37 -11.53
N GLY A 716 30.94 46.08 -10.89
CA GLY A 716 31.14 45.49 -9.60
C GLY A 716 31.56 46.74 -8.90
N LYS A 717 32.76 46.73 -8.30
CA LYS A 717 33.24 47.79 -7.39
C LYS A 717 32.03 48.57 -6.77
N PRO A 718 32.01 49.92 -6.73
CA PRO A 718 30.66 50.15 -6.20
C PRO A 718 29.69 50.99 -7.04
N ALA A 719 28.39 50.68 -6.88
CA ALA A 719 27.29 51.58 -7.21
C ALA A 719 26.39 51.70 -5.97
N ASP A 720 25.77 52.86 -5.76
CA ASP A 720 24.92 53.01 -4.58
C ASP A 720 23.47 53.25 -4.98
N ILE A 721 22.57 52.53 -4.30
CA ILE A 721 21.13 52.62 -4.47
C ILE A 721 20.65 53.84 -3.66
N GLY A 722 21.62 54.49 -3.02
CA GLY A 722 21.40 55.75 -2.31
C GLY A 722 20.46 55.63 -1.13
N GLY A 723 20.22 54.39 -0.73
CA GLY A 723 19.21 54.10 0.28
C GLY A 723 18.93 52.63 0.17
N TYR A 724 18.21 52.09 1.14
CA TYR A 724 17.99 50.66 1.18
C TYR A 724 16.51 50.32 1.00
N TYR A 725 15.65 50.80 1.89
CA TYR A 725 14.24 50.43 1.90
C TYR A 725 13.47 51.40 1.01
N ALA A 726 13.62 52.66 1.36
CA ALA A 726 13.11 53.74 0.54
C ALA A 726 14.30 54.22 -0.24
N VAL A 727 14.13 54.11 -1.53
CA VAL A 727 15.12 54.52 -2.48
C VAL A 727 14.36 55.40 -3.46
N ASP A 728 15.11 56.22 -4.19
CA ASP A 728 14.52 57.12 -5.16
C ASP A 728 14.21 56.38 -6.46
N PRO A 729 13.85 57.14 -7.48
CA PRO A 729 13.51 56.55 -8.78
C PRO A 729 14.42 57.12 -9.88
N ALA A 730 15.61 57.55 -9.52
CA ALA A 730 16.55 58.08 -10.50
C ALA A 730 17.98 57.60 -10.24
N LYS A 731 18.12 56.39 -9.69
CA LYS A 731 19.45 55.87 -9.39
C LYS A 731 19.59 54.34 -9.28
N VAL A 732 18.95 53.58 -10.17
CA VAL A 732 19.09 52.14 -10.12
C VAL A 732 18.72 51.85 -11.54
N SER A 733 18.59 52.99 -12.24
CA SER A 733 18.68 53.08 -13.66
C SER A 733 20.16 52.89 -13.94
N ALA A 734 20.96 53.87 -13.51
CA ALA A 734 22.40 53.84 -13.70
C ALA A 734 23.06 52.60 -13.08
N VAL A 735 22.39 51.47 -13.19
CA VAL A 735 22.90 50.21 -12.66
C VAL A 735 22.12 49.06 -13.28
N MET A 736 20.89 48.89 -12.84
CA MET A 736 20.01 47.84 -13.35
C MET A 736 19.78 48.08 -14.82
N ARG A 737 19.89 49.36 -15.20
CA ARG A 737 19.75 49.77 -16.59
C ARG A 737 21.02 50.55 -16.88
N PRO A 738 22.11 49.83 -17.08
CA PRO A 738 23.42 50.46 -17.30
C PRO A 738 23.93 50.63 -18.73
N SER A 739 23.41 49.91 -19.73
CA SER A 739 24.00 50.13 -21.05
C SER A 739 23.78 51.53 -21.64
N ALA A 740 23.36 51.47 -22.90
CA ALA A 740 22.89 52.61 -23.68
C ALA A 740 22.23 51.99 -24.91
N THR A 741 22.82 50.86 -25.36
CA THR A 741 22.36 50.06 -26.48
C THR A 741 21.12 49.20 -26.16
N PHE A 742 20.89 49.06 -24.86
CA PHE A 742 19.83 48.25 -24.22
C PHE A 742 18.43 48.83 -24.47
N ASN A 743 18.15 50.01 -23.89
CA ASN A 743 16.84 50.62 -23.83
C ASN A 743 16.50 51.16 -25.20
N ALA A 744 17.56 51.36 -25.96
CA ALA A 744 17.48 51.72 -27.36
C ALA A 744 16.51 50.80 -28.09
N ALA A 745 16.98 49.63 -28.52
CA ALA A 745 16.16 48.73 -29.32
C ALA A 745 14.90 48.27 -28.58
N SER B 12 -34.35 -37.91 -0.31
CA SER B 12 -33.21 -37.11 -0.82
C SER B 12 -31.87 -37.44 -0.16
N THR B 13 -30.86 -37.67 -0.99
CA THR B 13 -29.69 -38.43 -0.61
C THR B 13 -28.45 -37.60 -0.40
N ILE B 14 -27.66 -37.94 0.63
CA ILE B 14 -26.26 -37.50 0.71
C ILE B 14 -25.32 -38.66 0.40
N ILE B 15 -24.48 -38.54 -0.62
CA ILE B 15 -23.49 -39.59 -0.87
C ILE B 15 -22.18 -39.36 -0.11
N TYR B 16 -21.78 -40.38 0.65
CA TYR B 16 -20.68 -40.27 1.61
C TYR B 16 -19.56 -41.25 1.20
N THR B 17 -18.38 -40.71 0.91
CA THR B 17 -17.31 -41.53 0.35
C THR B 17 -16.62 -42.39 1.38
N LEU B 18 -16.47 -43.69 1.10
CA LEU B 18 -15.68 -44.58 1.95
C LEU B 18 -14.27 -44.71 1.39
N THR B 19 -13.39 -43.79 1.78
CA THR B 19 -12.04 -43.70 1.24
C THR B 19 -11.01 -44.70 1.81
N ASP B 20 -9.79 -44.21 2.08
CA ASP B 20 -8.70 -45.06 2.57
C ASP B 20 -8.26 -44.75 4.01
N GLU B 21 -7.60 -45.74 4.62
CA GLU B 21 -6.89 -45.60 5.90
C GLU B 21 -7.64 -44.88 7.02
N ALA B 22 -7.05 -43.79 7.52
CA ALA B 22 -7.54 -43.16 8.75
C ALA B 22 -8.96 -42.61 8.63
N PRO B 23 -9.22 -41.70 7.69
CA PRO B 23 -10.60 -41.19 7.71
C PRO B 23 -11.63 -42.27 7.32
N LEU B 24 -11.15 -43.39 6.80
CA LEU B 24 -12.05 -44.51 6.60
C LEU B 24 -12.49 -45.02 7.97
N LEU B 25 -11.51 -45.35 8.82
CA LEU B 25 -11.77 -45.83 10.17
C LEU B 25 -12.68 -44.86 10.94
N ALA B 26 -12.45 -43.56 10.77
CA ALA B 26 -13.24 -42.59 11.48
C ALA B 26 -14.71 -42.76 11.15
N THR B 27 -15.01 -43.14 9.91
CA THR B 27 -16.39 -43.11 9.47
C THR B 27 -17.13 -44.41 9.78
N TYR B 28 -16.43 -45.50 10.08
CA TYR B 28 -17.12 -46.65 10.65
C TYR B 28 -17.72 -46.27 12.01
N SER B 29 -17.12 -45.27 12.63
CA SER B 29 -17.62 -44.70 13.86
C SER B 29 -18.68 -43.62 13.62
N LEU B 30 -18.32 -42.59 12.85
CA LEU B 30 -19.19 -41.45 12.74
C LEU B 30 -20.45 -41.67 11.91
N LEU B 31 -20.41 -42.55 10.91
CA LEU B 31 -21.53 -42.67 9.96
C LEU B 31 -22.83 -43.18 10.59
N PRO B 32 -22.76 -44.17 11.51
CA PRO B 32 -23.97 -44.49 12.30
C PRO B 32 -24.60 -43.28 13.00
N ILE B 33 -23.78 -42.43 13.59
CA ILE B 33 -24.25 -41.19 14.17
C ILE B 33 -24.91 -40.35 13.09
N ILE B 34 -24.30 -40.30 11.91
CA ILE B 34 -24.83 -39.41 10.88
C ILE B 34 -26.15 -39.94 10.37
N GLU B 35 -26.21 -41.25 10.21
CA GLU B 35 -27.41 -41.90 9.71
C GLU B 35 -28.60 -41.67 10.64
N THR B 36 -28.36 -41.66 11.96
CA THR B 36 -29.47 -41.52 12.90
C THR B 36 -29.95 -40.07 13.07
N PHE B 37 -29.04 -39.11 13.08
CA PHE B 37 -29.44 -37.70 13.16
C PHE B 37 -30.19 -37.22 11.93
N THR B 38 -29.89 -37.80 10.79
CA THR B 38 -30.42 -37.27 9.54
C THR B 38 -31.73 -37.91 9.11
N LYS B 39 -32.03 -39.11 9.61
CA LYS B 39 -33.28 -39.79 9.23
C LYS B 39 -34.51 -38.90 9.37
N PRO B 40 -34.71 -38.26 10.53
CA PRO B 40 -35.95 -37.49 10.69
C PRO B 40 -36.10 -36.32 9.74
N ALA B 41 -35.08 -36.03 8.94
CA ALA B 41 -35.21 -34.95 7.98
C ALA B 41 -35.51 -35.54 6.60
N GLY B 42 -35.71 -36.85 6.57
CA GLY B 42 -35.95 -37.58 5.33
C GLY B 42 -34.72 -37.57 4.45
N ILE B 43 -33.58 -37.77 5.07
CA ILE B 43 -32.31 -37.77 4.39
C ILE B 43 -31.72 -39.15 4.41
N GLU B 44 -31.53 -39.71 3.22
CA GLU B 44 -30.90 -41.01 3.05
C GLU B 44 -29.39 -40.78 2.98
N ILE B 45 -28.58 -41.72 3.45
CA ILE B 45 -27.14 -41.56 3.35
C ILE B 45 -26.51 -42.79 2.75
N VAL B 46 -26.04 -42.63 1.52
CA VAL B 46 -25.54 -43.75 0.70
C VAL B 46 -24.02 -43.84 0.78
N LYS B 47 -23.49 -45.03 1.00
CA LYS B 47 -22.04 -45.18 1.01
C LYS B 47 -21.54 -45.25 -0.41
N SER B 48 -20.32 -44.81 -0.65
CA SER B 48 -19.66 -45.03 -1.94
C SER B 48 -18.18 -45.30 -1.76
N ASP B 49 -17.74 -46.54 -2.05
CA ASP B 49 -16.36 -46.97 -1.86
C ASP B 49 -15.41 -46.58 -3.01
N ILE B 50 -14.45 -45.68 -2.75
CA ILE B 50 -13.48 -45.30 -3.76
C ILE B 50 -12.07 -45.42 -3.23
N SER B 51 -11.82 -46.47 -2.47
CA SER B 51 -10.47 -46.75 -2.00
C SER B 51 -9.59 -47.19 -3.16
N VAL B 52 -8.29 -46.95 -3.06
CA VAL B 52 -7.30 -47.64 -3.88
C VAL B 52 -7.76 -49.06 -4.22
N ALA B 53 -7.99 -49.86 -3.18
CA ALA B 53 -8.45 -51.23 -3.31
C ALA B 53 -9.67 -51.38 -4.23
N ALA B 54 -10.71 -50.60 -3.95
CA ALA B 54 -11.94 -50.62 -4.75
C ALA B 54 -11.70 -50.26 -6.21
N ARG B 55 -10.94 -49.18 -6.41
CA ARG B 55 -10.64 -48.65 -7.72
C ARG B 55 -9.76 -49.60 -8.52
N VAL B 56 -8.94 -50.38 -7.83
CA VAL B 56 -8.14 -51.41 -8.51
C VAL B 56 -9.05 -52.56 -8.97
N LEU B 57 -9.84 -53.12 -8.06
CA LEU B 57 -10.70 -54.24 -8.43
C LEU B 57 -11.71 -53.85 -9.52
N ALA B 58 -11.91 -52.56 -9.72
CA ALA B 58 -12.84 -52.14 -10.76
C ALA B 58 -12.18 -52.28 -12.11
N GLU B 59 -10.96 -51.79 -12.19
CA GLU B 59 -10.22 -51.78 -13.43
C GLU B 59 -9.93 -53.17 -13.91
N PHE B 60 -9.96 -54.13 -12.97
CA PHE B 60 -9.49 -55.46 -13.28
C PHE B 60 -10.55 -56.51 -13.05
N ALA B 61 -11.78 -56.18 -13.44
CA ALA B 61 -12.89 -57.10 -13.34
C ALA B 61 -12.67 -58.30 -14.25
N ASP B 62 -11.91 -58.11 -15.31
CA ASP B 62 -11.56 -59.18 -16.24
C ASP B 62 -10.83 -60.30 -15.49
N TYR B 63 -10.08 -59.93 -14.45
CA TYR B 63 -9.35 -60.91 -13.66
C TYR B 63 -10.15 -61.49 -12.50
N LEU B 64 -11.39 -61.06 -12.32
CA LEU B 64 -12.08 -61.38 -11.08
C LEU B 64 -13.17 -62.42 -11.25
N SER B 65 -13.39 -63.19 -10.20
CA SER B 65 -14.54 -64.09 -10.12
C SER B 65 -15.84 -63.28 -10.17
N GLU B 66 -16.97 -63.95 -10.32
CA GLU B 66 -18.23 -63.22 -10.46
C GLU B 66 -18.59 -62.43 -9.21
N GLU B 67 -18.72 -63.08 -8.05
CA GLU B 67 -19.04 -62.33 -6.84
C GLU B 67 -17.79 -61.86 -6.13
N GLN B 68 -16.67 -61.89 -6.86
CA GLN B 68 -15.46 -61.17 -6.47
C GLN B 68 -15.57 -59.74 -6.99
N LYS B 69 -16.25 -59.59 -8.13
CA LYS B 69 -16.31 -58.33 -8.87
C LYS B 69 -16.83 -57.19 -8.01
N VAL B 70 -16.55 -55.97 -8.45
CA VAL B 70 -16.93 -54.76 -7.72
C VAL B 70 -17.45 -53.72 -8.72
N SER B 71 -18.43 -52.94 -8.32
CA SER B 71 -18.89 -51.85 -9.16
C SER B 71 -17.87 -50.71 -9.16
N ASP B 72 -17.56 -50.20 -10.35
CA ASP B 72 -16.68 -49.04 -10.52
C ASP B 72 -17.38 -47.78 -10.02
N ASN B 73 -17.17 -47.48 -8.74
CA ASN B 73 -17.86 -46.37 -8.09
C ASN B 73 -17.42 -44.98 -8.56
N LEU B 74 -16.12 -44.81 -8.79
CA LEU B 74 -15.60 -43.52 -9.23
C LEU B 74 -16.31 -43.11 -10.51
N ALA B 75 -16.45 -44.07 -11.41
CA ALA B 75 -17.17 -43.88 -12.66
C ALA B 75 -18.61 -43.43 -12.42
N GLU B 76 -19.30 -44.13 -11.52
CA GLU B 76 -20.69 -43.81 -11.22
C GLU B 76 -20.79 -42.45 -10.55
N LEU B 77 -19.83 -42.15 -9.68
CA LEU B 77 -19.75 -40.81 -9.10
C LEU B 77 -19.60 -39.76 -10.19
N GLY B 78 -18.67 -39.99 -11.11
CA GLY B 78 -18.48 -39.11 -12.26
C GLY B 78 -19.76 -38.79 -13.02
N ARG B 79 -20.49 -39.83 -13.45
CA ARG B 79 -21.78 -39.61 -14.10
C ARG B 79 -22.65 -38.75 -13.19
N LEU B 80 -22.61 -39.04 -11.90
CA LEU B 80 -23.49 -38.40 -10.95
C LEU B 80 -23.22 -36.91 -10.80
N THR B 81 -22.06 -36.47 -11.26
CA THR B 81 -21.76 -35.04 -11.28
C THR B 81 -22.80 -34.26 -12.06
N GLN B 82 -23.37 -34.92 -13.07
CA GLN B 82 -24.30 -34.26 -13.97
C GLN B 82 -25.71 -34.12 -13.40
N ASP B 83 -26.09 -34.97 -12.45
CA ASP B 83 -27.43 -34.90 -11.87
C ASP B 83 -27.48 -33.75 -10.88
N PRO B 84 -28.48 -32.86 -11.01
CA PRO B 84 -28.62 -31.69 -10.14
C PRO B 84 -28.87 -31.96 -8.64
N ASP B 85 -29.53 -33.06 -8.31
CA ASP B 85 -29.84 -33.38 -6.91
C ASP B 85 -28.58 -33.83 -6.11
N THR B 86 -27.59 -34.35 -6.82
CA THR B 86 -26.36 -34.90 -6.24
C THR B 86 -25.74 -34.09 -5.09
N ASN B 87 -25.29 -34.80 -4.07
CA ASN B 87 -24.79 -34.19 -2.83
C ASN B 87 -23.71 -35.08 -2.21
N ILE B 88 -22.45 -34.69 -2.38
CA ILE B 88 -21.34 -35.56 -2.01
C ILE B 88 -20.49 -34.99 -0.87
N ILE B 89 -20.16 -35.84 0.10
CA ILE B 89 -19.22 -35.49 1.14
C ILE B 89 -17.98 -36.31 0.85
N LYS B 90 -16.91 -35.64 0.41
CA LYS B 90 -15.67 -36.33 -0.03
C LYS B 90 -14.53 -36.16 0.98
N LEU B 91 -14.09 -37.28 1.53
CA LEU B 91 -13.05 -37.26 2.55
C LEU B 91 -11.69 -37.48 1.92
N PRO B 92 -10.62 -37.17 2.65
CA PRO B 92 -9.29 -37.53 2.12
C PRO B 92 -9.22 -38.95 1.62
N ASN B 93 -8.51 -39.16 0.51
CA ASN B 93 -8.21 -40.50 0.04
C ASN B 93 -6.85 -40.54 -0.64
N ILE B 94 -6.27 -41.73 -0.67
CA ILE B 94 -4.93 -41.92 -1.22
C ILE B 94 -4.80 -41.55 -2.69
N SER B 95 -3.83 -40.68 -3.02
CA SER B 95 -3.41 -40.49 -4.39
C SER B 95 -2.17 -41.34 -4.62
N ALA B 96 -2.42 -42.64 -4.81
CA ALA B 96 -1.44 -43.70 -4.64
C ALA B 96 -0.15 -43.55 -5.42
N SER B 97 0.95 -43.64 -4.68
CA SER B 97 2.26 -43.87 -5.24
C SER B 97 2.35 -45.30 -5.75
N VAL B 98 3.41 -45.59 -6.49
CA VAL B 98 3.65 -46.95 -6.95
C VAL B 98 3.75 -47.92 -5.76
N ALA B 99 4.47 -47.49 -4.72
CA ALA B 99 4.77 -48.36 -3.58
C ALA B 99 3.48 -48.79 -2.90
N GLN B 100 2.55 -47.84 -2.76
CA GLN B 100 1.27 -48.12 -2.13
C GLN B 100 0.51 -49.16 -2.97
N LEU B 101 0.43 -48.91 -4.27
CA LEU B 101 -0.33 -49.75 -5.19
C LEU B 101 0.18 -51.19 -5.24
N THR B 102 1.49 -51.32 -5.38
CA THR B 102 2.13 -52.64 -5.36
C THR B 102 1.77 -53.36 -4.05
N ALA B 103 1.62 -52.58 -2.98
CA ALA B 103 1.26 -53.11 -1.67
C ALA B 103 -0.21 -53.52 -1.61
N CYS B 104 -1.08 -52.61 -2.04
CA CYS B 104 -2.51 -52.90 -2.20
C CYS B 104 -2.71 -54.11 -3.10
N ILE B 105 -1.97 -54.14 -4.21
CA ILE B 105 -1.96 -55.30 -5.10
C ILE B 105 -1.57 -56.55 -4.32
N LYS B 106 -0.46 -56.49 -3.61
CA LYS B 106 0.03 -57.69 -2.94
C LYS B 106 -0.89 -58.12 -1.79
N GLU B 107 -1.55 -57.17 -1.13
CA GLU B 107 -2.50 -57.53 -0.08
C GLU B 107 -3.73 -58.20 -0.67
N LEU B 108 -4.22 -57.63 -1.77
CA LEU B 108 -5.42 -58.13 -2.45
C LEU B 108 -5.24 -59.54 -3.00
N GLN B 109 -4.04 -59.81 -3.52
CA GLN B 109 -3.70 -61.13 -4.01
C GLN B 109 -3.82 -62.13 -2.87
N SER B 110 -3.26 -61.77 -1.72
CA SER B 110 -3.31 -62.59 -0.51
C SER B 110 -4.74 -62.93 -0.08
N LYS B 111 -5.63 -61.97 -0.23
CA LYS B 111 -7.05 -62.16 0.04
C LYS B 111 -7.74 -62.93 -1.10
N GLY B 112 -6.96 -63.34 -2.10
CA GLY B 112 -7.45 -64.21 -3.15
C GLY B 112 -8.06 -63.56 -4.39
N TYR B 113 -7.73 -62.32 -4.65
CA TYR B 113 -8.15 -61.69 -5.91
C TYR B 113 -6.98 -61.81 -6.89
N ALA B 114 -7.08 -62.75 -7.84
CA ALA B 114 -5.97 -63.01 -8.76
C ALA B 114 -5.77 -61.91 -9.82
N ILE B 115 -5.56 -60.70 -9.35
CA ILE B 115 -5.13 -59.61 -10.21
C ILE B 115 -3.67 -59.90 -10.50
N PRO B 116 -3.13 -59.29 -11.57
CA PRO B 116 -1.72 -59.57 -11.92
C PRO B 116 -0.79 -58.68 -11.12
N ASP B 117 0.51 -59.00 -11.07
CA ASP B 117 1.46 -58.16 -10.34
C ASP B 117 1.55 -56.78 -10.95
N TYR B 118 2.48 -55.96 -10.49
CA TYR B 118 2.69 -54.71 -11.20
C TYR B 118 4.02 -54.80 -11.90
N PRO B 119 3.97 -54.90 -13.23
CA PRO B 119 5.16 -54.92 -14.05
C PRO B 119 5.78 -53.53 -14.06
N GLU B 120 6.75 -53.26 -13.18
CA GLU B 120 7.25 -51.89 -13.05
C GLU B 120 7.96 -51.52 -14.33
N ASN B 121 8.77 -52.45 -14.83
CA ASN B 121 9.37 -52.34 -16.16
C ASN B 121 8.89 -53.46 -17.06
N PRO B 122 7.93 -53.16 -17.95
CA PRO B 122 7.28 -54.19 -18.77
C PRO B 122 8.28 -54.93 -19.63
N ALA B 123 7.99 -56.21 -19.87
CA ALA B 123 8.83 -57.04 -20.70
C ALA B 123 8.06 -57.53 -21.92
N THR B 124 6.77 -57.24 -22.00
CA THR B 124 6.03 -57.63 -23.19
C THR B 124 4.54 -57.97 -23.03
N GLU B 125 3.85 -57.91 -24.17
CA GLU B 125 2.43 -58.24 -24.30
C GLU B 125 1.40 -57.47 -23.47
N GLU B 126 1.17 -57.92 -22.25
CA GLU B 126 0.15 -57.36 -21.40
C GLU B 126 0.82 -56.41 -20.42
N GLU B 127 2.08 -56.70 -20.07
CA GLU B 127 2.86 -55.87 -19.17
C GLU B 127 2.88 -54.42 -19.67
N LYS B 128 2.96 -54.26 -20.99
CA LYS B 128 2.80 -52.94 -21.63
C LYS B 128 1.51 -52.29 -21.18
N THR B 129 0.43 -53.02 -21.43
CA THR B 129 -0.93 -52.49 -21.34
C THR B 129 -1.46 -52.51 -19.92
N ILE B 130 -0.99 -53.46 -19.13
CA ILE B 130 -1.35 -53.53 -17.72
C ILE B 130 -0.80 -52.33 -16.97
N LYS B 131 0.52 -52.11 -17.02
CA LYS B 131 1.13 -50.95 -16.36
C LYS B 131 0.44 -49.60 -16.71
N ALA B 132 -0.25 -49.54 -17.83
CA ALA B 132 -0.98 -48.33 -18.18
C ALA B 132 -2.39 -48.42 -17.65
N ARG B 133 -2.84 -49.65 -17.43
CA ARG B 133 -4.15 -49.88 -16.83
C ARG B 133 -4.09 -49.81 -15.29
N TYR B 134 -2.93 -50.07 -14.69
CA TYR B 134 -2.72 -49.76 -13.29
C TYR B 134 -2.50 -48.25 -13.19
N GLY B 135 -2.09 -47.64 -14.30
CA GLY B 135 -1.82 -46.21 -14.31
C GLY B 135 -3.04 -45.39 -13.99
N LYS B 136 -4.18 -45.83 -14.47
CA LYS B 136 -5.43 -45.11 -14.27
C LYS B 136 -5.73 -45.01 -12.78
N CYS B 137 -5.13 -45.93 -12.02
CA CYS B 137 -5.22 -46.03 -10.56
C CYS B 137 -4.16 -45.24 -9.80
N LEU B 138 -2.97 -45.11 -10.40
CA LEU B 138 -1.89 -44.35 -9.76
C LEU B 138 -2.19 -42.88 -9.73
N GLY B 139 -1.60 -42.19 -8.76
CA GLY B 139 -1.71 -40.75 -8.66
C GLY B 139 -3.11 -40.31 -8.27
N SER B 140 -3.34 -39.01 -8.43
CA SER B 140 -4.60 -38.41 -8.07
C SER B 140 -5.72 -38.76 -9.07
N ALA B 141 -6.17 -40.01 -9.02
CA ALA B 141 -7.24 -40.47 -9.89
C ALA B 141 -8.56 -39.76 -9.60
N VAL B 142 -8.82 -39.45 -8.33
CA VAL B 142 -10.19 -39.19 -7.95
C VAL B 142 -10.59 -37.73 -8.11
N ASN B 143 -9.79 -36.80 -7.59
CA ASN B 143 -10.13 -35.37 -7.67
C ASN B 143 -10.58 -34.88 -9.07
N PRO B 144 -9.85 -35.29 -10.16
CA PRO B 144 -10.24 -34.84 -11.52
C PRO B 144 -11.64 -35.25 -11.94
N VAL B 145 -12.06 -36.46 -11.54
CA VAL B 145 -13.40 -36.94 -11.86
C VAL B 145 -14.48 -36.19 -11.08
N LEU B 146 -14.18 -35.80 -9.83
CA LEU B 146 -15.20 -35.19 -8.97
C LEU B 146 -15.29 -33.67 -9.03
N ARG B 147 -14.19 -33.00 -9.33
CA ARG B 147 -14.11 -31.54 -9.11
C ARG B 147 -14.68 -30.75 -10.27
N GLU B 148 -15.94 -31.02 -10.59
CA GLU B 148 -16.55 -30.42 -11.76
C GLU B 148 -17.28 -29.11 -11.44
N GLY B 149 -16.53 -28.08 -11.00
CA GLY B 149 -17.03 -26.72 -11.13
C GLY B 149 -16.74 -25.55 -10.20
N ASN B 150 -15.46 -25.24 -10.01
CA ASN B 150 -15.03 -24.00 -9.30
C ASN B 150 -15.10 -24.13 -7.78
N SER B 151 -14.31 -23.28 -7.10
CA SER B 151 -14.13 -23.32 -5.65
C SER B 151 -14.90 -22.23 -4.86
N ASP B 152 -15.75 -22.69 -3.94
CA ASP B 152 -16.27 -21.83 -2.89
C ASP B 152 -15.59 -22.22 -1.59
N ARG B 153 -14.77 -21.33 -1.07
CA ARG B 153 -13.92 -21.75 0.02
C ARG B 153 -13.87 -20.71 1.12
N ARG B 154 -14.08 -21.14 2.36
CA ARG B 154 -14.15 -20.20 3.47
C ARG B 154 -13.98 -20.89 4.82
N ALA B 155 -13.79 -20.08 5.87
CA ALA B 155 -13.79 -20.58 7.24
C ALA B 155 -15.20 -20.41 7.76
N PRO B 156 -15.73 -21.46 8.43
CA PRO B 156 -17.06 -21.40 9.05
C PRO B 156 -17.08 -20.64 10.37
N ALA B 157 -18.25 -20.12 10.74
CA ALA B 157 -18.45 -19.43 12.02
C ALA B 157 -17.88 -20.20 13.22
N ALA B 158 -18.19 -21.49 13.28
CA ALA B 158 -17.69 -22.34 14.36
C ALA B 158 -16.23 -22.12 14.64
N VAL B 159 -15.42 -22.15 13.58
CA VAL B 159 -13.96 -22.05 13.73
C VAL B 159 -13.52 -20.60 13.87
N LYS B 160 -14.17 -19.72 13.11
CA LYS B 160 -13.79 -18.30 13.13
C LYS B 160 -13.88 -17.80 14.55
N ASN B 161 -14.99 -18.12 15.20
CA ASN B 161 -15.29 -17.62 16.53
C ASN B 161 -14.46 -18.24 17.66
N TYR B 162 -14.16 -19.52 17.55
CA TYR B 162 -13.25 -20.15 18.49
C TYR B 162 -11.85 -19.56 18.40
N ALA B 163 -11.38 -19.39 17.17
CA ALA B 163 -10.13 -18.68 16.87
C ALA B 163 -9.98 -17.38 17.66
N LYS B 164 -11.02 -16.54 17.61
CA LYS B 164 -11.01 -15.26 18.30
C LYS B 164 -10.92 -15.41 19.83
N LYS B 165 -11.74 -16.26 20.43
CA LYS B 165 -11.67 -16.47 21.87
C LYS B 165 -10.34 -17.12 22.25
N HIS B 166 -9.76 -17.85 21.31
CA HIS B 166 -8.53 -18.62 21.56
C HIS B 166 -7.45 -18.42 20.49
N PRO B 167 -6.84 -17.23 20.47
CA PRO B 167 -5.91 -16.86 19.41
C PRO B 167 -4.63 -17.66 19.40
N HIS B 168 -4.27 -18.17 18.23
CA HIS B 168 -2.98 -18.78 17.96
C HIS B 168 -1.86 -17.74 17.92
N SER B 169 -0.63 -18.23 17.89
CA SER B 169 0.55 -17.37 17.96
C SER B 169 0.85 -16.60 16.65
N MET B 170 1.19 -15.32 16.82
CA MET B 170 1.57 -14.42 15.74
C MET B 170 2.84 -13.64 16.10
N SER B 171 3.99 -14.05 15.55
CA SER B 171 5.26 -13.35 15.82
C SER B 171 5.26 -11.84 15.52
N GLU B 172 6.26 -11.14 16.06
CA GLU B 172 6.31 -9.69 15.99
C GLU B 172 6.92 -9.18 14.68
N TRP B 173 6.21 -8.24 14.06
CA TRP B 173 6.71 -7.58 12.86
C TRP B 173 7.41 -6.28 13.25
N LYS B 174 8.74 -6.27 13.26
CA LYS B 174 9.41 -5.02 13.61
C LYS B 174 9.16 -3.94 12.52
N GLN B 175 8.79 -2.74 12.96
CA GLN B 175 8.56 -1.62 12.05
C GLN B 175 9.68 -1.43 11.04
N TRP B 176 10.86 -1.93 11.40
CA TRP B 176 12.09 -1.73 10.64
C TRP B 176 12.62 -3.01 10.04
N SER B 177 11.75 -4.00 9.82
CA SER B 177 12.14 -5.27 9.19
C SER B 177 12.74 -4.98 7.83
N GLN B 178 13.62 -5.87 7.38
CA GLN B 178 14.16 -5.83 6.04
C GLN B 178 13.65 -6.98 5.14
N THR B 179 12.65 -7.74 5.59
CA THR B 179 12.09 -8.79 4.75
C THR B 179 11.27 -8.17 3.63
N HIS B 180 11.37 -8.74 2.43
CA HIS B 180 10.68 -8.22 1.25
C HIS B 180 10.64 -9.27 0.15
N VAL B 181 9.58 -9.19 -0.67
CA VAL B 181 9.44 -9.99 -1.88
C VAL B 181 10.30 -9.40 -2.95
N SER B 182 10.92 -10.23 -3.77
CA SER B 182 11.62 -9.71 -4.93
C SER B 182 11.22 -10.43 -6.21
N HIS B 183 10.57 -9.70 -7.11
CA HIS B 183 10.16 -10.30 -8.38
C HIS B 183 10.79 -9.60 -9.59
N MET B 184 10.48 -10.06 -10.80
CA MET B 184 11.06 -9.48 -11.98
C MET B 184 10.25 -8.27 -12.38
N GLU B 185 10.84 -7.35 -13.13
CA GLU B 185 10.14 -6.14 -13.52
C GLU B 185 9.93 -6.09 -15.02
N GLU B 186 10.60 -7.00 -15.72
CA GLU B 186 10.43 -7.14 -17.16
C GLU B 186 10.91 -8.53 -17.50
N GLY B 187 10.52 -9.07 -18.65
CA GLY B 187 11.06 -10.34 -19.11
C GLY B 187 10.52 -11.61 -18.49
N ASP B 188 9.51 -11.47 -17.64
CA ASP B 188 8.84 -12.61 -17.04
C ASP B 188 7.61 -12.91 -17.87
N PHE B 189 6.83 -13.90 -17.44
CA PHE B 189 5.62 -14.27 -18.13
C PHE B 189 4.67 -13.05 -18.25
N TYR B 190 4.39 -12.44 -17.09
CA TYR B 190 3.49 -11.29 -17.01
C TYR B 190 3.81 -10.24 -18.04
N HIS B 191 5.03 -9.73 -18.01
CA HIS B 191 5.33 -8.50 -18.71
C HIS B 191 5.39 -8.69 -20.22
N GLY B 192 5.57 -9.93 -20.66
CA GLY B 192 5.56 -10.27 -22.07
C GLY B 192 4.24 -10.83 -22.55
N GLU B 193 3.42 -11.25 -21.59
CA GLU B 193 2.16 -11.97 -21.85
C GLU B 193 1.26 -11.33 -22.93
N LYS B 194 0.66 -12.19 -23.76
CA LYS B 194 -0.33 -11.80 -24.79
C LYS B 194 -1.57 -12.69 -24.72
N SER B 195 -2.78 -12.12 -24.79
CA SER B 195 -3.97 -12.99 -24.77
C SER B 195 -5.23 -12.48 -25.53
N MET B 196 -6.16 -13.38 -25.80
CA MET B 196 -7.38 -13.08 -26.58
C MET B 196 -8.55 -13.97 -26.17
N THR B 197 -9.78 -13.53 -26.41
CA THR B 197 -10.87 -14.48 -26.31
C THR B 197 -11.27 -14.86 -27.73
N LEU B 198 -11.30 -16.15 -28.01
CA LEU B 198 -11.70 -16.65 -29.30
C LEU B 198 -13.13 -16.32 -29.67
N ASP B 199 -13.36 -15.92 -30.92
CA ASP B 199 -14.72 -15.63 -31.39
C ASP B 199 -15.31 -16.76 -32.25
N ARG B 200 -14.65 -17.91 -32.29
CA ARG B 200 -15.06 -19.01 -33.13
C ARG B 200 -14.36 -20.27 -32.63
N PRO B 201 -14.80 -21.46 -33.02
CA PRO B 201 -13.99 -22.63 -32.66
C PRO B 201 -12.77 -22.72 -33.57
N ARG B 202 -11.67 -23.28 -33.07
CA ARG B 202 -10.42 -23.32 -33.82
C ARG B 202 -9.65 -24.57 -33.45
N ASN B 203 -8.77 -25.03 -34.32
CA ASN B 203 -7.77 -26.04 -33.93
C ASN B 203 -6.39 -25.45 -34.14
N VAL B 204 -5.62 -25.36 -33.06
CA VAL B 204 -4.37 -24.66 -33.14
C VAL B 204 -3.22 -25.58 -32.88
N LYS B 205 -2.03 -25.13 -33.29
CA LYS B 205 -0.78 -25.81 -32.96
C LYS B 205 0.13 -24.78 -32.30
N MET B 206 0.99 -25.24 -31.41
CA MET B 206 2.04 -24.40 -30.87
C MET B 206 3.31 -24.71 -31.64
N GLU B 207 3.76 -23.72 -32.38
CA GLU B 207 4.78 -23.89 -33.41
C GLU B 207 5.81 -22.80 -33.22
N LEU B 208 7.08 -23.19 -33.17
CA LEU B 208 8.17 -22.24 -33.23
C LEU B 208 8.66 -22.07 -34.69
N ILE B 209 8.97 -20.85 -35.13
CA ILE B 209 9.70 -20.73 -36.39
C ILE B 209 11.15 -20.34 -36.07
N THR B 210 12.06 -21.32 -36.17
CA THR B 210 13.52 -21.09 -36.01
C THR B 210 13.96 -19.78 -36.65
N ASN B 211 14.83 -19.02 -35.99
CA ASN B 211 15.36 -17.79 -36.57
C ASN B 211 15.84 -18.00 -38.02
N SER B 212 16.34 -19.19 -38.28
CA SER B 212 16.81 -19.62 -39.60
C SER B 212 15.70 -19.99 -40.60
N GLY B 213 14.51 -20.35 -40.10
CA GLY B 213 13.39 -20.69 -40.95
C GLY B 213 12.80 -22.08 -40.76
N LYS B 214 13.57 -22.96 -40.12
CA LYS B 214 13.11 -24.30 -39.73
C LYS B 214 11.81 -24.21 -38.90
N SER B 215 10.82 -25.03 -39.20
CA SER B 215 9.57 -24.96 -38.43
C SER B 215 9.34 -26.18 -37.56
N ILE B 216 9.73 -26.07 -36.29
CA ILE B 216 9.48 -27.10 -35.26
C ILE B 216 8.11 -26.94 -34.61
N VAL B 217 7.33 -28.01 -34.59
CA VAL B 217 6.05 -28.01 -33.91
C VAL B 217 6.28 -28.50 -32.50
N LEU B 218 5.80 -27.77 -31.51
CA LEU B 218 6.01 -28.17 -30.12
C LEU B 218 4.74 -28.80 -29.55
N LYS B 219 3.59 -28.37 -30.04
CA LYS B 219 2.32 -28.94 -29.64
C LYS B 219 1.44 -29.02 -30.88
N PRO B 220 1.25 -30.24 -31.40
CA PRO B 220 0.51 -30.53 -32.63
C PRO B 220 -0.93 -30.02 -32.65
N LYS B 221 -1.84 -30.51 -31.83
CA LYS B 221 -3.22 -30.03 -31.93
C LYS B 221 -3.81 -29.67 -30.56
N VAL B 222 -4.37 -28.47 -30.44
CA VAL B 222 -5.17 -28.11 -29.25
C VAL B 222 -6.51 -27.47 -29.61
N ALA B 223 -7.61 -28.11 -29.19
CA ALA B 223 -8.96 -27.68 -29.57
C ALA B 223 -9.46 -26.53 -28.73
N LEU B 224 -9.97 -25.51 -29.39
CA LEU B 224 -10.46 -24.37 -28.68
C LEU B 224 -11.93 -24.13 -29.04
N GLN B 225 -12.69 -23.60 -28.09
CA GLN B 225 -14.09 -23.32 -28.29
C GLN B 225 -14.31 -21.81 -28.36
N GLU B 226 -15.45 -21.37 -28.91
CA GLU B 226 -15.78 -19.94 -28.93
C GLU B 226 -15.75 -19.43 -27.51
N GLY B 227 -15.26 -18.22 -27.31
CA GLY B 227 -15.32 -17.60 -25.99
C GLY B 227 -14.16 -17.98 -25.11
N GLU B 228 -13.38 -18.97 -25.54
CA GLU B 228 -12.27 -19.45 -24.74
C GLU B 228 -11.20 -18.33 -24.70
N ILE B 229 -10.71 -18.02 -23.50
CA ILE B 229 -9.61 -17.08 -23.37
C ILE B 229 -8.33 -17.86 -23.47
N ILE B 230 -7.42 -17.43 -24.33
CA ILE B 230 -6.10 -18.04 -24.39
C ILE B 230 -5.01 -16.99 -24.18
N ASP B 231 -3.90 -17.40 -23.57
CA ASP B 231 -2.77 -16.51 -23.31
C ASP B 231 -1.52 -17.15 -23.90
N SER B 232 -0.63 -16.32 -24.46
CA SER B 232 0.72 -16.76 -24.85
C SER B 232 1.76 -16.00 -24.03
N MET B 233 2.57 -16.76 -23.28
CA MET B 233 3.37 -16.21 -22.19
C MET B 233 4.71 -16.89 -22.15
N PHE B 234 5.77 -16.14 -21.92
CA PHE B 234 7.04 -16.82 -21.80
C PHE B 234 7.98 -16.14 -20.81
N MET B 235 8.75 -16.97 -20.11
CA MET B 235 9.83 -16.50 -19.24
C MET B 235 11.15 -16.40 -20.06
N SER B 236 11.78 -15.22 -20.04
CA SER B 236 13.04 -15.01 -20.73
C SER B 236 14.26 -15.40 -19.92
N LYS B 237 14.89 -16.51 -20.31
CA LYS B 237 16.04 -17.04 -19.58
C LYS B 237 17.09 -15.97 -19.29
N LYS B 238 17.31 -15.06 -20.22
CA LYS B 238 18.34 -14.04 -20.00
C LYS B 238 17.90 -13.09 -18.89
N ALA B 239 16.64 -12.68 -18.91
CA ALA B 239 16.16 -11.73 -17.91
C ALA B 239 16.16 -12.39 -16.52
N LEU B 240 15.70 -13.64 -16.48
CA LEU B 240 15.62 -14.39 -15.25
C LEU B 240 17.00 -14.47 -14.64
N CYS B 241 18.00 -14.72 -15.48
CA CYS B 241 19.32 -14.91 -14.94
C CYS B 241 19.96 -13.59 -14.49
N ASP B 242 19.65 -12.47 -15.16
CA ASP B 242 20.20 -11.18 -14.74
C ASP B 242 19.57 -10.82 -13.43
N PHE B 243 18.25 -10.94 -13.39
CA PHE B 243 17.50 -10.70 -12.16
C PHE B 243 18.01 -11.55 -10.97
N TYR B 244 18.39 -12.80 -11.25
CA TYR B 244 18.92 -13.65 -10.23
C TYR B 244 20.24 -13.08 -9.73
N GLU B 245 21.19 -12.96 -10.64
CA GLU B 245 22.52 -12.43 -10.33
C GLU B 245 22.42 -11.10 -9.59
N LYS B 246 21.60 -10.19 -10.09
CA LYS B 246 21.42 -8.89 -9.46
C LYS B 246 20.84 -9.03 -8.06
N GLN B 247 19.86 -9.92 -7.89
CA GLN B 247 19.18 -10.04 -6.59
C GLN B 247 20.05 -10.79 -5.61
N LEU B 248 20.76 -11.82 -6.07
CA LEU B 248 21.76 -12.48 -5.24
C LEU B 248 22.76 -11.48 -4.65
N ASP B 249 23.42 -10.71 -5.53
CA ASP B 249 24.38 -9.70 -5.08
C ASP B 249 23.72 -8.80 -4.07
N ASP B 250 22.51 -8.36 -4.41
CA ASP B 250 21.71 -7.49 -3.54
C ASP B 250 21.52 -8.01 -2.12
N CYS B 251 21.18 -9.28 -2.05
CA CYS B 251 20.87 -9.96 -0.80
C CYS B 251 22.07 -9.99 0.12
N ARG B 252 23.23 -10.41 -0.41
CA ARG B 252 24.47 -10.43 0.35
C ARG B 252 24.87 -9.04 0.84
N GLU B 253 24.64 -8.02 0.02
CA GLU B 253 24.97 -6.64 0.39
C GLU B 253 24.05 -6.12 1.49
N ALA B 254 22.96 -6.84 1.73
CA ALA B 254 21.98 -6.46 2.73
C ALA B 254 22.16 -7.28 3.98
N GLY B 255 22.89 -8.38 3.88
CA GLY B 255 23.26 -9.16 5.04
C GLY B 255 22.08 -9.92 5.57
N ILE B 256 21.42 -10.65 4.67
CA ILE B 256 20.08 -11.20 4.84
C ILE B 256 19.98 -12.58 4.20
N LEU B 257 19.08 -13.42 4.71
CA LEU B 257 18.78 -14.69 4.07
C LEU B 257 18.15 -14.53 2.67
N PHE B 258 18.71 -15.26 1.71
CA PHE B 258 18.18 -15.33 0.34
C PHE B 258 17.31 -16.56 0.17
N SER B 259 16.04 -16.36 -0.21
CA SER B 259 15.09 -17.48 -0.37
C SER B 259 14.31 -17.46 -1.68
N LEU B 260 13.87 -18.64 -2.12
CA LEU B 260 13.22 -18.83 -3.43
C LEU B 260 11.93 -19.62 -3.30
N HIS B 261 10.81 -18.96 -3.55
CA HIS B 261 9.50 -19.56 -3.30
C HIS B 261 8.76 -19.90 -4.58
N VAL B 262 8.52 -21.19 -4.75
CA VAL B 262 8.10 -21.76 -6.02
C VAL B 262 7.10 -22.93 -5.79
N LYS B 263 6.30 -23.25 -6.81
CA LYS B 263 5.30 -24.30 -6.72
C LYS B 263 5.58 -25.42 -7.72
N ALA B 264 6.72 -26.08 -7.59
CA ALA B 264 7.11 -27.10 -8.54
C ALA B 264 6.26 -28.38 -8.51
N THR B 265 5.36 -28.50 -7.55
CA THR B 265 4.59 -29.74 -7.45
C THR B 265 3.35 -29.64 -8.32
N MET B 266 3.04 -28.44 -8.76
CA MET B 266 1.93 -28.22 -9.69
C MET B 266 2.48 -27.96 -11.07
N MET B 267 3.26 -26.90 -11.17
CA MET B 267 3.96 -26.56 -12.40
C MET B 267 5.17 -27.46 -12.59
N LYS B 268 4.92 -28.72 -12.93
CA LYS B 268 5.95 -29.74 -12.90
C LYS B 268 6.99 -29.53 -14.02
N VAL B 269 6.65 -28.68 -14.98
CA VAL B 269 7.48 -28.41 -16.15
C VAL B 269 8.08 -27.02 -16.05
N SER B 270 7.21 -26.07 -15.75
CA SER B 270 7.55 -24.66 -15.76
C SER B 270 8.60 -24.28 -14.72
N HIS B 271 8.40 -24.76 -13.49
CA HIS B 271 9.09 -24.23 -12.31
C HIS B 271 10.42 -24.91 -11.95
N PRO B 272 10.56 -26.23 -12.16
CA PRO B 272 11.89 -26.81 -11.95
C PRO B 272 12.94 -26.11 -12.80
N ILE B 273 12.55 -25.65 -13.99
CA ILE B 273 13.47 -24.88 -14.79
C ILE B 273 13.84 -23.59 -14.08
N VAL B 274 12.85 -22.80 -13.64
CA VAL B 274 13.13 -21.52 -12.99
C VAL B 274 13.99 -21.72 -11.75
N PHE B 275 13.63 -22.74 -10.98
CA PHE B 275 14.40 -23.17 -9.82
C PHE B 275 15.85 -23.47 -10.15
N GLY B 276 16.08 -24.43 -11.05
CA GLY B 276 17.42 -24.85 -11.37
C GLY B 276 18.35 -23.76 -11.88
N HIS B 277 17.79 -22.65 -12.35
CA HIS B 277 18.63 -21.58 -12.85
C HIS B 277 19.11 -20.73 -11.70
N CYS B 278 18.42 -20.83 -10.57
CA CYS B 278 18.88 -20.15 -9.39
C CYS B 278 20.10 -20.86 -8.85
N VAL B 279 20.04 -22.18 -8.84
CA VAL B 279 21.14 -22.98 -8.35
C VAL B 279 22.37 -22.80 -9.22
N LYS B 280 22.19 -23.07 -10.52
CA LYS B 280 23.25 -22.97 -11.52
C LYS B 280 23.89 -21.60 -11.46
N ILE B 281 23.12 -20.57 -11.09
CA ILE B 281 23.71 -19.25 -11.03
C ILE B 281 24.46 -19.00 -9.71
N TYR B 282 23.78 -19.20 -8.58
CA TYR B 282 24.40 -19.06 -7.25
C TYR B 282 25.79 -19.67 -7.25
N TYR B 283 25.87 -20.94 -7.64
CA TYR B 283 27.15 -21.62 -7.80
C TYR B 283 27.69 -21.52 -9.25
N LYS B 284 27.60 -20.36 -9.90
CA LYS B 284 28.08 -20.25 -11.29
C LYS B 284 29.56 -20.63 -11.39
N GLU B 285 30.35 -20.22 -10.40
CA GLU B 285 31.79 -20.39 -10.47
C GLU B 285 32.15 -21.87 -10.47
N ALA B 286 31.38 -22.67 -9.74
CA ALA B 286 31.68 -24.09 -9.60
C ALA B 286 31.11 -24.92 -10.75
N PHE B 287 29.96 -24.51 -11.24
CA PHE B 287 29.33 -25.20 -12.36
C PHE B 287 30.15 -25.01 -13.64
N GLU B 288 30.70 -23.81 -13.84
CA GLU B 288 31.50 -23.54 -15.01
C GLU B 288 32.73 -24.44 -15.05
N LYS B 289 33.40 -24.62 -13.91
CA LYS B 289 34.56 -25.50 -13.87
C LYS B 289 34.18 -26.99 -13.96
N HIS B 290 32.96 -27.32 -13.54
CA HIS B 290 32.58 -28.73 -13.44
C HIS B 290 31.38 -29.14 -14.30
N GLY B 291 30.86 -28.21 -15.08
CA GLY B 291 29.74 -28.51 -15.96
C GLY B 291 30.10 -29.67 -16.87
N LYS B 292 31.39 -29.79 -17.19
CA LYS B 292 31.88 -30.85 -18.04
C LYS B 292 31.72 -32.22 -17.38
N LEU B 293 31.68 -32.26 -16.05
CA LEU B 293 31.54 -33.54 -15.41
C LEU B 293 30.09 -33.82 -15.03
N PHE B 294 29.38 -32.75 -14.68
CA PHE B 294 28.00 -32.85 -14.24
C PHE B 294 27.16 -33.35 -15.40
N ASP B 295 27.42 -32.78 -16.56
CA ASP B 295 26.70 -33.20 -17.75
C ASP B 295 27.03 -34.67 -18.00
N GLU B 296 28.29 -35.06 -17.80
CA GLU B 296 28.68 -36.46 -17.95
C GLU B 296 27.94 -37.36 -16.96
N LEU B 297 27.65 -36.83 -15.78
CA LEU B 297 27.07 -37.62 -14.71
C LEU B 297 25.55 -37.62 -14.74
N GLY B 298 24.97 -36.91 -15.71
CA GLY B 298 23.53 -36.83 -15.82
C GLY B 298 22.88 -36.07 -14.69
N ILE B 299 23.56 -35.02 -14.23
CA ILE B 299 23.11 -34.19 -13.12
C ILE B 299 22.20 -33.06 -13.60
N ASN B 300 20.90 -33.20 -13.33
CA ASN B 300 19.97 -32.12 -13.60
C ASN B 300 19.53 -31.41 -12.32
N VAL B 301 20.14 -30.27 -12.09
CA VAL B 301 20.00 -29.58 -10.83
C VAL B 301 18.63 -28.96 -10.70
N ASN B 302 17.92 -28.87 -11.82
CA ASN B 302 16.49 -28.55 -11.85
C ASN B 302 15.69 -29.30 -10.79
N ASN B 303 16.14 -30.51 -10.45
CA ASN B 303 15.51 -31.32 -9.42
C ASN B 303 16.28 -31.26 -8.10
N GLY B 304 16.84 -30.10 -7.80
CA GLY B 304 17.54 -29.91 -6.54
C GLY B 304 19.00 -30.32 -6.55
N MET B 305 19.80 -29.56 -5.80
CA MET B 305 21.21 -29.88 -5.53
C MET B 305 21.40 -31.27 -4.95
N ALA B 306 20.38 -31.77 -4.27
CA ALA B 306 20.39 -33.11 -3.69
C ALA B 306 21.01 -34.14 -4.63
N GLY B 307 20.50 -34.21 -5.85
CA GLY B 307 21.01 -35.14 -6.83
C GLY B 307 22.48 -34.94 -7.18
N LEU B 308 22.95 -33.70 -7.22
CA LEU B 308 24.35 -33.42 -7.55
C LEU B 308 25.25 -34.16 -6.57
N TYR B 309 24.90 -34.11 -5.29
CA TYR B 309 25.71 -34.75 -4.27
C TYR B 309 25.65 -36.27 -4.37
N GLU B 310 24.47 -36.82 -4.59
CA GLU B 310 24.33 -38.27 -4.66
C GLU B 310 25.19 -38.89 -5.77
N LYS B 311 25.40 -38.17 -6.86
CA LYS B 311 26.11 -38.72 -8.01
C LYS B 311 27.62 -38.52 -7.89
N ILE B 312 28.05 -37.45 -7.23
CA ILE B 312 29.48 -37.20 -7.06
C ILE B 312 30.07 -38.13 -5.99
N GLU B 313 29.22 -38.95 -5.38
CA GLU B 313 29.69 -39.88 -4.37
C GLU B 313 30.49 -41.03 -5.01
N THR B 314 30.14 -41.39 -6.23
CA THR B 314 30.87 -42.45 -6.95
C THR B 314 32.24 -41.97 -7.41
N LEU B 315 32.47 -40.66 -7.34
CA LEU B 315 33.76 -40.10 -7.72
C LEU B 315 34.86 -40.49 -6.72
N PRO B 316 36.13 -40.55 -7.20
CA PRO B 316 37.24 -40.72 -6.25
C PRO B 316 37.17 -39.66 -5.17
N THR B 317 37.43 -40.05 -3.93
CA THR B 317 37.29 -39.16 -2.78
C THR B 317 38.09 -37.86 -3.01
N SER B 318 39.11 -37.94 -3.85
CA SER B 318 39.88 -36.76 -4.22
C SER B 318 39.10 -35.81 -5.11
N LEU B 319 38.52 -36.33 -6.19
CA LEU B 319 37.79 -35.47 -7.12
C LEU B 319 36.56 -34.87 -6.45
N ARG B 320 35.83 -35.72 -5.74
CA ARG B 320 34.61 -35.27 -5.07
C ARG B 320 34.95 -34.20 -4.03
N GLU B 321 35.98 -34.42 -3.21
CA GLU B 321 36.38 -33.40 -2.25
C GLU B 321 36.68 -32.08 -2.94
N GLU B 322 37.11 -32.14 -4.20
CA GLU B 322 37.39 -30.90 -4.92
C GLU B 322 36.11 -30.16 -5.27
N ILE B 323 35.11 -30.90 -5.74
CA ILE B 323 33.85 -30.29 -6.12
C ILE B 323 33.19 -29.67 -4.90
N ILE B 324 33.18 -30.40 -3.78
CA ILE B 324 32.50 -29.92 -2.60
C ILE B 324 33.21 -28.69 -2.07
N GLU B 325 34.55 -28.65 -2.18
CA GLU B 325 35.27 -27.45 -1.79
C GLU B 325 34.90 -26.30 -2.70
N ASP B 326 34.90 -26.56 -4.01
CA ASP B 326 34.59 -25.57 -5.03
C ASP B 326 33.19 -24.97 -4.88
N LEU B 327 32.24 -25.76 -4.38
CA LEU B 327 30.87 -25.29 -4.15
C LEU B 327 30.82 -24.36 -2.97
N HIS B 328 31.39 -24.80 -1.85
CA HIS B 328 31.34 -24.04 -0.60
C HIS B 328 31.99 -22.69 -0.81
N ALA B 329 33.01 -22.69 -1.68
CA ALA B 329 33.74 -21.47 -2.05
C ALA B 329 32.84 -20.39 -2.62
N CYS B 330 31.68 -20.77 -3.14
CA CYS B 330 30.80 -19.79 -3.74
C CYS B 330 30.08 -18.99 -2.67
N GLN B 331 30.00 -19.59 -1.48
CA GLN B 331 29.32 -18.93 -0.37
C GLN B 331 30.02 -17.64 0.01
N GLU B 332 31.32 -17.54 -0.30
CA GLU B 332 32.08 -16.39 0.15
C GLU B 332 31.71 -15.12 -0.61
N HIS B 333 31.24 -15.26 -1.86
CA HIS B 333 30.79 -14.09 -2.62
C HIS B 333 29.27 -14.08 -2.80
N ARG B 334 28.63 -15.18 -2.43
CA ARG B 334 27.17 -15.31 -2.49
C ARG B 334 26.48 -14.98 -1.16
N PRO B 335 25.17 -14.67 -1.21
CA PRO B 335 24.46 -14.38 0.02
C PRO B 335 24.15 -15.63 0.80
N ALA B 336 23.79 -15.46 2.07
CA ALA B 336 23.41 -16.56 2.93
C ALA B 336 22.06 -17.16 2.55
N LEU B 337 21.95 -18.49 2.60
CA LEU B 337 20.74 -19.20 2.13
C LEU B 337 19.72 -19.64 3.20
N ALA B 338 18.42 -19.45 2.93
CA ALA B 338 17.40 -19.97 3.82
C ALA B 338 17.45 -21.50 3.89
N MET B 339 17.23 -22.04 5.08
CA MET B 339 17.36 -23.47 5.27
C MET B 339 16.02 -24.17 5.45
N VAL B 340 15.99 -25.45 5.07
CA VAL B 340 14.84 -26.33 5.25
C VAL B 340 15.02 -27.13 6.54
N ASP B 341 16.25 -27.56 6.78
CA ASP B 341 16.62 -28.16 8.05
C ASP B 341 17.99 -27.62 8.45
N SER B 342 18.01 -26.57 9.27
CA SER B 342 19.27 -25.93 9.66
C SER B 342 20.30 -26.91 10.15
N ALA B 343 19.88 -27.75 11.08
CA ALA B 343 20.76 -28.73 11.69
C ALA B 343 21.37 -29.72 10.72
N LYS B 344 20.62 -30.21 9.74
CA LYS B 344 21.18 -31.20 8.83
C LYS B 344 21.72 -30.61 7.49
N GLY B 345 21.78 -29.28 7.42
CA GLY B 345 22.45 -28.60 6.33
C GLY B 345 21.66 -28.49 5.04
N ILE B 346 20.37 -28.82 5.12
CA ILE B 346 19.44 -28.78 4.00
C ILE B 346 19.04 -27.38 3.61
N THR B 347 19.53 -26.94 2.46
CA THR B 347 19.24 -25.58 2.03
C THR B 347 17.94 -25.49 1.20
N ASN B 348 17.61 -24.27 0.81
CA ASN B 348 16.41 -23.99 0.05
C ASN B 348 16.64 -24.49 -1.40
N PHE B 349 17.87 -24.88 -1.71
CA PHE B 349 18.21 -25.49 -3.00
C PHE B 349 18.26 -27.03 -3.01
N HIS B 350 17.84 -27.69 -1.93
CA HIS B 350 18.00 -29.15 -1.86
C HIS B 350 16.99 -29.88 -2.75
N SER B 351 15.77 -29.38 -2.77
CA SER B 351 14.74 -29.88 -3.68
C SER B 351 13.76 -28.75 -3.90
N PRO B 352 13.29 -28.59 -5.15
CA PRO B 352 12.33 -27.52 -5.39
C PRO B 352 10.98 -27.85 -4.73
N ASN B 353 10.75 -29.12 -4.41
CA ASN B 353 9.52 -29.55 -3.77
C ASN B 353 9.51 -29.36 -2.23
N ASP B 354 10.54 -28.71 -1.69
CA ASP B 354 10.62 -28.46 -0.25
C ASP B 354 9.93 -27.13 0.10
N ILE B 355 10.54 -26.01 -0.22
CA ILE B 355 9.86 -24.76 0.02
C ILE B 355 8.72 -24.54 -0.97
N ILE B 356 7.48 -24.76 -0.54
CA ILE B 356 6.32 -24.60 -1.43
C ILE B 356 5.63 -23.26 -1.23
N VAL B 357 5.65 -22.46 -2.28
CA VAL B 357 5.34 -21.04 -2.19
C VAL B 357 4.05 -20.73 -1.40
N ASP B 358 2.94 -21.35 -1.74
CA ASP B 358 1.69 -20.89 -1.15
C ASP B 358 1.57 -21.31 0.33
N ALA B 359 2.51 -22.13 0.79
CA ALA B 359 2.57 -22.51 2.20
C ALA B 359 3.73 -21.84 2.95
N SER B 360 4.86 -21.67 2.29
CA SER B 360 6.03 -21.03 2.89
C SER B 360 5.85 -19.53 3.15
N MET B 361 5.22 -18.83 2.21
CA MET B 361 5.03 -17.40 2.37
C MET B 361 4.12 -17.04 3.54
N PRO B 362 2.99 -17.76 3.69
CA PRO B 362 2.23 -17.34 4.87
C PRO B 362 2.95 -17.81 6.11
N ALA B 363 3.55 -18.99 6.07
CA ALA B 363 4.33 -19.47 7.22
C ALA B 363 5.34 -18.40 7.66
N MET B 364 6.05 -17.80 6.71
CA MET B 364 7.06 -16.81 7.03
C MET B 364 6.46 -15.51 7.47
N ILE B 365 5.23 -15.22 7.07
CA ILE B 365 4.63 -13.95 7.46
C ILE B 365 4.00 -14.11 8.86
N ARG B 366 3.47 -15.32 9.13
CA ARG B 366 3.05 -15.65 10.46
C ARG B 366 4.24 -15.39 11.37
N ALA B 367 5.38 -16.00 11.05
CA ALA B 367 6.58 -15.85 11.86
C ALA B 367 7.19 -14.44 11.82
N GLY B 368 6.38 -13.42 11.52
CA GLY B 368 6.86 -12.04 11.57
C GLY B 368 7.95 -11.70 10.58
N GLY B 369 7.84 -12.26 9.38
CA GLY B 369 8.78 -12.05 8.30
C GLY B 369 10.16 -12.65 8.52
N LYS B 370 10.18 -13.91 8.95
CA LYS B 370 11.46 -14.54 9.29
C LYS B 370 11.67 -15.85 8.55
N MET B 371 12.92 -16.21 8.38
CA MET B 371 13.26 -17.52 7.90
C MET B 371 14.49 -18.04 8.62
N TRP B 372 14.79 -19.33 8.45
CA TRP B 372 15.88 -19.96 9.21
C TRP B 372 17.24 -19.93 8.51
N GLY B 373 18.26 -19.49 9.27
CA GLY B 373 19.65 -19.50 8.84
C GLY B 373 20.33 -20.82 9.23
N ALA B 374 21.54 -21.07 8.72
CA ALA B 374 22.15 -22.38 8.91
C ALA B 374 22.62 -22.59 10.37
N ASP B 375 22.62 -21.51 11.14
CA ASP B 375 22.95 -21.59 12.56
C ASP B 375 21.68 -21.81 13.41
N GLY B 376 20.61 -22.26 12.78
CA GLY B 376 19.43 -22.65 13.52
C GLY B 376 18.59 -21.51 14.06
N LYS B 377 18.98 -20.28 13.74
CA LYS B 377 18.31 -19.08 14.29
C LYS B 377 17.64 -18.24 13.19
N GLN B 378 16.57 -17.52 13.55
CA GLN B 378 15.82 -16.74 12.54
C GLN B 378 16.51 -15.41 12.19
N TYR B 379 16.46 -15.03 10.90
CA TYR B 379 16.88 -13.70 10.43
C TYR B 379 15.86 -13.25 9.39
N ASP B 380 15.83 -11.95 9.05
CA ASP B 380 15.01 -11.46 7.93
C ASP B 380 15.42 -12.12 6.61
N ALA B 381 14.53 -12.11 5.61
CA ALA B 381 14.83 -12.83 4.38
C ALA B 381 14.34 -12.06 3.18
N LYS B 382 15.04 -12.22 2.06
CA LYS B 382 14.53 -11.78 0.76
C LYS B 382 13.78 -12.98 0.21
N ALA B 383 12.49 -12.82 -0.01
CA ALA B 383 11.70 -13.92 -0.57
C ALA B 383 11.60 -13.73 -2.09
N VAL B 384 12.34 -14.56 -2.83
CA VAL B 384 12.49 -14.32 -4.26
C VAL B 384 11.53 -15.16 -5.03
N MET B 385 10.61 -14.48 -5.70
CA MET B 385 9.59 -15.08 -6.54
C MET B 385 9.72 -14.44 -7.90
N PRO B 386 10.55 -15.05 -8.77
CA PRO B 386 10.93 -14.48 -10.05
C PRO B 386 9.74 -13.95 -10.81
N GLU B 387 8.72 -14.78 -11.02
CA GLU B 387 7.57 -14.40 -11.83
C GLU B 387 6.71 -13.32 -11.15
N SER B 388 6.67 -12.12 -11.72
CA SER B 388 6.03 -10.98 -11.05
C SER B 388 4.52 -11.14 -10.84
N THR B 389 3.83 -11.81 -11.76
CA THR B 389 2.34 -11.91 -11.75
C THR B 389 1.73 -12.08 -10.38
N PHE B 390 2.11 -13.16 -9.72
CA PHE B 390 1.48 -13.58 -8.47
C PHE B 390 2.30 -13.32 -7.24
N ALA B 391 3.45 -12.70 -7.39
CA ALA B 391 4.25 -12.42 -6.22
C ALA B 391 3.88 -11.08 -5.57
N ARG B 392 3.47 -10.09 -6.35
CA ARG B 392 3.26 -8.74 -5.85
C ARG B 392 2.24 -8.71 -4.74
N ILE B 393 1.38 -9.72 -4.73
CA ILE B 393 0.33 -9.88 -3.72
C ILE B 393 0.98 -9.88 -2.36
N TYR B 394 1.85 -10.86 -2.14
CA TYR B 394 2.56 -11.02 -0.88
C TYR B 394 3.38 -9.79 -0.45
N GLN B 395 3.88 -9.01 -1.39
CA GLN B 395 4.68 -7.87 -1.01
C GLN B 395 3.79 -6.79 -0.42
N GLU B 396 2.59 -6.64 -0.95
CA GLU B 396 1.68 -5.59 -0.44
C GLU B 396 1.23 -5.88 0.98
N MET B 397 1.13 -7.16 1.31
CA MET B 397 0.81 -7.56 2.66
C MET B 397 1.98 -7.20 3.54
N ILE B 398 3.16 -7.67 3.17
CA ILE B 398 4.37 -7.42 3.94
C ILE B 398 4.51 -5.93 4.31
N ASN B 399 4.38 -5.04 3.33
CA ASN B 399 4.37 -3.59 3.60
C ASN B 399 3.33 -3.17 4.66
N PHE B 400 2.16 -3.81 4.66
CA PHE B 400 1.07 -3.53 5.59
C PHE B 400 1.47 -3.96 7.00
N CYS B 401 2.25 -5.04 7.08
CA CYS B 401 2.59 -5.64 8.36
C CYS B 401 3.77 -4.97 9.06
N LYS B 402 4.64 -4.30 8.32
CA LYS B 402 5.71 -3.55 8.96
C LYS B 402 5.03 -2.37 9.62
N TRP B 403 4.12 -1.78 8.87
CA TRP B 403 3.47 -0.54 9.24
C TRP B 403 2.68 -0.74 10.51
N HIS B 404 2.00 -1.88 10.57
CA HIS B 404 0.84 -2.06 11.43
C HIS B 404 0.97 -3.26 12.32
N GLY B 405 2.13 -3.90 12.26
CA GLY B 405 2.36 -5.04 13.10
C GLY B 405 1.63 -6.21 12.51
N ASN B 406 1.86 -7.39 13.06
CA ASN B 406 1.22 -8.60 12.62
C ASN B 406 -0.28 -8.59 12.93
N PHE B 407 -1.03 -9.54 12.37
CA PHE B 407 -2.50 -9.52 12.49
C PHE B 407 -3.02 -9.96 13.87
N ASP B 408 -4.21 -9.47 14.20
CA ASP B 408 -4.84 -9.74 15.50
C ASP B 408 -6.01 -10.69 15.35
N PRO B 409 -5.75 -12.00 15.57
CA PRO B 409 -6.81 -12.99 15.31
C PRO B 409 -8.04 -12.80 16.21
N LYS B 410 -7.88 -12.30 17.44
CA LYS B 410 -9.00 -11.91 18.31
C LYS B 410 -10.02 -11.06 17.57
N THR B 411 -9.56 -10.15 16.73
CA THR B 411 -10.48 -9.19 16.12
C THR B 411 -10.48 -9.07 14.61
N MET B 412 -9.66 -9.84 13.89
CA MET B 412 -9.57 -9.66 12.43
C MET B 412 -10.70 -10.37 11.67
N GLY B 413 -11.16 -9.77 10.58
CA GLY B 413 -12.24 -10.34 9.77
C GLY B 413 -11.93 -11.67 9.05
N THR B 414 -12.78 -12.00 8.07
CA THR B 414 -12.61 -13.21 7.28
C THR B 414 -12.47 -12.90 5.79
N VAL B 415 -11.64 -13.69 5.11
CA VAL B 415 -11.49 -13.53 3.68
C VAL B 415 -11.76 -14.84 2.96
N PRO B 416 -13.05 -15.10 2.67
CA PRO B 416 -13.44 -16.25 1.85
C PRO B 416 -13.05 -16.06 0.37
N ASN B 417 -12.81 -17.17 -0.32
CA ASN B 417 -12.38 -17.14 -1.73
C ASN B 417 -13.25 -17.93 -2.71
N VAL B 418 -13.92 -17.20 -3.59
CA VAL B 418 -14.58 -17.77 -4.76
C VAL B 418 -13.54 -17.83 -5.88
N GLY B 419 -13.09 -19.04 -6.20
CA GLY B 419 -11.99 -19.22 -7.13
C GLY B 419 -12.35 -19.86 -8.47
N LEU B 420 -11.85 -19.29 -9.56
CA LEU B 420 -12.08 -19.84 -10.89
C LEU B 420 -11.16 -21.05 -11.15
N MET B 421 -11.69 -22.26 -11.28
CA MET B 421 -10.76 -23.38 -11.50
C MET B 421 -11.26 -24.53 -12.36
N ALA B 422 -12.52 -24.44 -12.78
CA ALA B 422 -13.14 -25.49 -13.57
C ALA B 422 -12.31 -25.88 -14.80
N GLN B 423 -12.31 -27.18 -15.09
CA GLN B 423 -11.61 -27.78 -16.24
C GLN B 423 -10.15 -27.37 -16.33
N LYS B 424 -9.48 -27.40 -15.19
CA LYS B 424 -8.05 -27.12 -15.16
C LYS B 424 -7.83 -25.72 -15.70
N ALA B 425 -8.63 -24.79 -15.18
CA ALA B 425 -8.58 -23.42 -15.64
C ALA B 425 -7.21 -22.79 -15.53
N GLU B 426 -6.86 -22.03 -16.55
CA GLU B 426 -5.71 -21.12 -16.49
C GLU B 426 -4.38 -21.87 -16.28
N GLU B 427 -3.52 -21.27 -15.47
CA GLU B 427 -2.17 -21.76 -15.20
C GLU B 427 -2.05 -23.24 -14.84
N TYR B 428 -3.08 -23.80 -14.24
CA TYR B 428 -3.06 -25.18 -13.81
C TYR B 428 -3.58 -26.14 -14.87
N GLY B 429 -3.73 -25.65 -16.09
CA GLY B 429 -4.04 -26.54 -17.20
C GLY B 429 -2.88 -26.68 -18.17
N SER B 430 -1.89 -25.80 -18.05
CA SER B 430 -0.85 -25.68 -19.06
C SER B 430 0.38 -26.54 -18.86
N HIS B 431 0.26 -27.59 -18.04
CA HIS B 431 1.38 -28.49 -17.84
C HIS B 431 1.80 -29.14 -19.17
N ASP B 432 0.82 -29.44 -20.02
CA ASP B 432 1.10 -30.13 -21.28
C ASP B 432 1.27 -29.16 -22.45
N LYS B 433 1.30 -27.87 -22.13
CA LYS B 433 1.49 -26.85 -23.15
C LYS B 433 2.60 -25.90 -22.73
N THR B 434 3.63 -26.43 -22.07
CA THR B 434 4.81 -25.62 -21.69
C THR B 434 6.12 -26.23 -22.24
N PHE B 435 6.97 -25.40 -22.83
CA PHE B 435 8.15 -25.94 -23.51
C PHE B 435 9.39 -25.08 -23.27
N GLU B 436 10.53 -25.75 -23.06
CA GLU B 436 11.79 -25.06 -23.02
C GLU B 436 12.17 -24.85 -24.48
N ILE B 437 12.30 -23.58 -24.90
CA ILE B 437 12.55 -23.26 -26.30
C ILE B 437 13.89 -23.83 -26.78
N PRO B 438 13.89 -24.49 -27.94
CA PRO B 438 15.10 -25.05 -28.55
C PRO B 438 16.06 -24.01 -29.09
N GLU B 439 15.54 -23.09 -29.91
CA GLU B 439 16.36 -22.08 -30.59
C GLU B 439 15.62 -20.76 -30.66
N ALA B 440 16.34 -19.64 -30.67
CA ALA B 440 15.68 -18.36 -30.88
C ALA B 440 14.82 -18.48 -32.11
N GLY B 441 13.65 -17.84 -32.06
CA GLY B 441 12.75 -17.84 -33.19
C GLY B 441 11.50 -17.05 -32.92
N ILE B 442 10.42 -17.48 -33.55
CA ILE B 442 9.10 -16.94 -33.31
C ILE B 442 8.22 -18.05 -32.74
N ALA B 443 7.51 -17.78 -31.65
CA ALA B 443 6.63 -18.76 -31.04
C ALA B 443 5.19 -18.40 -31.31
N ASN B 444 4.58 -19.18 -32.21
CA ASN B 444 3.25 -18.90 -32.71
C ASN B 444 2.21 -19.88 -32.21
N ILE B 445 1.05 -19.36 -31.84
CA ILE B 445 -0.14 -20.18 -31.72
C ILE B 445 -0.88 -20.02 -33.05
N THR B 446 -0.91 -21.09 -33.83
CA THR B 446 -1.42 -20.98 -35.19
C THR B 446 -2.62 -21.90 -35.44
N ASP B 447 -3.66 -21.34 -36.08
CA ASP B 447 -4.84 -22.10 -36.49
C ASP B 447 -4.38 -23.16 -37.47
N LEU B 448 -4.47 -24.43 -37.11
CA LEU B 448 -3.86 -25.42 -37.99
C LEU B 448 -4.80 -25.81 -39.11
N ASP B 449 -6.00 -25.26 -39.12
CA ASP B 449 -6.88 -25.49 -40.26
C ASP B 449 -6.77 -24.34 -41.23
N THR B 450 -6.75 -23.11 -40.74
CA THR B 450 -6.74 -21.98 -41.66
C THR B 450 -5.37 -21.38 -41.85
N GLY B 451 -4.40 -21.83 -41.05
CA GLY B 451 -3.06 -21.29 -41.08
C GLY B 451 -2.89 -19.94 -40.41
N GLU B 452 -3.99 -19.40 -39.90
CA GLU B 452 -3.99 -18.10 -39.24
C GLU B 452 -3.25 -18.13 -37.90
N VAL B 453 -2.31 -17.21 -37.76
CA VAL B 453 -1.51 -17.11 -36.56
C VAL B 453 -2.21 -16.14 -35.60
N LEU B 454 -2.48 -16.63 -34.39
CA LEU B 454 -3.27 -15.92 -33.39
C LEU B 454 -2.44 -15.11 -32.40
N LEU B 455 -1.34 -15.70 -31.91
CA LEU B 455 -0.43 -15.00 -30.99
C LEU B 455 1.06 -15.34 -31.23
N THR B 456 1.86 -14.31 -31.46
CA THR B 456 3.27 -14.49 -31.80
C THR B 456 4.19 -14.05 -30.65
N GLN B 457 5.17 -14.88 -30.31
CA GLN B 457 6.15 -14.42 -29.34
C GLN B 457 7.57 -14.39 -29.88
N ASN B 458 8.22 -13.32 -29.45
CA ASN B 458 9.63 -13.04 -29.56
C ASN B 458 10.54 -13.86 -28.60
N VAL B 459 10.90 -15.11 -28.92
CA VAL B 459 11.68 -15.92 -27.95
C VAL B 459 13.13 -16.28 -28.34
N GLU B 460 13.98 -16.49 -27.32
CA GLU B 460 15.36 -16.96 -27.47
C GLU B 460 15.61 -18.33 -26.82
N GLU B 461 16.82 -18.84 -26.97
CA GLU B 461 17.10 -20.24 -26.60
C GLU B 461 16.99 -20.50 -25.08
N GLY B 462 16.22 -21.51 -24.72
CA GLY B 462 16.10 -21.88 -23.33
C GLY B 462 15.04 -21.08 -22.59
N ASP B 463 14.33 -20.20 -23.30
CA ASP B 463 13.16 -19.55 -22.73
C ASP B 463 12.05 -20.56 -22.42
N ILE B 464 11.17 -20.18 -21.49
CA ILE B 464 10.06 -21.05 -21.08
C ILE B 464 8.77 -20.53 -21.67
N TRP B 465 8.19 -21.28 -22.60
CA TRP B 465 7.00 -20.78 -23.27
C TRP B 465 5.81 -21.61 -22.87
N ARG B 466 4.70 -20.97 -22.51
CA ARG B 466 3.49 -21.74 -22.25
C ARG B 466 2.20 -21.06 -22.70
N MET B 467 1.27 -21.91 -23.16
CA MET B 467 -0.07 -21.50 -23.52
C MET B 467 -1.13 -21.88 -22.47
N CYS B 468 -1.87 -20.88 -21.99
CA CYS B 468 -2.97 -21.11 -21.05
C CYS B 468 -4.33 -20.97 -21.71
N GLN B 469 -5.34 -21.55 -21.07
CA GLN B 469 -6.72 -21.39 -21.52
C GLN B 469 -7.68 -21.53 -20.35
N VAL B 470 -8.80 -20.81 -20.45
CA VAL B 470 -9.91 -20.95 -19.55
C VAL B 470 -11.18 -20.78 -20.39
N LYS B 471 -12.15 -21.67 -20.17
CA LYS B 471 -13.35 -21.75 -21.01
C LYS B 471 -14.48 -20.82 -20.53
N ASP B 472 -15.49 -20.57 -21.37
CA ASP B 472 -16.51 -19.59 -21.01
C ASP B 472 -17.47 -20.07 -19.92
N ALA B 473 -17.91 -21.32 -20.00
CA ALA B 473 -18.86 -21.85 -19.00
C ALA B 473 -18.28 -21.83 -17.58
N PRO B 474 -17.00 -22.25 -17.41
CA PRO B 474 -16.40 -22.01 -16.10
C PRO B 474 -16.44 -20.54 -15.68
N ILE B 475 -15.95 -19.63 -16.53
CA ILE B 475 -15.96 -18.21 -16.20
C ILE B 475 -17.36 -17.75 -15.88
N ARG B 476 -18.32 -18.20 -16.68
CA ARG B 476 -19.70 -17.78 -16.51
C ARG B 476 -20.25 -18.18 -15.14
N ASP B 477 -20.03 -19.44 -14.75
CA ASP B 477 -20.45 -20.00 -13.45
C ASP B 477 -19.79 -19.28 -12.28
N TRP B 478 -18.51 -19.00 -12.44
CA TRP B 478 -17.68 -18.30 -11.50
C TRP B 478 -18.23 -16.90 -11.19
N VAL B 479 -18.78 -16.21 -12.19
CA VAL B 479 -19.38 -14.89 -11.95
C VAL B 479 -20.70 -15.02 -11.19
N LYS B 480 -21.44 -16.09 -11.50
CA LYS B 480 -22.71 -16.41 -10.84
C LYS B 480 -22.46 -16.77 -9.37
N LEU B 481 -21.44 -17.57 -9.13
CA LEU B 481 -21.06 -17.97 -7.77
C LEU B 481 -20.56 -16.79 -6.92
N ALA B 482 -19.79 -15.89 -7.53
CA ALA B 482 -19.41 -14.64 -6.87
C ALA B 482 -20.67 -13.89 -6.44
N VAL B 483 -21.58 -13.63 -7.38
CA VAL B 483 -22.78 -12.88 -7.03
C VAL B 483 -23.63 -13.64 -6.00
N THR B 484 -23.72 -14.96 -6.16
CA THR B 484 -24.41 -15.80 -5.18
C THR B 484 -23.86 -15.54 -3.78
N ARG B 485 -22.62 -15.96 -3.50
CA ARG B 485 -21.95 -15.70 -2.22
C ARG B 485 -22.09 -14.27 -1.68
N ALA B 486 -22.03 -13.27 -2.56
CA ALA B 486 -22.24 -11.90 -2.11
C ALA B 486 -23.64 -11.78 -1.47
N ARG B 487 -24.65 -12.34 -2.14
CA ARG B 487 -26.05 -12.25 -1.71
C ARG B 487 -26.27 -13.01 -0.41
N ASN B 488 -25.92 -14.29 -0.43
CA ASN B 488 -26.10 -15.15 0.72
C ASN B 488 -25.33 -14.78 1.98
N SER B 489 -24.50 -13.73 1.95
CA SER B 489 -23.58 -13.52 3.09
C SER B 489 -23.47 -12.08 3.51
N GLY B 490 -23.81 -11.15 2.62
CA GLY B 490 -23.73 -9.74 2.92
C GLY B 490 -22.38 -9.09 2.68
N MET B 491 -21.34 -9.93 2.57
CA MET B 491 -20.00 -9.44 2.39
C MET B 491 -19.86 -8.71 1.06
N PRO B 492 -18.94 -7.75 0.97
CA PRO B 492 -18.67 -7.37 -0.41
C PRO B 492 -17.83 -8.47 -1.09
N ALA B 493 -17.86 -8.48 -2.42
CA ALA B 493 -17.01 -9.37 -3.19
C ALA B 493 -16.13 -8.53 -4.11
N ILE B 494 -14.83 -8.80 -4.08
CA ILE B 494 -13.93 -8.02 -4.91
C ILE B 494 -13.28 -8.89 -5.96
N PHE B 495 -13.41 -8.47 -7.21
CA PHE B 495 -12.72 -9.15 -8.28
C PHE B 495 -11.26 -8.68 -8.38
N TRP B 496 -10.33 -9.60 -8.21
CA TRP B 496 -8.91 -9.28 -8.27
C TRP B 496 -8.40 -9.43 -9.71
N LEU B 497 -8.33 -8.34 -10.45
CA LEU B 497 -7.95 -8.46 -11.85
C LEU B 497 -7.18 -7.22 -12.35
N ASP B 498 -5.91 -7.40 -12.70
CA ASP B 498 -5.12 -6.31 -13.29
C ASP B 498 -5.55 -6.02 -14.73
N PRO B 499 -5.97 -4.78 -15.02
CA PRO B 499 -6.15 -4.27 -16.38
C PRO B 499 -4.87 -4.31 -17.22
N TYR B 500 -3.72 -4.18 -16.58
CA TYR B 500 -2.47 -4.12 -17.32
C TYR B 500 -1.96 -5.50 -17.58
N ARG B 501 -2.72 -6.50 -17.15
CA ARG B 501 -2.37 -7.88 -17.49
C ARG B 501 -3.38 -8.33 -18.52
N PRO B 502 -2.89 -8.71 -19.70
CA PRO B 502 -3.75 -9.06 -20.82
C PRO B 502 -4.83 -10.04 -20.43
N HIS B 503 -4.43 -11.13 -19.78
CA HIS B 503 -5.36 -12.17 -19.41
C HIS B 503 -6.43 -11.61 -18.50
N GLU B 504 -5.99 -10.94 -17.45
CA GLU B 504 -6.96 -10.39 -16.54
C GLU B 504 -7.80 -9.25 -17.19
N ASN B 505 -7.33 -8.60 -18.26
CA ASN B 505 -8.22 -7.65 -18.93
C ASN B 505 -9.36 -8.50 -19.53
N GLU B 506 -8.94 -9.62 -20.10
CA GLU B 506 -9.82 -10.46 -20.90
C GLU B 506 -10.94 -11.03 -20.03
N LEU B 507 -10.59 -11.34 -18.79
CA LEU B 507 -11.55 -11.62 -17.74
C LEU B 507 -12.42 -10.41 -17.39
N ILE B 508 -11.84 -9.23 -17.31
CA ILE B 508 -12.62 -8.06 -16.93
C ILE B 508 -13.73 -7.83 -17.96
N LYS B 509 -13.40 -8.11 -19.22
CA LYS B 509 -14.37 -8.01 -20.31
C LYS B 509 -15.53 -8.95 -20.04
N LYS B 510 -15.22 -10.15 -19.59
CA LYS B 510 -16.28 -11.09 -19.30
C LYS B 510 -17.00 -10.70 -18.02
N VAL B 511 -16.26 -10.43 -16.95
CA VAL B 511 -16.91 -10.19 -15.68
C VAL B 511 -17.92 -9.04 -15.77
N GLN B 512 -17.53 -7.93 -16.41
CA GLN B 512 -18.43 -6.77 -16.51
C GLN B 512 -19.75 -7.12 -17.19
N LYS B 513 -19.67 -7.98 -18.20
CA LYS B 513 -20.82 -8.38 -19.01
C LYS B 513 -21.76 -9.37 -18.32
N TYR B 514 -21.19 -10.36 -17.64
CA TYR B 514 -21.98 -11.39 -16.97
C TYR B 514 -22.60 -10.89 -15.67
N LEU B 515 -22.07 -9.79 -15.13
CA LEU B 515 -22.64 -9.29 -13.90
C LEU B 515 -24.03 -8.75 -14.22
N LYS B 516 -24.22 -8.34 -15.46
CA LYS B 516 -25.53 -7.83 -15.87
C LYS B 516 -26.56 -8.97 -15.89
N ASP B 517 -26.08 -10.20 -16.08
CA ASP B 517 -26.96 -11.36 -16.16
C ASP B 517 -27.47 -11.81 -14.78
N HIS B 518 -27.17 -11.05 -13.73
CA HIS B 518 -27.63 -11.39 -12.39
C HIS B 518 -28.10 -10.20 -11.62
N ASP B 519 -28.89 -10.48 -10.58
CA ASP B 519 -29.48 -9.46 -9.75
C ASP B 519 -28.47 -9.05 -8.71
N THR B 520 -27.90 -7.87 -8.89
CA THR B 520 -26.79 -7.47 -8.06
C THR B 520 -27.16 -6.20 -7.31
N THR B 521 -28.44 -6.00 -7.04
CA THR B 521 -28.90 -4.68 -6.59
C THR B 521 -28.50 -4.37 -5.15
N GLY B 522 -28.79 -5.27 -4.23
CA GLY B 522 -28.38 -5.02 -2.85
C GLY B 522 -26.88 -4.90 -2.69
N LEU B 523 -26.17 -5.70 -3.48
CA LEU B 523 -24.78 -6.07 -3.24
C LEU B 523 -23.70 -5.00 -3.50
N ASP B 524 -22.50 -5.29 -3.01
CA ASP B 524 -21.31 -4.45 -3.17
C ASP B 524 -20.20 -5.28 -3.82
N ILE B 525 -20.16 -5.21 -5.15
CA ILE B 525 -19.25 -6.01 -5.95
C ILE B 525 -18.33 -5.11 -6.77
N GLN B 526 -17.03 -5.31 -6.63
CA GLN B 526 -16.09 -4.47 -7.35
C GLN B 526 -14.98 -5.26 -8.02
N ILE B 527 -14.45 -4.67 -9.09
CA ILE B 527 -13.25 -5.17 -9.76
C ILE B 527 -12.12 -4.19 -9.50
N MET B 528 -11.05 -4.65 -8.89
CA MET B 528 -9.85 -3.83 -8.89
C MET B 528 -8.59 -4.66 -9.10
N SER B 529 -7.50 -3.94 -9.34
CA SER B 529 -6.14 -4.49 -9.40
C SER B 529 -5.88 -5.56 -8.36
N GLN B 530 -4.96 -6.49 -8.63
CA GLN B 530 -4.62 -7.49 -7.61
C GLN B 530 -4.16 -6.81 -6.36
N VAL B 531 -3.12 -6.01 -6.48
CA VAL B 531 -2.58 -5.30 -5.34
C VAL B 531 -3.54 -4.24 -4.79
N ARG B 532 -4.46 -3.72 -5.59
CA ARG B 532 -5.40 -2.78 -4.99
C ARG B 532 -6.44 -3.56 -4.20
N ALA B 533 -6.88 -4.69 -4.76
CA ALA B 533 -7.77 -5.58 -4.05
C ALA B 533 -7.14 -6.12 -2.76
N MET B 534 -5.84 -6.44 -2.81
CA MET B 534 -5.19 -6.97 -1.63
C MET B 534 -5.16 -5.93 -0.52
N ARG B 535 -5.02 -4.66 -0.87
CA ARG B 535 -4.99 -3.68 0.18
C ARG B 535 -6.41 -3.34 0.65
N TYR B 536 -7.35 -3.17 -0.27
CA TYR B 536 -8.75 -2.97 0.07
C TYR B 536 -9.20 -4.06 1.05
N THR B 537 -8.88 -5.30 0.76
CA THR B 537 -9.20 -6.38 1.68
C THR B 537 -8.50 -6.15 3.01
N LEU B 538 -7.21 -5.83 3.02
CA LEU B 538 -6.44 -5.70 4.29
C LEU B 538 -6.99 -4.62 5.20
N GLU B 539 -7.17 -3.43 4.66
CA GLU B 539 -7.74 -2.30 5.38
C GLU B 539 -9.05 -2.67 6.10
N ARG B 540 -9.85 -3.53 5.46
CA ARG B 540 -11.09 -4.08 6.02
C ARG B 540 -10.91 -5.22 7.07
N VAL B 541 -10.05 -6.19 6.79
CA VAL B 541 -9.84 -7.34 7.68
C VAL B 541 -9.48 -6.87 9.07
N VAL B 542 -8.58 -5.91 9.08
CA VAL B 542 -7.93 -5.43 10.27
C VAL B 542 -8.91 -4.63 11.13
N ARG B 543 -9.97 -4.11 10.49
CA ARG B 543 -11.06 -3.48 11.19
C ARG B 543 -12.19 -4.46 11.58
N GLY B 544 -11.96 -5.75 11.33
CA GLY B 544 -12.92 -6.78 11.71
C GLY B 544 -14.07 -6.97 10.75
N LEU B 545 -13.95 -6.36 9.56
CA LEU B 545 -14.89 -6.52 8.44
C LEU B 545 -14.52 -7.72 7.58
N ASP B 546 -15.46 -8.20 6.76
CA ASP B 546 -15.19 -9.35 5.89
C ASP B 546 -15.31 -8.99 4.43
N THR B 547 -14.58 -9.71 3.59
CA THR B 547 -14.57 -9.47 2.15
C THR B 547 -14.27 -10.76 1.41
N ILE B 548 -15.08 -11.03 0.39
CA ILE B 548 -14.89 -12.19 -0.48
C ILE B 548 -13.87 -11.85 -1.56
N SER B 549 -12.83 -12.69 -1.66
CA SER B 549 -11.91 -12.60 -2.77
C SER B 549 -12.50 -13.40 -3.93
N VAL B 550 -12.69 -12.75 -5.08
CA VAL B 550 -13.04 -13.47 -6.32
C VAL B 550 -11.85 -13.45 -7.26
N THR B 551 -11.21 -14.61 -7.44
CA THR B 551 -9.90 -14.64 -8.09
C THR B 551 -9.73 -15.81 -9.06
N GLY B 552 -8.71 -15.70 -9.89
CA GLY B 552 -8.40 -16.79 -10.78
C GLY B 552 -7.88 -18.00 -10.03
N ASN B 553 -7.59 -19.04 -10.79
CA ASN B 553 -7.17 -20.33 -10.24
C ASN B 553 -5.96 -20.27 -9.32
N ILE B 554 -4.86 -19.65 -9.73
CA ILE B 554 -3.68 -19.68 -8.85
C ILE B 554 -3.86 -18.83 -7.59
N LEU B 555 -4.33 -17.59 -7.74
CA LEU B 555 -4.60 -16.77 -6.56
C LEU B 555 -5.47 -17.48 -5.52
N ARG B 556 -6.40 -18.30 -6.00
CA ARG B 556 -7.25 -19.10 -5.14
C ARG B 556 -6.43 -20.09 -4.31
N ASP B 557 -5.48 -20.76 -4.94
CA ASP B 557 -4.63 -21.71 -4.22
C ASP B 557 -3.74 -20.99 -3.22
N TYR B 558 -3.45 -19.74 -3.56
CA TYR B 558 -2.55 -18.93 -2.77
C TYR B 558 -3.30 -18.37 -1.58
N LEU B 559 -4.48 -17.80 -1.82
CA LEU B 559 -5.21 -17.10 -0.78
C LEU B 559 -5.99 -18.00 0.18
N THR B 560 -6.12 -19.27 -0.13
CA THR B 560 -6.87 -20.14 0.75
C THR B 560 -5.88 -20.85 1.64
N ASP B 561 -4.62 -20.42 1.54
CA ASP B 561 -3.57 -20.82 2.46
C ASP B 561 -3.26 -19.60 3.28
N LEU B 562 -3.10 -18.47 2.60
CA LEU B 562 -2.58 -17.27 3.22
C LEU B 562 -3.51 -16.70 4.26
N PHE B 563 -4.70 -16.28 3.84
CA PHE B 563 -5.66 -15.71 4.81
C PHE B 563 -6.10 -16.66 5.90
N PRO B 564 -6.37 -17.94 5.58
CA PRO B 564 -6.57 -18.91 6.66
C PRO B 564 -5.47 -18.95 7.70
N ILE B 565 -4.20 -18.99 7.30
CA ILE B 565 -3.12 -19.07 8.27
C ILE B 565 -3.21 -17.90 9.25
N MET B 566 -3.39 -16.68 8.74
CA MET B 566 -3.53 -15.52 9.61
C MET B 566 -4.74 -15.58 10.56
N GLU B 567 -5.89 -16.04 10.04
CA GLU B 567 -7.14 -16.04 10.80
C GLU B 567 -7.25 -17.19 11.82
N LEU B 568 -6.62 -18.32 11.52
CA LEU B 568 -6.88 -19.57 12.24
C LEU B 568 -5.61 -20.35 12.63
N GLY B 569 -4.48 -20.01 12.01
CA GLY B 569 -3.24 -20.69 12.28
C GLY B 569 -3.01 -21.90 11.39
N THR B 570 -4.06 -22.43 10.77
CA THR B 570 -3.91 -23.48 9.75
C THR B 570 -4.65 -23.09 8.50
N SER B 571 -4.53 -23.94 7.48
CA SER B 571 -5.24 -23.79 6.23
C SER B 571 -6.16 -24.99 6.05
N ALA B 572 -6.24 -25.80 7.12
CA ALA B 572 -6.81 -27.15 7.10
C ALA B 572 -8.12 -27.32 7.88
N LYS B 573 -8.65 -26.24 8.45
CA LYS B 573 -9.94 -26.28 9.12
C LYS B 573 -10.88 -25.37 8.36
N MET B 574 -11.04 -25.66 7.07
CA MET B 574 -11.77 -24.77 6.15
C MET B 574 -12.88 -25.46 5.39
N LEU B 575 -13.90 -24.71 5.01
CA LEU B 575 -14.91 -25.29 4.13
C LEU B 575 -14.36 -25.36 2.72
N SER B 576 -14.25 -26.58 2.18
CA SER B 576 -13.78 -26.77 0.82
C SER B 576 -14.95 -27.23 -0.07
N ILE B 577 -15.70 -26.28 -0.59
CA ILE B 577 -16.90 -26.59 -1.38
C ILE B 577 -16.68 -26.45 -2.88
N VAL B 578 -17.21 -27.40 -3.64
CA VAL B 578 -17.22 -27.31 -5.10
C VAL B 578 -18.66 -27.34 -5.55
N PRO B 579 -19.25 -26.17 -5.79
CA PRO B 579 -20.64 -26.22 -6.24
C PRO B 579 -20.68 -26.72 -7.66
N LEU B 580 -21.18 -27.94 -7.85
CA LEU B 580 -21.09 -28.61 -9.15
C LEU B 580 -21.86 -27.86 -10.24
N MET B 581 -21.39 -28.02 -11.48
CA MET B 581 -21.88 -27.25 -12.62
C MET B 581 -23.35 -27.47 -12.88
N ALA B 582 -23.78 -28.70 -12.62
CA ALA B 582 -25.15 -29.13 -12.89
C ALA B 582 -26.13 -28.72 -11.80
N GLY B 583 -25.63 -28.04 -10.78
CA GLY B 583 -26.45 -27.58 -9.67
C GLY B 583 -26.36 -28.40 -8.40
N GLY B 584 -25.55 -29.46 -8.39
CA GLY B 584 -25.30 -30.24 -7.19
C GLY B 584 -24.17 -29.64 -6.36
N GLY B 585 -23.70 -30.38 -5.36
CA GLY B 585 -22.63 -29.86 -4.52
C GLY B 585 -21.66 -30.94 -4.11
N MET B 586 -20.40 -30.56 -3.91
CA MET B 586 -19.44 -31.45 -3.27
C MET B 586 -18.72 -30.74 -2.13
N TYR B 587 -18.51 -31.46 -1.05
CA TYR B 587 -17.98 -30.92 0.20
C TYR B 587 -16.78 -31.77 0.57
N GLU B 588 -15.61 -31.18 0.40
CA GLU B 588 -14.36 -31.85 0.67
C GLU B 588 -14.06 -31.54 2.10
N THR B 589 -13.84 -32.59 2.88
CA THR B 589 -13.64 -32.46 4.32
C THR B 589 -12.20 -32.11 4.64
N GLY B 590 -11.32 -32.13 3.63
CA GLY B 590 -9.92 -31.83 3.87
C GLY B 590 -8.90 -32.03 2.78
N ALA B 591 -7.91 -31.13 2.77
CA ALA B 591 -6.88 -31.12 1.75
C ALA B 591 -5.78 -32.09 2.09
N GLY B 592 -5.76 -32.53 3.33
CA GLY B 592 -4.63 -33.31 3.81
C GLY B 592 -4.64 -34.70 3.23
N GLY B 593 -3.78 -35.55 3.77
CA GLY B 593 -3.74 -36.93 3.36
C GLY B 593 -4.66 -37.77 4.23
N SER B 594 -4.65 -39.08 3.99
CA SER B 594 -5.40 -40.00 4.82
C SER B 594 -4.53 -40.44 6.02
N ALA B 595 -3.36 -39.82 6.19
CA ALA B 595 -2.56 -39.95 7.43
C ALA B 595 -2.30 -41.39 7.89
N PRO B 596 -1.37 -42.10 7.20
CA PRO B 596 -1.12 -43.51 7.50
C PRO B 596 -0.71 -43.75 8.94
N LYS B 597 -0.06 -42.75 9.54
CA LYS B 597 0.46 -42.87 10.89
C LYS B 597 -0.63 -43.13 11.96
N HIS B 598 -1.80 -42.52 11.78
CA HIS B 598 -2.90 -42.68 12.72
C HIS B 598 -3.36 -44.14 12.71
N VAL B 599 -3.38 -44.72 11.51
CA VAL B 599 -3.80 -46.09 11.32
C VAL B 599 -2.90 -47.01 12.15
N GLN B 600 -1.63 -46.64 12.29
CA GLN B 600 -0.69 -47.44 13.07
C GLN B 600 -1.07 -47.52 14.53
N GLN B 601 -1.45 -46.36 15.09
CA GLN B 601 -1.79 -46.27 16.50
C GLN B 601 -3.08 -47.05 16.77
N LEU B 602 -3.98 -47.05 15.78
CA LEU B 602 -5.20 -47.82 15.91
C LEU B 602 -4.92 -49.32 15.96
N VAL B 603 -4.11 -49.81 15.03
CA VAL B 603 -3.79 -51.25 14.99
C VAL B 603 -3.07 -51.77 16.22
N GLU B 604 -2.03 -51.04 16.64
CA GLU B 604 -1.08 -51.51 17.65
C GLU B 604 -1.57 -51.26 19.06
N GLU B 605 -2.24 -50.13 19.25
CA GLU B 605 -2.66 -49.75 20.59
C GLU B 605 -4.01 -49.06 20.64
N ASN B 606 -4.92 -49.50 19.78
CA ASN B 606 -6.32 -49.05 19.76
C ASN B 606 -6.57 -47.60 20.19
N HIS B 607 -5.88 -46.66 19.55
CA HIS B 607 -6.18 -45.24 19.73
C HIS B 607 -6.11 -44.56 18.36
N LEU B 608 -7.12 -43.75 18.02
CA LEU B 608 -7.14 -43.14 16.70
C LEU B 608 -7.18 -41.63 16.83
N ARG B 609 -6.05 -41.00 16.54
CA ARG B 609 -5.91 -39.56 16.78
C ARG B 609 -6.44 -38.74 15.62
N TRP B 610 -7.07 -39.41 14.65
CA TRP B 610 -7.63 -38.70 13.52
C TRP B 610 -8.66 -37.68 13.99
N ASP B 611 -8.50 -36.43 13.59
CA ASP B 611 -9.49 -35.39 13.84
C ASP B 611 -10.63 -35.46 12.79
N SER B 612 -11.89 -35.38 13.23
CA SER B 612 -13.01 -35.41 12.28
C SER B 612 -13.69 -34.05 12.11
N LEU B 613 -13.03 -32.99 12.57
CA LEU B 613 -13.62 -31.65 12.54
C LEU B 613 -14.03 -31.26 11.12
N GLY B 614 -13.25 -31.72 10.13
CA GLY B 614 -13.55 -31.46 8.75
C GLY B 614 -14.87 -32.08 8.29
N GLU B 615 -15.11 -33.32 8.73
CA GLU B 615 -16.36 -33.98 8.43
C GLU B 615 -17.51 -33.27 9.12
N PHE B 616 -17.35 -32.96 10.41
CA PHE B 616 -18.37 -32.23 11.16
C PHE B 616 -18.82 -30.99 10.43
N LEU B 617 -17.91 -30.39 9.68
CA LEU B 617 -18.15 -29.12 9.03
C LEU B 617 -18.74 -29.29 7.63
N ALA B 618 -18.29 -30.32 6.91
CA ALA B 618 -18.80 -30.61 5.59
C ALA B 618 -20.28 -30.91 5.69
N LEU B 619 -20.60 -31.86 6.58
CA LEU B 619 -21.97 -32.25 6.94
C LEU B 619 -22.92 -31.06 7.14
N ALA B 620 -22.46 -30.05 7.87
CA ALA B 620 -23.27 -28.89 8.16
C ALA B 620 -23.71 -28.13 6.89
N VAL B 621 -22.77 -27.65 6.06
CA VAL B 621 -23.17 -26.95 4.84
C VAL B 621 -23.94 -27.84 3.90
N SER B 622 -23.46 -29.07 3.77
CA SER B 622 -24.13 -30.12 3.03
C SER B 622 -25.61 -30.08 3.34
N LEU B 623 -25.92 -30.09 4.64
CA LEU B 623 -27.30 -30.03 5.11
C LEU B 623 -27.91 -28.64 4.87
N GLU B 624 -27.18 -27.57 5.22
CA GLU B 624 -27.71 -26.24 5.03
C GLU B 624 -28.06 -26.01 3.57
N GLU B 625 -27.20 -26.45 2.66
CA GLU B 625 -27.43 -26.22 1.24
C GLU B 625 -28.54 -27.12 0.66
N MET B 626 -28.52 -28.41 1.01
CA MET B 626 -29.70 -29.25 0.76
C MET B 626 -30.95 -28.64 1.43
N GLY B 627 -30.73 -27.97 2.55
CA GLY B 627 -31.80 -27.28 3.21
C GLY B 627 -32.34 -26.12 2.40
N ILE B 628 -31.48 -25.53 1.56
CA ILE B 628 -31.94 -24.40 0.77
C ILE B 628 -32.62 -24.85 -0.51
N LYS B 629 -31.90 -25.57 -1.36
CA LYS B 629 -32.44 -26.01 -2.65
C LYS B 629 -33.77 -26.74 -2.49
N GLU B 630 -33.76 -27.82 -1.70
CA GLU B 630 -34.93 -28.66 -1.53
C GLU B 630 -35.96 -28.10 -0.55
N ASN B 631 -35.77 -26.83 -0.16
CA ASN B 631 -36.66 -26.12 0.75
C ASN B 631 -37.09 -27.01 1.89
N ASN B 632 -36.20 -27.20 2.86
CA ASN B 632 -36.39 -28.19 3.92
C ASN B 632 -36.05 -27.64 5.30
N ALA B 633 -37.06 -27.32 6.10
CA ALA B 633 -36.83 -26.73 7.43
C ALA B 633 -35.98 -27.62 8.32
N ARG B 634 -36.34 -28.89 8.36
CA ARG B 634 -35.66 -29.89 9.18
C ARG B 634 -34.17 -29.76 9.03
N THR B 635 -33.72 -29.96 7.80
CA THR B 635 -32.32 -29.85 7.43
C THR B 635 -31.62 -28.63 7.99
N LYS B 636 -32.24 -27.47 7.77
CA LYS B 636 -31.66 -26.20 8.23
C LYS B 636 -31.38 -26.24 9.73
N LEU B 637 -32.32 -26.82 10.49
CA LEU B 637 -32.14 -26.99 11.92
C LEU B 637 -30.98 -27.93 12.19
N LEU B 638 -30.90 -29.03 11.44
CA LEU B 638 -29.78 -29.96 11.61
C LEU B 638 -28.46 -29.22 11.34
N ALA B 639 -28.47 -28.33 10.36
CA ALA B 639 -27.30 -27.48 10.12
C ALA B 639 -27.06 -26.53 11.28
N LYS B 640 -28.03 -25.65 11.53
CA LYS B 640 -27.98 -24.64 12.60
C LYS B 640 -27.51 -25.20 13.94
N THR B 641 -27.87 -26.45 14.22
CA THR B 641 -27.59 -27.07 15.51
C THR B 641 -26.24 -27.75 15.51
N LEU B 642 -25.96 -28.51 14.45
CA LEU B 642 -24.63 -29.07 14.24
C LEU B 642 -23.60 -27.94 14.21
N ASP B 643 -24.05 -26.75 13.84
CA ASP B 643 -23.27 -25.54 14.02
C ASP B 643 -22.90 -25.37 15.49
N GLU B 644 -23.95 -25.26 16.31
CA GLU B 644 -23.82 -24.90 17.70
C GLU B 644 -22.97 -25.94 18.44
N ALA B 645 -23.24 -27.21 18.13
CA ALA B 645 -22.55 -28.31 18.78
C ALA B 645 -21.03 -28.28 18.53
N THR B 646 -20.65 -28.09 17.26
CA THR B 646 -19.24 -28.15 16.89
C THR B 646 -18.44 -27.05 17.57
N GLY B 647 -19.06 -25.88 17.74
CA GLY B 647 -18.45 -24.81 18.51
C GLY B 647 -18.16 -25.33 19.89
N LYS B 648 -19.20 -25.89 20.52
CA LYS B 648 -19.12 -26.44 21.87
C LYS B 648 -18.07 -27.55 21.99
N LEU B 649 -18.01 -28.41 20.98
CA LEU B 649 -16.99 -29.44 20.98
C LEU B 649 -15.61 -28.77 20.98
N LEU B 650 -15.53 -27.60 20.36
CA LEU B 650 -14.26 -26.89 20.30
C LEU B 650 -13.98 -26.13 21.59
N ASP B 651 -15.01 -25.47 22.12
CA ASP B 651 -14.90 -24.78 23.40
C ASP B 651 -14.49 -25.76 24.51
N ASN B 652 -15.01 -26.98 24.46
CA ASN B 652 -14.82 -27.92 25.56
C ASN B 652 -13.69 -28.92 25.31
N ASP B 653 -12.78 -28.59 24.40
CA ASP B 653 -11.55 -29.35 24.21
C ASP B 653 -11.80 -30.81 23.90
N LYS B 654 -12.90 -31.10 23.24
CA LYS B 654 -13.30 -32.50 23.09
C LYS B 654 -12.85 -33.13 21.75
N SER B 655 -12.00 -32.43 21.01
CA SER B 655 -11.38 -33.00 19.81
C SER B 655 -10.36 -34.06 20.25
N PRO B 656 -10.00 -35.03 19.40
CA PRO B 656 -9.19 -36.15 19.92
C PRO B 656 -7.81 -35.75 20.40
N SER B 657 -7.27 -36.52 21.33
CA SER B 657 -5.90 -36.29 21.76
C SER B 657 -4.96 -37.16 20.99
N ARG B 658 -3.69 -36.77 20.97
CA ARG B 658 -2.69 -37.58 20.30
C ARG B 658 -1.88 -38.25 21.40
N ARG B 659 -2.51 -39.20 22.10
CA ARG B 659 -1.82 -39.85 23.21
C ARG B 659 -2.04 -41.35 23.48
N THR B 660 -3.29 -41.81 23.60
CA THR B 660 -3.47 -43.25 23.94
C THR B 660 -3.78 -43.40 25.41
N GLY B 661 -5.04 -43.66 25.69
CA GLY B 661 -5.55 -43.61 27.04
C GLY B 661 -6.59 -42.52 26.96
N GLU B 662 -6.14 -41.35 26.53
CA GLU B 662 -7.03 -40.20 26.42
C GLU B 662 -8.10 -40.36 25.31
N LEU B 663 -8.88 -39.31 25.12
CA LEU B 663 -9.99 -39.34 24.19
C LEU B 663 -9.46 -39.48 22.76
N ASP B 664 -10.00 -40.40 21.97
CA ASP B 664 -9.63 -40.41 20.57
C ASP B 664 -10.80 -40.06 19.67
N ASN B 665 -10.72 -40.49 18.42
CA ASN B 665 -11.68 -40.08 17.41
C ASN B 665 -13.11 -40.41 17.83
N ARG B 666 -13.28 -41.58 18.44
CA ARG B 666 -14.58 -42.06 18.84
C ARG B 666 -15.21 -41.16 19.91
N GLY B 667 -14.47 -40.88 20.97
CA GLY B 667 -14.94 -40.00 22.01
C GLY B 667 -15.30 -38.62 21.47
N SER B 668 -14.62 -38.19 20.44
CA SER B 668 -14.94 -36.89 19.89
C SER B 668 -16.28 -36.97 19.17
N HIS B 669 -16.59 -38.14 18.62
CA HIS B 669 -17.86 -38.36 17.94
C HIS B 669 -18.96 -38.36 18.97
N PHE B 670 -18.69 -39.06 20.06
CA PHE B 670 -19.63 -39.10 21.16
C PHE B 670 -20.01 -37.68 21.59
N TYR B 671 -19.02 -36.87 21.94
CA TYR B 671 -19.32 -35.54 22.44
C TYR B 671 -20.03 -34.71 21.38
N LEU B 672 -19.74 -35.01 20.13
CA LEU B 672 -20.42 -34.31 19.06
C LEU B 672 -21.87 -34.76 19.06
N SER B 673 -22.07 -36.09 19.14
CA SER B 673 -23.42 -36.64 19.24
C SER B 673 -24.15 -35.99 20.44
N LEU B 674 -23.44 -35.85 21.57
CA LEU B 674 -24.03 -35.25 22.77
C LEU B 674 -24.46 -33.78 22.59
N TYR B 675 -23.51 -32.89 22.30
CA TYR B 675 -23.84 -31.48 22.14
C TYR B 675 -24.83 -31.24 21.02
N TRP B 676 -24.85 -32.11 20.02
CA TRP B 676 -25.82 -31.97 18.94
C TRP B 676 -27.21 -32.37 19.37
N ALA B 677 -27.33 -33.55 19.96
CA ALA B 677 -28.60 -34.02 20.51
C ALA B 677 -29.16 -33.01 21.48
N GLU B 678 -28.31 -32.55 22.39
CA GLU B 678 -28.67 -31.53 23.36
C GLU B 678 -29.22 -30.28 22.69
N ALA B 679 -28.58 -29.86 21.60
CA ALA B 679 -28.98 -28.63 20.91
C ALA B 679 -30.35 -28.80 20.25
N LEU B 680 -30.59 -30.00 19.74
CA LEU B 680 -31.85 -30.33 19.08
C LEU B 680 -32.96 -30.56 20.09
N ALA B 681 -32.55 -30.74 21.34
CA ALA B 681 -33.49 -30.90 22.43
C ALA B 681 -33.86 -29.53 22.99
N ALA B 682 -32.87 -28.67 23.15
CA ALA B 682 -33.09 -27.34 23.74
C ALA B 682 -33.66 -26.34 22.73
N GLN B 683 -33.56 -26.64 21.43
CA GLN B 683 -34.07 -25.74 20.39
C GLN B 683 -35.59 -25.62 20.47
N ASN B 684 -36.14 -24.55 19.90
CA ASN B 684 -37.60 -24.34 19.95
C ASN B 684 -38.22 -23.96 18.61
N GLU B 685 -37.66 -24.48 17.52
CA GLU B 685 -38.14 -24.17 16.19
C GLU B 685 -39.06 -25.28 15.65
N ASP B 686 -38.65 -26.52 15.87
CA ASP B 686 -39.46 -27.67 15.46
C ASP B 686 -39.79 -28.57 16.65
N ALA B 687 -41.02 -28.47 17.13
CA ALA B 687 -41.49 -29.22 18.27
C ALA B 687 -41.41 -30.72 18.00
N GLU B 688 -41.76 -31.11 16.78
CA GLU B 688 -41.77 -32.51 16.38
C GLU B 688 -40.37 -33.13 16.35
N LEU B 689 -39.36 -32.27 16.19
CA LEU B 689 -37.97 -32.74 16.24
C LEU B 689 -37.52 -32.98 17.67
N LYS B 690 -37.74 -31.97 18.54
CA LYS B 690 -37.53 -32.08 19.99
C LYS B 690 -37.97 -33.41 20.55
N ALA B 691 -39.22 -33.75 20.27
CA ALA B 691 -39.82 -34.96 20.73
C ALA B 691 -38.96 -36.15 20.39
N LYS B 692 -38.46 -36.20 19.15
CA LYS B 692 -37.66 -37.34 18.72
C LYS B 692 -36.30 -37.29 19.38
N PHE B 693 -35.74 -36.10 19.56
CA PHE B 693 -34.36 -35.98 20.01
C PHE B 693 -34.16 -35.86 21.54
N ALA B 694 -35.11 -35.26 22.26
CA ALA B 694 -35.02 -35.14 23.71
C ALA B 694 -34.67 -36.46 24.46
N PRO B 695 -35.26 -37.61 24.08
CA PRO B 695 -34.84 -38.82 24.80
C PRO B 695 -33.38 -39.20 24.56
N LEU B 696 -32.89 -39.04 23.33
CA LEU B 696 -31.49 -39.29 23.02
C LEU B 696 -30.59 -38.34 23.80
N ALA B 697 -30.97 -37.07 23.82
CA ALA B 697 -30.19 -36.07 24.55
C ALA B 697 -30.04 -36.45 26.02
N LYS B 698 -31.04 -37.14 26.58
CA LYS B 698 -31.01 -37.47 27.99
C LYS B 698 -30.18 -38.74 28.20
N ALA B 699 -30.31 -39.70 27.28
CA ALA B 699 -29.56 -40.94 27.36
C ALA B 699 -28.07 -40.70 27.28
N LEU B 700 -27.69 -39.73 26.45
CA LEU B 700 -26.27 -39.39 26.23
C LEU B 700 -25.71 -38.56 27.38
N ALA B 701 -26.45 -37.54 27.79
CA ALA B 701 -26.09 -36.76 28.95
C ALA B 701 -25.90 -37.70 30.16
N GLU B 702 -26.93 -38.47 30.49
CA GLU B 702 -26.89 -39.37 31.64
C GLU B 702 -25.72 -40.36 31.64
N ASN B 703 -25.52 -41.12 30.57
CA ASN B 703 -24.41 -42.05 30.55
C ASN B 703 -23.11 -41.49 29.98
N GLU B 704 -22.98 -40.16 29.91
CA GLU B 704 -21.77 -39.54 29.37
C GLU B 704 -20.50 -40.25 29.82
N GLN B 705 -20.28 -40.30 31.13
CA GLN B 705 -19.05 -40.88 31.65
C GLN B 705 -19.04 -42.39 31.60
N LYS B 706 -20.19 -43.03 31.71
CA LYS B 706 -20.21 -44.50 31.60
C LYS B 706 -19.69 -44.87 30.19
N ILE B 707 -19.97 -44.00 29.22
CA ILE B 707 -19.62 -44.28 27.82
C ILE B 707 -18.16 -44.01 27.56
N VAL B 708 -17.70 -42.83 27.96
CA VAL B 708 -16.30 -42.45 27.79
C VAL B 708 -15.40 -43.49 28.45
N ALA B 709 -15.87 -44.03 29.56
CA ALA B 709 -15.21 -45.13 30.23
C ALA B 709 -15.17 -46.36 29.33
N GLU B 710 -16.31 -46.64 28.68
CA GLU B 710 -16.45 -47.84 27.85
C GLU B 710 -15.52 -47.75 26.67
N LEU B 711 -15.34 -46.50 26.21
CA LEU B 711 -14.42 -46.16 25.16
C LEU B 711 -12.96 -46.24 25.64
N ALA B 712 -12.63 -45.61 26.77
CA ALA B 712 -11.27 -45.67 27.31
C ALA B 712 -10.81 -47.11 27.58
N GLN B 713 -11.71 -47.90 28.13
CA GLN B 713 -11.49 -49.32 28.39
C GLN B 713 -10.73 -50.10 27.28
N VAL B 714 -10.98 -49.78 26.01
CA VAL B 714 -10.45 -50.60 24.91
C VAL B 714 -9.01 -50.27 24.52
N GLN B 715 -8.55 -49.08 24.88
CA GLN B 715 -7.23 -48.59 24.49
C GLN B 715 -6.06 -49.30 25.19
N GLY B 716 -4.87 -49.09 24.67
CA GLY B 716 -3.69 -49.71 25.22
C GLY B 716 -3.50 -51.17 24.85
N LYS B 717 -4.38 -51.70 24.00
CA LYS B 717 -4.13 -53.02 23.42
C LYS B 717 -4.24 -52.92 21.90
N PRO B 718 -3.85 -53.99 21.18
CA PRO B 718 -4.00 -53.89 19.74
C PRO B 718 -5.44 -53.86 19.28
N ALA B 719 -5.64 -53.95 17.97
CA ALA B 719 -6.95 -53.94 17.38
C ALA B 719 -6.83 -54.56 16.01
N ASP B 720 -7.43 -55.71 15.80
CA ASP B 720 -7.38 -56.35 14.48
C ASP B 720 -8.46 -55.82 13.52
N ILE B 721 -8.03 -55.09 12.48
CA ILE B 721 -9.01 -54.56 11.53
C ILE B 721 -9.07 -55.33 10.20
N GLY B 722 -8.66 -56.60 10.19
CA GLY B 722 -8.80 -57.43 9.01
C GLY B 722 -8.25 -56.89 7.69
N GLY B 723 -7.18 -56.10 7.76
CA GLY B 723 -6.53 -55.65 6.55
C GLY B 723 -5.89 -54.29 6.70
N TYR B 724 -5.49 -53.71 5.57
CA TYR B 724 -4.98 -52.35 5.54
C TYR B 724 -5.52 -51.63 4.31
N TYR B 725 -5.15 -52.11 3.14
CA TYR B 725 -5.70 -51.51 1.93
C TYR B 725 -7.05 -52.14 1.67
N ALA B 726 -7.31 -53.26 2.35
CA ALA B 726 -8.52 -54.04 2.17
C ALA B 726 -9.14 -54.42 3.52
N VAL B 727 -9.57 -53.43 4.29
CA VAL B 727 -10.04 -53.69 5.66
C VAL B 727 -11.24 -54.61 5.71
N ASP B 728 -11.49 -55.18 6.90
CA ASP B 728 -12.68 -55.97 7.18
C ASP B 728 -13.78 -55.14 7.85
N PRO B 729 -14.93 -55.02 7.16
CA PRO B 729 -16.03 -54.17 7.64
C PRO B 729 -16.63 -54.65 8.97
N ALA B 730 -16.70 -55.96 9.20
CA ALA B 730 -17.15 -56.48 10.48
C ALA B 730 -16.15 -56.10 11.57
N LYS B 731 -14.93 -56.60 11.43
CA LYS B 731 -13.87 -56.31 12.38
C LYS B 731 -13.77 -54.81 12.62
N VAL B 732 -13.78 -54.00 11.57
CA VAL B 732 -13.58 -52.56 11.76
C VAL B 732 -14.75 -51.91 12.51
N SER B 733 -15.98 -52.27 12.16
CA SER B 733 -17.14 -51.73 12.84
C SER B 733 -17.15 -52.13 14.33
N ALA B 734 -16.64 -53.33 14.62
CA ALA B 734 -16.41 -53.72 16.01
C ALA B 734 -15.49 -52.70 16.70
N VAL B 735 -14.23 -52.67 16.28
CA VAL B 735 -13.23 -51.77 16.85
C VAL B 735 -13.64 -50.30 16.93
N MET B 736 -14.36 -49.81 15.92
CA MET B 736 -14.63 -48.37 15.89
C MET B 736 -15.93 -48.01 16.61
N ARG B 737 -16.76 -49.02 16.85
CA ARG B 737 -17.99 -48.82 17.61
C ARG B 737 -18.13 -49.81 18.78
N PRO B 738 -17.20 -49.73 19.75
CA PRO B 738 -17.02 -50.75 20.78
C PRO B 738 -17.84 -50.52 22.07
N SER B 739 -18.20 -49.28 22.38
CA SER B 739 -19.04 -48.98 23.54
C SER B 739 -20.44 -49.54 23.48
N ALA B 740 -20.78 -50.45 24.40
CA ALA B 740 -22.12 -51.03 24.38
C ALA B 740 -23.19 -49.99 24.72
N THR B 741 -22.93 -49.15 25.71
CA THR B 741 -23.92 -48.17 26.15
C THR B 741 -24.21 -47.17 25.02
N PHE B 742 -23.17 -46.72 24.32
CA PHE B 742 -23.33 -45.70 23.28
C PHE B 742 -24.14 -46.22 22.10
N ASN B 743 -23.86 -47.44 21.68
CA ASN B 743 -24.55 -48.03 20.55
C ASN B 743 -26.02 -48.16 20.86
N ALA B 744 -26.30 -48.45 22.13
CA ALA B 744 -27.66 -48.55 22.60
C ALA B 744 -28.39 -47.23 22.48
N ALA B 745 -27.76 -46.16 22.96
CA ALA B 745 -28.37 -44.84 22.94
C ALA B 745 -28.86 -44.43 21.56
N LEU B 746 -28.14 -44.80 20.51
CA LEU B 746 -28.53 -44.45 19.15
C LEU B 746 -29.77 -45.20 18.69
N SER B 747 -29.92 -46.44 19.16
CA SER B 747 -31.01 -47.31 18.70
C SER B 747 -32.40 -46.87 19.20
N THR B 748 -32.45 -45.75 19.92
CA THR B 748 -33.72 -45.24 20.40
C THR B 748 -34.34 -44.27 19.37
N VAL B 749 -34.40 -42.98 19.72
CA VAL B 749 -34.96 -41.93 18.87
C VAL B 749 -36.34 -42.29 18.26
N GLN B 750 -37.41 -42.07 19.04
CA GLN B 750 -38.77 -42.25 18.54
C GLN B 750 -39.63 -41.03 18.87
P PO4 C . 22.01 20.21 20.81
O1 PO4 C . 23.51 20.21 21.10
O2 PO4 C . 21.32 19.27 21.77
O3 PO4 C . 21.71 19.72 19.42
O4 PO4 C . 21.50 21.64 20.94
MG MG D . 5.16 24.03 2.31
P PO4 E . 21.84 -28.87 0.08
O1 PO4 E . 22.77 -29.71 0.96
O2 PO4 E . 20.85 -28.11 0.95
O3 PO4 E . 22.58 -27.88 -0.78
O4 PO4 E . 21.10 -29.85 -0.79
MG MG F . -2.76 -24.89 -1.56
#